data_1OHZ
# 
_entry.id   1OHZ 
# 
_audit_conform.dict_name       mmcif_pdbx.dic 
_audit_conform.dict_version    5.382 
_audit_conform.dict_location   http://mmcif.pdb.org/dictionaries/ascii/mmcif_pdbx.dic 
# 
loop_
_database_2.database_id 
_database_2.database_code 
_database_2.pdbx_database_accession 
_database_2.pdbx_DOI 
PDB   1OHZ         pdb_00001ohz 10.2210/pdb1ohz/pdb 
PDBE  EBI-12841    ?            ?                   
WWPDB D_1290012841 ?            ?                   
# 
loop_
_pdbx_database_related.db_name 
_pdbx_database_related.db_id 
_pdbx_database_related.content_type 
_pdbx_database_related.details 
PDB 1ANU unspecified 'COHESIN-2 DOMAIN OF THE CELLULOSOME FROM CLOSTRIDIUM THERMOCELLUM' 
PDB 1AOH unspecified 'SINGLE COHESIN DOMAIN FROM THE SCAFFOLDING PROTEIN CIPA OFTHE CLOSTRIDIUM THERMOCELLUM CELLULOSOME' 
PDB 1NBC unspecified 'BACTERIAL TYPE 3A CELLULOSE-BINDING DOMAIN' 
PDB 1DYO unspecified 'XYLAN-BINDING DOMAIN FROM CBM 22, FORMALLY X6B DOMAIN' 
PDB 1GKK unspecified 'FERULOYL ESTERASE DOMAIN OF XYNY FROM CLOSTRIDIUM THERMOCELLUM' 
PDB 1GKL unspecified 'S954A MUTANT OF THE FERULOYL ESTERASE MODULE FROM CLOSTRIDIUM THERMOCELLUM COMPLEXED WITH FERULIC ACID' 
PDB 1H6X unspecified 
;THE ROLE OF CONSERVED AMONI ACIDS IN THE CLEFT OF THE C-TERMINAL FAMILY 22 CARBOHYDRATE BINDING MODULE OF CLOSTRIDIUM THERMOCELLUM XYN10B IN LIGAND BINDING
;
PDB 1H6Y unspecified 
;THE ROLE OF CONSERVED AMONI ACIDS IN THE CLEFT OF THE C-TERMINAL FAMILY 22 CARBOHYDRATE BINDING MODULE OF CLOSTRIDIUM THERMOCELLUM XYN10B IN LIGAND BINDING
;
# 
_pdbx_database_status.status_code                     REL 
_pdbx_database_status.entry_id                        1OHZ 
_pdbx_database_status.deposit_site                    PDBE 
_pdbx_database_status.process_site                    PDBE 
_pdbx_database_status.SG_entry                        . 
_pdbx_database_status.recvd_initial_deposition_date   2003-06-04 
_pdbx_database_status.pdb_format_compatible           Y 
_pdbx_database_status.status_code_sf                  REL 
_pdbx_database_status.status_code_mr                  ? 
_pdbx_database_status.status_code_cs                  ? 
_pdbx_database_status.methods_development_category    ? 
_pdbx_database_status.status_code_nmr_data            ? 
# 
loop_
_audit_author.name 
_audit_author.pdbx_ordinal 
'Carvalho, A.L.'   1 
'Dias, F.M.V.'     2 
'Prates, J.A.M.'   3 
'Ferreira, L.M.A.' 4 
'Gilbert, H.J.'    5 
'Davies, G.J.'     6 
'Romao, M.J.'      7 
'Fontes, C.M.G.A.' 8 
# 
_citation.id                        primary 
_citation.title                     'Cellulosome Assembly Revealed by the Crystal Structure of the Cohesin-Dockerin Complex' 
_citation.journal_abbrev            Proc.Natl.Acad.Sci.USA 
_citation.journal_volume            100 
_citation.page_first                13809 
_citation.page_last                 ? 
_citation.year                      2003 
_citation.journal_id_ASTM           PNASA6 
_citation.country                   US 
_citation.journal_id_ISSN           0027-8424 
_citation.journal_id_CSD            0040 
_citation.book_publisher            ? 
_citation.pdbx_database_id_PubMed   14623971 
_citation.pdbx_database_id_DOI      10.1073/PNAS.1936124100 
# 
loop_
_citation_author.citation_id 
_citation_author.name 
_citation_author.ordinal 
_citation_author.identifier_ORCID 
primary 'Carvalho, A.L.'   1 ? 
primary 'Dias, F.M.V.'     2 ? 
primary 'Prates, J.A.M.'   3 ? 
primary 'Ferreira, L.M.A.' 4 ? 
primary 'Gilbert, H.J.'    5 ? 
primary 'Davies, G.J.'     6 ? 
primary 'Romao, M.J.'      7 ? 
primary 'Fontes, C.M.G.A.' 8 ? 
# 
_cell.entry_id           1OHZ 
_cell.length_a           97.906 
_cell.length_b           97.906 
_cell.length_c           97.906 
_cell.angle_alpha        90.00 
_cell.angle_beta         90.00 
_cell.angle_gamma        90.00 
_cell.Z_PDB              12 
_cell.pdbx_unique_axis   ? 
# 
_symmetry.entry_id                         1OHZ 
_symmetry.space_group_name_H-M             'P 21 3' 
_symmetry.pdbx_full_space_group_name_H-M   ? 
_symmetry.cell_setting                     ? 
_symmetry.Int_Tables_number                198 
# 
loop_
_entity.id 
_entity.type 
_entity.src_method 
_entity.pdbx_description 
_entity.formula_weight 
_entity.pdbx_number_of_molecules 
_entity.pdbx_ec 
_entity.pdbx_mutation 
_entity.pdbx_fragment 
_entity.details 
1 polymer     man 'CELLULOSOMAL SCAFFOLDING PROTEIN A' 17027.117 1   ?       ? 'RESIDUES 181-340' ? 
2 polymer     man 'ENDO-1,4-BETA-XYLANASE Y'           6515.437  1   3.2.1.8 ? 'RESIDUES 733-791' ? 
3 non-polymer syn 'NITRATE ION'                        62.005    2   ?       ? ?                  ? 
4 non-polymer syn 1,2-ETHANEDIOL                       62.068    1   ?       ? ?                  ? 
5 non-polymer syn 'CALCIUM ION'                        40.078    2   ?       ? ?                  ? 
6 non-polymer syn 'CHLORIDE ION'                       35.453    1   ?       ? ?                  ? 
7 water       nat water                                18.015    115 ?       ? ?                  ? 
# 
loop_
_entity_name_com.entity_id 
_entity_name_com.name 
1 'CELLULOSOMAL GLYCOPROTEIN S1/SL, CELLULOSE INTEGRATING PROTEIN A, COHESIN' 
2 'XYLANASE Y, XYLY, 1,4-BETA-D-XYLAN XYLANOHYDROLASE Y'                      
# 
loop_
_entity_poly.entity_id 
_entity_poly.type 
_entity_poly.nstd_linkage 
_entity_poly.nstd_monomer 
_entity_poly.pdbx_seq_one_letter_code 
_entity_poly.pdbx_seq_one_letter_code_can 
_entity_poly.pdbx_strand_id 
_entity_poly.pdbx_target_identifier 
1 'polypeptide(L)' no no 
;MASDGVVVEIGKVTGSVGTTVEIPVYFRGVPSKGIANCDFVFRYDPNVLEIIGIDPGDIIVDPNPTKSFDTAIYPDRKII
VFLFAEDSGTGAYAITKDGVFAKIRATVKSSAPGYITFDEVGGFADNDLVEQKVSFIDGGVNVGNATPTKGATPTNTATP
TK
;
;MASDGVVVEIGKVTGSVGTTVEIPVYFRGVPSKGIANCDFVFRYDPNVLEIIGIDPGDIIVDPNPTKSFDTAIYPDRKII
VFLFAEDSGTGAYAITKDGVFAKIRATVKSSAPGYITFDEVGGFADNDLVEQKVSFIDGGVNVGNATPTKGATPTNTATP
TK
;
A ? 
2 'polypeptide(L)' no no MGDVNGDGTINSTDLTMLKRSVLRAITLTDDAKARADVDKNGSINSTDVLLLSRYLLRVI 
MGDVNGDGTINSTDLTMLKRSVLRAITLTDDAKARADVDKNGSINSTDVLLLSRYLLRVI B ? 
# 
loop_
_entity_poly_seq.entity_id 
_entity_poly_seq.num 
_entity_poly_seq.mon_id 
_entity_poly_seq.hetero 
1 1   MET n 
1 2   ALA n 
1 3   SER n 
1 4   ASP n 
1 5   GLY n 
1 6   VAL n 
1 7   VAL n 
1 8   VAL n 
1 9   GLU n 
1 10  ILE n 
1 11  GLY n 
1 12  LYS n 
1 13  VAL n 
1 14  THR n 
1 15  GLY n 
1 16  SER n 
1 17  VAL n 
1 18  GLY n 
1 19  THR n 
1 20  THR n 
1 21  VAL n 
1 22  GLU n 
1 23  ILE n 
1 24  PRO n 
1 25  VAL n 
1 26  TYR n 
1 27  PHE n 
1 28  ARG n 
1 29  GLY n 
1 30  VAL n 
1 31  PRO n 
1 32  SER n 
1 33  LYS n 
1 34  GLY n 
1 35  ILE n 
1 36  ALA n 
1 37  ASN n 
1 38  CYS n 
1 39  ASP n 
1 40  PHE n 
1 41  VAL n 
1 42  PHE n 
1 43  ARG n 
1 44  TYR n 
1 45  ASP n 
1 46  PRO n 
1 47  ASN n 
1 48  VAL n 
1 49  LEU n 
1 50  GLU n 
1 51  ILE n 
1 52  ILE n 
1 53  GLY n 
1 54  ILE n 
1 55  ASP n 
1 56  PRO n 
1 57  GLY n 
1 58  ASP n 
1 59  ILE n 
1 60  ILE n 
1 61  VAL n 
1 62  ASP n 
1 63  PRO n 
1 64  ASN n 
1 65  PRO n 
1 66  THR n 
1 67  LYS n 
1 68  SER n 
1 69  PHE n 
1 70  ASP n 
1 71  THR n 
1 72  ALA n 
1 73  ILE n 
1 74  TYR n 
1 75  PRO n 
1 76  ASP n 
1 77  ARG n 
1 78  LYS n 
1 79  ILE n 
1 80  ILE n 
1 81  VAL n 
1 82  PHE n 
1 83  LEU n 
1 84  PHE n 
1 85  ALA n 
1 86  GLU n 
1 87  ASP n 
1 88  SER n 
1 89  GLY n 
1 90  THR n 
1 91  GLY n 
1 92  ALA n 
1 93  TYR n 
1 94  ALA n 
1 95  ILE n 
1 96  THR n 
1 97  LYS n 
1 98  ASP n 
1 99  GLY n 
1 100 VAL n 
1 101 PHE n 
1 102 ALA n 
1 103 LYS n 
1 104 ILE n 
1 105 ARG n 
1 106 ALA n 
1 107 THR n 
1 108 VAL n 
1 109 LYS n 
1 110 SER n 
1 111 SER n 
1 112 ALA n 
1 113 PRO n 
1 114 GLY n 
1 115 TYR n 
1 116 ILE n 
1 117 THR n 
1 118 PHE n 
1 119 ASP n 
1 120 GLU n 
1 121 VAL n 
1 122 GLY n 
1 123 GLY n 
1 124 PHE n 
1 125 ALA n 
1 126 ASP n 
1 127 ASN n 
1 128 ASP n 
1 129 LEU n 
1 130 VAL n 
1 131 GLU n 
1 132 GLN n 
1 133 LYS n 
1 134 VAL n 
1 135 SER n 
1 136 PHE n 
1 137 ILE n 
1 138 ASP n 
1 139 GLY n 
1 140 GLY n 
1 141 VAL n 
1 142 ASN n 
1 143 VAL n 
1 144 GLY n 
1 145 ASN n 
1 146 ALA n 
1 147 THR n 
1 148 PRO n 
1 149 THR n 
1 150 LYS n 
1 151 GLY n 
1 152 ALA n 
1 153 THR n 
1 154 PRO n 
1 155 THR n 
1 156 ASN n 
1 157 THR n 
1 158 ALA n 
1 159 THR n 
1 160 PRO n 
1 161 THR n 
1 162 LYS n 
2 1   MET n 
2 2   GLY n 
2 3   ASP n 
2 4   VAL n 
2 5   ASN n 
2 6   GLY n 
2 7   ASP n 
2 8   GLY n 
2 9   THR n 
2 10  ILE n 
2 11  ASN n 
2 12  SER n 
2 13  THR n 
2 14  ASP n 
2 15  LEU n 
2 16  THR n 
2 17  MET n 
2 18  LEU n 
2 19  LYS n 
2 20  ARG n 
2 21  SER n 
2 22  VAL n 
2 23  LEU n 
2 24  ARG n 
2 25  ALA n 
2 26  ILE n 
2 27  THR n 
2 28  LEU n 
2 29  THR n 
2 30  ASP n 
2 31  ASP n 
2 32  ALA n 
2 33  LYS n 
2 34  ALA n 
2 35  ARG n 
2 36  ALA n 
2 37  ASP n 
2 38  VAL n 
2 39  ASP n 
2 40  LYS n 
2 41  ASN n 
2 42  GLY n 
2 43  SER n 
2 44  ILE n 
2 45  ASN n 
2 46  SER n 
2 47  THR n 
2 48  ASP n 
2 49  VAL n 
2 50  LEU n 
2 51  LEU n 
2 52  LEU n 
2 53  SER n 
2 54  ARG n 
2 55  TYR n 
2 56  LEU n 
2 57  LEU n 
2 58  ARG n 
2 59  VAL n 
2 60  ILE n 
# 
loop_
_entity_src_gen.entity_id 
_entity_src_gen.pdbx_src_id 
_entity_src_gen.pdbx_alt_source_flag 
_entity_src_gen.pdbx_seq_type 
_entity_src_gen.pdbx_beg_seq_num 
_entity_src_gen.pdbx_end_seq_num 
_entity_src_gen.gene_src_common_name 
_entity_src_gen.gene_src_genus 
_entity_src_gen.pdbx_gene_src_gene 
_entity_src_gen.gene_src_species 
_entity_src_gen.gene_src_strain 
_entity_src_gen.gene_src_tissue 
_entity_src_gen.gene_src_tissue_fraction 
_entity_src_gen.gene_src_details 
_entity_src_gen.pdbx_gene_src_fragment 
_entity_src_gen.pdbx_gene_src_scientific_name 
_entity_src_gen.pdbx_gene_src_ncbi_taxonomy_id 
_entity_src_gen.pdbx_gene_src_variant 
_entity_src_gen.pdbx_gene_src_cell_line 
_entity_src_gen.pdbx_gene_src_atcc 
_entity_src_gen.pdbx_gene_src_organ 
_entity_src_gen.pdbx_gene_src_organelle 
_entity_src_gen.pdbx_gene_src_cell 
_entity_src_gen.pdbx_gene_src_cellular_location 
_entity_src_gen.host_org_common_name 
_entity_src_gen.pdbx_host_org_scientific_name 
_entity_src_gen.pdbx_host_org_ncbi_taxonomy_id 
_entity_src_gen.host_org_genus 
_entity_src_gen.pdbx_host_org_gene 
_entity_src_gen.pdbx_host_org_organ 
_entity_src_gen.host_org_species 
_entity_src_gen.pdbx_host_org_tissue 
_entity_src_gen.pdbx_host_org_tissue_fraction 
_entity_src_gen.pdbx_host_org_strain 
_entity_src_gen.pdbx_host_org_variant 
_entity_src_gen.pdbx_host_org_cell_line 
_entity_src_gen.pdbx_host_org_atcc 
_entity_src_gen.pdbx_host_org_culture_collection 
_entity_src_gen.pdbx_host_org_cell 
_entity_src_gen.pdbx_host_org_organelle 
_entity_src_gen.pdbx_host_org_cellular_location 
_entity_src_gen.pdbx_host_org_vector_type 
_entity_src_gen.pdbx_host_org_vector 
_entity_src_gen.host_org_details 
_entity_src_gen.expression_system_id 
_entity_src_gen.plasmid_name 
_entity_src_gen.plasmid_details 
_entity_src_gen.pdbx_description 
1 1 sample ? ? ? ? ? ? ? ? ? ? ? ? 'CLOSTRIDIUM THERMOCELLUM' 1515 ? ? ? ? ? ? ? ? 'ESCHERICHIA COLI' 562 ? ? ? ? ? ? ? ? ? ? ? ? 
? ? ? ? ? ? ? ? ? 
2 1 sample ? ? ? ? ? ? ? ? ? ? ? ? 'CLOSTRIDIUM THERMOCELLUM' 1515 ? ? ? ? ? ? ? ? 'ESCHERICHIA COLI' 562 ? ? ? ? ? ? ? ? ? ? ? ? 
? ? ? ? ? ? ? ? ? 
# 
loop_
_struct_ref.id 
_struct_ref.db_name 
_struct_ref.db_code 
_struct_ref.entity_id 
_struct_ref.pdbx_seq_one_letter_code 
_struct_ref.pdbx_align_begin 
_struct_ref.pdbx_db_accession 
_struct_ref.pdbx_db_isoform 
1 PDB 1OHZ       1 ? ? 1OHZ   ? 
2 UNP CIPA_CLOTM 1 ? ? Q06851 ? 
3 PDB 1OHZ       2 ? ? 1OHZ   ? 
4 UNP XYNY_CLOTM 2 ? ? P51584 ? 
# 
loop_
_struct_ref_seq.align_id 
_struct_ref_seq.ref_id 
_struct_ref_seq.pdbx_PDB_id_code 
_struct_ref_seq.pdbx_strand_id 
_struct_ref_seq.seq_align_beg 
_struct_ref_seq.pdbx_seq_align_beg_ins_code 
_struct_ref_seq.seq_align_end 
_struct_ref_seq.pdbx_seq_align_end_ins_code 
_struct_ref_seq.pdbx_db_accession 
_struct_ref_seq.db_align_beg 
_struct_ref_seq.pdbx_db_align_beg_ins_code 
_struct_ref_seq.db_align_end 
_struct_ref_seq.pdbx_db_align_end_ins_code 
_struct_ref_seq.pdbx_auth_seq_align_beg 
_struct_ref_seq.pdbx_auth_seq_align_end 
1 1 1OHZ A 1 ? 2   ? 1OHZ   1   ? 2   ? 1 2   
2 2 1OHZ A 3 ? 162 ? Q06851 181 ? 340 ? 3 162 
3 3 1OHZ B 1 ? 1   ? 1OHZ   0   ? 0   ? 0 0   
4 4 1OHZ B 2 ? 60  ? P51584 733 ? 791 ? 1 59  
# 
loop_
_chem_comp.id 
_chem_comp.type 
_chem_comp.mon_nstd_flag 
_chem_comp.name 
_chem_comp.pdbx_synonyms 
_chem_comp.formula 
_chem_comp.formula_weight 
ALA 'L-peptide linking' y ALANINE         ?                 'C3 H7 N O2'     89.093  
ARG 'L-peptide linking' y ARGININE        ?                 'C6 H15 N4 O2 1' 175.209 
ASN 'L-peptide linking' y ASPARAGINE      ?                 'C4 H8 N2 O3'    132.118 
ASP 'L-peptide linking' y 'ASPARTIC ACID' ?                 'C4 H7 N O4'     133.103 
CA  non-polymer         . 'CALCIUM ION'   ?                 'Ca 2'           40.078  
CL  non-polymer         . 'CHLORIDE ION'  ?                 'Cl -1'          35.453  
CYS 'L-peptide linking' y CYSTEINE        ?                 'C3 H7 N O2 S'   121.158 
EDO non-polymer         . 1,2-ETHANEDIOL  'ETHYLENE GLYCOL' 'C2 H6 O2'       62.068  
GLN 'L-peptide linking' y GLUTAMINE       ?                 'C5 H10 N2 O3'   146.144 
GLU 'L-peptide linking' y 'GLUTAMIC ACID' ?                 'C5 H9 N O4'     147.129 
GLY 'peptide linking'   y GLYCINE         ?                 'C2 H5 N O2'     75.067  
HOH non-polymer         . WATER           ?                 'H2 O'           18.015  
ILE 'L-peptide linking' y ISOLEUCINE      ?                 'C6 H13 N O2'    131.173 
LEU 'L-peptide linking' y LEUCINE         ?                 'C6 H13 N O2'    131.173 
LYS 'L-peptide linking' y LYSINE          ?                 'C6 H15 N2 O2 1' 147.195 
MET 'L-peptide linking' y METHIONINE      ?                 'C5 H11 N O2 S'  149.211 
NO3 non-polymer         . 'NITRATE ION'   ?                 'N O3 -1'        62.005  
PHE 'L-peptide linking' y PHENYLALANINE   ?                 'C9 H11 N O2'    165.189 
PRO 'L-peptide linking' y PROLINE         ?                 'C5 H9 N O2'     115.130 
SER 'L-peptide linking' y SERINE          ?                 'C3 H7 N O3'     105.093 
THR 'L-peptide linking' y THREONINE       ?                 'C4 H9 N O3'     119.119 
TYR 'L-peptide linking' y TYROSINE        ?                 'C9 H11 N O3'    181.189 
VAL 'L-peptide linking' y VALINE          ?                 'C5 H11 N O2'    117.146 
# 
_exptl.entry_id          1OHZ 
_exptl.method            'X-RAY DIFFRACTION' 
_exptl.crystals_number   1 
# 
_exptl_crystal.id                    1 
_exptl_crystal.density_meas          ? 
_exptl_crystal.density_Matthews      3.32 
_exptl_crystal.density_percent_sol   62.97 
_exptl_crystal.description           ? 
# 
_exptl_crystal_grow.crystal_id      1 
_exptl_crystal_grow.method          ? 
_exptl_crystal_grow.temp            ? 
_exptl_crystal_grow.temp_details    ? 
_exptl_crystal_grow.pH              7.00 
_exptl_crystal_grow.pdbx_pH_range   ? 
_exptl_crystal_grow.pdbx_details    'pH 7.00' 
# 
_diffrn.id                     1 
_diffrn.ambient_temp           110.0 
_diffrn.ambient_temp_details   ? 
_diffrn.crystal_id             1 
# 
_diffrn_radiation.diffrn_id                        1 
_diffrn_radiation.wavelength_id                    1 
_diffrn_radiation.pdbx_monochromatic_or_laue_m_l   M 
_diffrn_radiation.monochromator                    ? 
_diffrn_radiation.pdbx_diffrn_protocol             'SINGLE WAVELENGTH' 
_diffrn_radiation.pdbx_scattering_type             x-ray 
# 
_diffrn_radiation_wavelength.id           1 
_diffrn_radiation_wavelength.wavelength   0.976288 
_diffrn_radiation_wavelength.wt           1.0 
# 
_diffrn_source.diffrn_id                   1 
_diffrn_source.source                      SYNCHROTRON 
_diffrn_source.type                        'ESRF BEAMLINE BM30A' 
_diffrn_source.pdbx_synchrotron_site       ESRF 
_diffrn_source.pdbx_synchrotron_beamline   BM30A 
_diffrn_source.pdbx_wavelength             0.976288 
_diffrn_source.pdbx_wavelength_list        ? 
# 
_reflns.pdbx_diffrn_id               1 
_reflns.pdbx_ordinal                 1 
_reflns.entry_id                     1OHZ 
_reflns.observed_criterion_sigma_I   2.000 
_reflns.observed_criterion_sigma_F   ? 
_reflns.d_resolution_low             17.040 
_reflns.d_resolution_high            2.201 
_reflns.number_obs                   16170 
_reflns.number_all                   ? 
_reflns.percent_possible_obs         99.8 
_reflns.pdbx_Rmerge_I_obs            0.07200 
_reflns.pdbx_Rsym_value              ? 
_reflns.pdbx_netI_over_sigmaI        6.9000 
_reflns.B_iso_Wilson_estimate        ? 
_reflns.pdbx_redundancy              11.900 
# 
_reflns_shell.pdbx_diffrn_id         1 
_reflns_shell.pdbx_ordinal           1 
_reflns_shell.d_res_high             2.20 
_reflns_shell.d_res_low              2.32 
_reflns_shell.percent_possible_all   99.8 
_reflns_shell.Rmerge_I_obs           0.30900 
_reflns_shell.pdbx_Rsym_value        ? 
_reflns_shell.meanI_over_sigI_obs    1.900 
_reflns_shell.pdbx_redundancy        12.00 
# 
_refine.pdbx_refine_id                           'X-RAY DIFFRACTION' 
_refine.entry_id                                 1OHZ 
_refine.pdbx_diffrn_id                           1 
_refine.pdbx_TLS_residual_ADP_flag               ? 
_refine.ls_number_reflns_obs                     15291 
_refine.ls_number_reflns_all                     ? 
_refine.pdbx_ls_sigma_I                          ? 
_refine.pdbx_ls_sigma_F                          ? 
_refine.pdbx_data_cutoff_high_absF               ? 
_refine.pdbx_data_cutoff_low_absF                ? 
_refine.pdbx_data_cutoff_high_rms_absF           ? 
_refine.ls_d_res_low                             17 
_refine.ls_d_res_high                            2.2 
_refine.ls_percent_reflns_obs                    100 
_refine.ls_R_factor_obs                          0.21132 
_refine.ls_R_factor_all                          ? 
_refine.ls_R_factor_R_work                       0.20974 
_refine.ls_R_factor_R_free                       0.24175 
_refine.ls_R_factor_R_free_error                 ? 
_refine.ls_R_factor_R_free_error_details         ? 
_refine.ls_percent_reflns_R_free                 5.0 
_refine.ls_number_reflns_R_free                  810 
_refine.ls_number_parameters                     ? 
_refine.ls_number_restraints                     ? 
_refine.occupancy_min                            ? 
_refine.occupancy_max                            ? 
_refine.correlation_coeff_Fo_to_Fc               ? 
_refine.correlation_coeff_Fo_to_Fc_free          ? 
_refine.B_iso_mean                               ? 
_refine.aniso_B[1][1]                            ? 
_refine.aniso_B[2][2]                            ? 
_refine.aniso_B[3][3]                            ? 
_refine.aniso_B[1][2]                            ? 
_refine.aniso_B[1][3]                            ? 
_refine.aniso_B[2][3]                            ? 
_refine.solvent_model_details                    ? 
_refine.solvent_model_param_ksol                 ? 
_refine.solvent_model_param_bsol                 ? 
_refine.pdbx_solvent_vdw_probe_radii             ? 
_refine.pdbx_solvent_ion_probe_radii             ? 
_refine.pdbx_solvent_shrinkage_radii             ? 
_refine.pdbx_ls_cross_valid_method               THROUGHOUT 
_refine.details                                  ? 
_refine.pdbx_starting_model                      'PDB ENTRY 1ANU' 
_refine.pdbx_method_to_determine_struct          'MOLECULAR REPLACEMENT' 
_refine.pdbx_isotropic_thermal_model             ? 
_refine.pdbx_stereochemistry_target_values       ? 
_refine.pdbx_stereochem_target_val_spec_case     ? 
_refine.pdbx_R_Free_selection_details            RANDOM 
_refine.pdbx_overall_ESU_R                       ? 
_refine.pdbx_overall_ESU_R_Free                  ? 
_refine.overall_SU_ML                            ? 
_refine.pdbx_overall_phase_error                 ? 
_refine.overall_SU_B                             ? 
_refine.overall_SU_R_Cruickshank_DPI             ? 
_refine.pdbx_overall_SU_R_free_Cruickshank_DPI   ? 
_refine.pdbx_overall_SU_R_Blow_DPI               ? 
_refine.pdbx_overall_SU_R_free_Blow_DPI          ? 
# 
_refine_hist.pdbx_refine_id                   'X-RAY DIFFRACTION' 
_refine_hist.cycle_id                         LAST 
_refine_hist.pdbx_number_atoms_protein        1443 
_refine_hist.pdbx_number_atoms_nucleic_acid   0 
_refine_hist.pdbx_number_atoms_ligand         15 
_refine_hist.number_atoms_solvent             115 
_refine_hist.number_atoms_total               1573 
_refine_hist.d_res_high                       2.2 
_refine_hist.d_res_low                        17 
# 
_struct.entry_id                  1OHZ 
_struct.title                     'Cohesin-Dockerin complex from the cellulosome of Clostridium thermocellum' 
_struct.pdbx_model_details        ? 
_struct.pdbx_CASP_flag            ? 
_struct.pdbx_model_type_details   ? 
# 
_struct_keywords.entry_id        1OHZ 
_struct_keywords.pdbx_keywords   'CELL ADHESION' 
_struct_keywords.text            
'CELL ADHESION, COHESIN-DOCKERIN COMPLEX, COHESIN, DOCKERIN, CELLULOSOME, CLOSTRIDIUM THERMOCELLUM, CELLULOSE DEGRADATION' 
# 
loop_
_struct_asym.id 
_struct_asym.pdbx_blank_PDB_chainid_flag 
_struct_asym.pdbx_modified 
_struct_asym.entity_id 
_struct_asym.details 
A N N 1 ? 
B N N 2 ? 
C N N 3 ? 
D N N 3 ? 
E N N 4 ? 
F N N 5 ? 
G N N 5 ? 
H N N 6 ? 
I N N 7 ? 
J N N 7 ? 
# 
_struct_biol.id        1 
_struct_biol.details   'THIS MAY BE THE RESULT OF CRYSTAL PACKING' 
# 
loop_
_struct_conf.conf_type_id 
_struct_conf.id 
_struct_conf.pdbx_PDB_helix_id 
_struct_conf.beg_label_comp_id 
_struct_conf.beg_label_asym_id 
_struct_conf.beg_label_seq_id 
_struct_conf.pdbx_beg_PDB_ins_code 
_struct_conf.end_label_comp_id 
_struct_conf.end_label_asym_id 
_struct_conf.end_label_seq_id 
_struct_conf.pdbx_end_PDB_ins_code 
_struct_conf.beg_auth_comp_id 
_struct_conf.beg_auth_asym_id 
_struct_conf.beg_auth_seq_id 
_struct_conf.end_auth_comp_id 
_struct_conf.end_auth_asym_id 
_struct_conf.end_auth_seq_id 
_struct_conf.pdbx_PDB_helix_class 
_struct_conf.details 
_struct_conf.pdbx_PDB_helix_length 
HELX_P HELX_P1 1 ASN A 64 ? SER A 68 ? ASN A 64 SER A 68 1 ? 5  
HELX_P HELX_P2 2 ASN B 11 ? LEU B 23 ? ASN B 10 LEU B 22 1 ? 13 
HELX_P HELX_P3 3 THR B 29 ? ASP B 37 ? THR B 28 ASP B 36 1 ? 9  
HELX_P HELX_P4 4 ASN B 45 ? LEU B 56 ? ASN B 44 LEU B 55 1 ? 12 
# 
_struct_conf_type.id          HELX_P 
_struct_conf_type.criteria    ? 
_struct_conf_type.reference   ? 
# 
loop_
_struct_conn.id 
_struct_conn.conn_type_id 
_struct_conn.pdbx_leaving_atom_flag 
_struct_conn.pdbx_PDB_id 
_struct_conn.ptnr1_label_asym_id 
_struct_conn.ptnr1_label_comp_id 
_struct_conn.ptnr1_label_seq_id 
_struct_conn.ptnr1_label_atom_id 
_struct_conn.pdbx_ptnr1_label_alt_id 
_struct_conn.pdbx_ptnr1_PDB_ins_code 
_struct_conn.pdbx_ptnr1_standard_comp_id 
_struct_conn.ptnr1_symmetry 
_struct_conn.ptnr2_label_asym_id 
_struct_conn.ptnr2_label_comp_id 
_struct_conn.ptnr2_label_seq_id 
_struct_conn.ptnr2_label_atom_id 
_struct_conn.pdbx_ptnr2_label_alt_id 
_struct_conn.pdbx_ptnr2_PDB_ins_code 
_struct_conn.ptnr1_auth_asym_id 
_struct_conn.ptnr1_auth_comp_id 
_struct_conn.ptnr1_auth_seq_id 
_struct_conn.ptnr2_auth_asym_id 
_struct_conn.ptnr2_auth_comp_id 
_struct_conn.ptnr2_auth_seq_id 
_struct_conn.ptnr2_symmetry 
_struct_conn.pdbx_ptnr3_label_atom_id 
_struct_conn.pdbx_ptnr3_label_seq_id 
_struct_conn.pdbx_ptnr3_label_comp_id 
_struct_conn.pdbx_ptnr3_label_asym_id 
_struct_conn.pdbx_ptnr3_label_alt_id 
_struct_conn.pdbx_ptnr3_PDB_ins_code 
_struct_conn.details 
_struct_conn.pdbx_dist_value 
_struct_conn.pdbx_value_order 
_struct_conn.pdbx_role 
metalc1  metalc ? ? B ASP 3  OD1 ? ? ? 1_555 F CA  . CA ? ? B ASP 2    B CA  1057 1_555 ? ? ? ? ? ? ? 2.326 ? ? 
metalc2  metalc ? ? B ASN 5  OD1 ? ? ? 1_555 F CA  . CA ? ? B ASN 4    B CA  1057 1_555 ? ? ? ? ? ? ? 2.420 ? ? 
metalc3  metalc ? ? B ASP 7  OD1 ? ? ? 1_555 F CA  . CA ? ? B ASP 6    B CA  1057 1_555 ? ? ? ? ? ? ? 2.496 ? ? 
metalc4  metalc ? ? B THR 9  O   ? ? ? 1_555 F CA  . CA ? ? B THR 8    B CA  1057 1_555 ? ? ? ? ? ? ? 2.308 ? ? 
metalc5  metalc ? ? B ASP 14 OD1 ? ? ? 1_555 F CA  . CA ? ? B ASP 13   B CA  1057 1_555 ? ? ? ? ? ? ? 2.711 ? ? 
metalc6  metalc ? ? B ASP 14 OD2 ? ? ? 1_555 F CA  . CA ? ? B ASP 13   B CA  1057 1_555 ? ? ? ? ? ? ? 2.470 ? ? 
metalc7  metalc ? ? B ASP 37 OD1 ? ? ? 1_555 G CA  . CA ? ? B ASP 36   B CA  1058 1_555 ? ? ? ? ? ? ? 2.395 ? ? 
metalc8  metalc ? ? B ASP 39 OD1 ? ? ? 1_555 G CA  . CA ? ? B ASP 38   B CA  1058 1_555 ? ? ? ? ? ? ? 2.382 ? ? 
metalc9  metalc ? ? B ASN 41 OD1 ? ? ? 1_555 G CA  . CA ? ? B ASN 40   B CA  1058 1_555 ? ? ? ? ? ? ? 2.379 ? ? 
metalc10 metalc ? ? B SER 43 O   ? ? ? 1_555 G CA  . CA ? ? B SER 42   B CA  1058 1_555 ? ? ? ? ? ? ? 2.231 ? ? 
metalc11 metalc ? ? B ASP 48 OD2 ? ? ? 1_555 G CA  . CA ? ? B ASP 47   B CA  1058 1_555 ? ? ? ? ? ? ? 2.566 ? ? 
metalc12 metalc ? ? B ASP 48 OD1 ? ? ? 1_555 G CA  . CA ? ? B ASP 47   B CA  1058 1_555 ? ? ? ? ? ? ? 2.595 ? ? 
metalc13 metalc ? ? F CA  .  CA  ? ? ? 1_555 J HOH . O  ? ? B CA  1057 B HOH 2004 1_555 ? ? ? ? ? ? ? 2.526 ? ? 
metalc14 metalc ? ? G CA  .  CA  ? ? ? 1_555 J HOH . O  ? ? B CA  1058 B HOH 2036 1_555 ? ? ? ? ? ? ? 2.404 ? ? 
# 
_struct_conn_type.id          metalc 
_struct_conn_type.criteria    ? 
_struct_conn_type.reference   ? 
# 
loop_
_struct_sheet.id 
_struct_sheet.type 
_struct_sheet.number_strands 
_struct_sheet.details 
AA ? 5 ? 
AB ? 6 ? 
# 
loop_
_struct_sheet_order.sheet_id 
_struct_sheet_order.range_id_1 
_struct_sheet_order.range_id_2 
_struct_sheet_order.offset 
_struct_sheet_order.sense 
AA 1 2 ? anti-parallel 
AA 2 3 ? anti-parallel 
AA 3 4 ? anti-parallel 
AA 4 5 ? parallel      
AB 1 2 ? parallel      
AB 2 3 ? anti-parallel 
AB 3 4 ? anti-parallel 
AB 4 5 ? anti-parallel 
AB 5 6 ? anti-parallel 
# 
loop_
_struct_sheet_range.sheet_id 
_struct_sheet_range.id 
_struct_sheet_range.beg_label_comp_id 
_struct_sheet_range.beg_label_asym_id 
_struct_sheet_range.beg_label_seq_id 
_struct_sheet_range.pdbx_beg_PDB_ins_code 
_struct_sheet_range.end_label_comp_id 
_struct_sheet_range.end_label_asym_id 
_struct_sheet_range.end_label_seq_id 
_struct_sheet_range.pdbx_end_PDB_ins_code 
_struct_sheet_range.beg_auth_comp_id 
_struct_sheet_range.beg_auth_asym_id 
_struct_sheet_range.beg_auth_seq_id 
_struct_sheet_range.end_auth_comp_id 
_struct_sheet_range.end_auth_asym_id 
_struct_sheet_range.end_auth_seq_id 
AA 1 LEU A 49  ? PRO A 56  ? LEU A 49  PRO A 56  
AA 2 GLY A 99  ? VAL A 108 ? GLY A 99  VAL A 108 
AA 3 THR A 20  ? ARG A 28  ? THR A 20  ARG A 28  
AA 4 VAL A 6   ? ILE A 10  ? VAL A 6   ILE A 10  
AA 5 VAL A 134 ? ILE A 137 ? VAL A 134 ILE A 137 
AB 1 LYS A 12  ? VAL A 13  ? LYS A 12  VAL A 13  
AB 2 GLY A 139 ? VAL A 141 ? GLY A 139 VAL A 141 
AB 3 GLY A 114 ? ALA A 125 ? GLY A 114 ALA A 125 
AB 4 ASN A 37  ? ARG A 43  ? ASN A 37  ARG A 43  
AB 5 ILE A 79  ? ALA A 85  ? ILE A 79  ALA A 85  
AB 6 PHE A 69  ? TYR A 74  ? PHE A 69  TYR A 74  
# 
loop_
_pdbx_struct_sheet_hbond.sheet_id 
_pdbx_struct_sheet_hbond.range_id_1 
_pdbx_struct_sheet_hbond.range_id_2 
_pdbx_struct_sheet_hbond.range_1_label_atom_id 
_pdbx_struct_sheet_hbond.range_1_label_comp_id 
_pdbx_struct_sheet_hbond.range_1_label_asym_id 
_pdbx_struct_sheet_hbond.range_1_label_seq_id 
_pdbx_struct_sheet_hbond.range_1_PDB_ins_code 
_pdbx_struct_sheet_hbond.range_1_auth_atom_id 
_pdbx_struct_sheet_hbond.range_1_auth_comp_id 
_pdbx_struct_sheet_hbond.range_1_auth_asym_id 
_pdbx_struct_sheet_hbond.range_1_auth_seq_id 
_pdbx_struct_sheet_hbond.range_2_label_atom_id 
_pdbx_struct_sheet_hbond.range_2_label_comp_id 
_pdbx_struct_sheet_hbond.range_2_label_asym_id 
_pdbx_struct_sheet_hbond.range_2_label_seq_id 
_pdbx_struct_sheet_hbond.range_2_PDB_ins_code 
_pdbx_struct_sheet_hbond.range_2_auth_atom_id 
_pdbx_struct_sheet_hbond.range_2_auth_comp_id 
_pdbx_struct_sheet_hbond.range_2_auth_asym_id 
_pdbx_struct_sheet_hbond.range_2_auth_seq_id 
AA 1 2 N ASP A 55  ? N ASP A 55  O LYS A 103 ? O LYS A 103 
AA 2 3 N ALA A 106 ? N ALA A 106 O VAL A 21  ? O VAL A 21  
AA 3 4 N ARG A 28  ? N ARG A 28  O VAL A 7   ? O VAL A 7   
AA 4 5 N VAL A 8   ? N VAL A 8   O SER A 135 ? O SER A 135 
AB 1 2 N VAL A 13  ? N VAL A 13  O GLY A 140 ? O GLY A 140 
AB 2 3 N VAL A 141 ? N VAL A 141 O GLY A 114 ? O GLY A 114 
AB 3 4 N ALA A 125 ? N ALA A 125 O ASN A 37  ? O ASN A 37  
AB 4 5 N PHE A 42  ? N PHE A 42  O ILE A 80  ? O ILE A 80  
AB 5 6 N LEU A 83  ? N LEU A 83  O ASP A 70  ? O ASP A 70  
# 
loop_
_struct_site.id 
_struct_site.pdbx_evidence_code 
_struct_site.pdbx_auth_asym_id 
_struct_site.pdbx_auth_comp_id 
_struct_site.pdbx_auth_seq_id 
_struct_site.pdbx_auth_ins_code 
_struct_site.pdbx_num_residues 
_struct_site.details 
AC1 Software ? ? ? ? 6 'BINDING SITE FOR RESIDUE NO3 A1145' 
AC2 Software ? ? ? ? 8 'BINDING SITE FOR RESIDUE NO3 A1146' 
AC3 Software ? ? ? ? 6 'BINDING SITE FOR RESIDUE CA B1057'  
AC4 Software ? ? ? ? 6 'BINDING SITE FOR RESIDUE CA B1058'  
AC5 Software ? ? ? ? 2 'BINDING SITE FOR RESIDUE CL B1059'  
AC6 Software ? ? ? ? 3 'BINDING SITE FOR RESIDUE EDO A1147' 
# 
loop_
_struct_site_gen.id 
_struct_site_gen.site_id 
_struct_site_gen.pdbx_num_res 
_struct_site_gen.label_comp_id 
_struct_site_gen.label_asym_id 
_struct_site_gen.label_seq_id 
_struct_site_gen.pdbx_auth_ins_code 
_struct_site_gen.auth_comp_id 
_struct_site_gen.auth_asym_id 
_struct_site_gen.auth_seq_id 
_struct_site_gen.label_atom_id 
_struct_site_gen.label_alt_id 
_struct_site_gen.symmetry 
_struct_site_gen.details 
1  AC1 6 TYR A 74  ? TYR A 74   . ? 1_555 ? 
2  AC1 6 PRO A 75  ? PRO A 75   . ? 1_555 ? 
3  AC1 6 ASP A 76  ? ASP A 76   . ? 1_555 ? 
4  AC1 6 ARG A 77  ? ARG A 77   . ? 1_555 ? 
5  AC1 6 EDO E .   ? EDO A 1147 . ? 1_555 ? 
6  AC1 6 THR B 27  ? THR B 26   . ? 1_555 ? 
7  AC2 8 THR A 14  ? THR A 14   . ? 1_555 ? 
8  AC2 8 ASN A 142 ? ASN A 142  . ? 1_555 ? 
9  AC2 8 VAL A 143 ? VAL A 143  . ? 1_555 ? 
10 AC2 8 GLY A 144 ? GLY A 144  . ? 1_555 ? 
11 AC2 8 HOH I .   ? HOH A 2072 . ? 1_555 ? 
12 AC2 8 ALA B 34  ? ALA B 33   . ? 1_555 ? 
13 AC2 8 ARG B 35  ? ARG B 34   . ? 1_555 ? 
14 AC2 8 LYS B 40  ? LYS B 39   . ? 1_555 ? 
15 AC3 6 ASP B 3   ? ASP B 2    . ? 1_555 ? 
16 AC3 6 ASN B 5   ? ASN B 4    . ? 1_555 ? 
17 AC3 6 ASP B 7   ? ASP B 6    . ? 1_555 ? 
18 AC3 6 THR B 9   ? THR B 8    . ? 1_555 ? 
19 AC3 6 ASP B 14  ? ASP B 13   . ? 1_555 ? 
20 AC3 6 HOH J .   ? HOH B 2004 . ? 1_555 ? 
21 AC4 6 ASP B 37  ? ASP B 36   . ? 1_555 ? 
22 AC4 6 ASP B 39  ? ASP B 38   . ? 1_555 ? 
23 AC4 6 ASN B 41  ? ASN B 40   . ? 1_555 ? 
24 AC4 6 SER B 43  ? SER B 42   . ? 1_555 ? 
25 AC4 6 ASP B 48  ? ASP B 47   . ? 1_555 ? 
26 AC4 6 HOH J .   ? HOH B 2036 . ? 1_555 ? 
27 AC5 2 ARG B 20  ? ARG B 19   . ? 1_555 ? 
28 AC5 2 HOH J .   ? HOH B 2014 . ? 1_555 ? 
29 AC6 3 ARG A 77  ? ARG A 77   . ? 1_555 ? 
30 AC6 3 NO3 C .   ? NO3 A 1145 . ? 1_555 ? 
31 AC6 3 HOH I .   ? HOH A 2073 . ? 1_555 ? 
# 
_atom_sites.entry_id                    1OHZ 
_atom_sites.fract_transf_matrix[1][1]   0.00617496 
_atom_sites.fract_transf_matrix[1][2]   -0.00354243 
_atom_sites.fract_transf_matrix[1][3]   0.00732440 
_atom_sites.fract_transf_matrix[2][1]   -0.00756288 
_atom_sites.fract_transf_matrix[2][2]   0.00089102 
_atom_sites.fract_transf_matrix[2][3]   0.00680696 
_atom_sites.fract_transf_matrix[3][1]   -0.00299974 
_atom_sites.fract_transf_matrix[3][2]   -0.00953850 
_atom_sites.fract_transf_matrix[3][3]   -0.00208430 
_atom_sites.fract_transf_vector[1]      -0.398521 
_atom_sites.fract_transf_vector[2]      -0.695769 
_atom_sites.fract_transf_vector[3]      0.460360 
# 
loop_
_atom_type.symbol 
C  
CA 
CL 
N  
O  
S  
# 
loop_
_atom_site.group_PDB 
_atom_site.id 
_atom_site.type_symbol 
_atom_site.label_atom_id 
_atom_site.label_alt_id 
_atom_site.label_comp_id 
_atom_site.label_asym_id 
_atom_site.label_entity_id 
_atom_site.label_seq_id 
_atom_site.pdbx_PDB_ins_code 
_atom_site.Cartn_x 
_atom_site.Cartn_y 
_atom_site.Cartn_z 
_atom_site.occupancy 
_atom_site.B_iso_or_equiv 
_atom_site.pdbx_formal_charge 
_atom_site.auth_seq_id 
_atom_site.auth_comp_id 
_atom_site.auth_asym_id 
_atom_site.auth_atom_id 
_atom_site.pdbx_PDB_model_num 
ATOM   1    N  N   . GLY A 1 5   ? -10.369 -15.991 2.393   1.00 38.37 ? 5    GLY A N   1 
ATOM   2    C  CA  . GLY A 1 5   ? -9.703  -14.901 3.166   1.00 38.22 ? 5    GLY A CA  1 
ATOM   3    C  C   . GLY A 1 5   ? -10.115 -13.520 2.695   1.00 38.14 ? 5    GLY A C   1 
ATOM   4    O  O   . GLY A 1 5   ? -11.303 -13.249 2.505   1.00 38.19 ? 5    GLY A O   1 
ATOM   5    N  N   . VAL A 1 6   ? -9.127  -12.647 2.508   1.00 37.98 ? 6    VAL A N   1 
ATOM   6    C  CA  . VAL A 1 6   ? -9.363  -11.280 2.050   1.00 37.74 ? 6    VAL A CA  1 
ATOM   7    C  C   . VAL A 1 6   ? -9.172  -11.183 0.536   1.00 37.52 ? 6    VAL A C   1 
ATOM   8    O  O   . VAL A 1 6   ? -8.201  -11.707 -0.012  1.00 37.45 ? 6    VAL A O   1 
ATOM   9    C  CB  . VAL A 1 6   ? -8.440  -10.261 2.772   1.00 37.77 ? 6    VAL A CB  1 
ATOM   10   C  CG1 . VAL A 1 6   ? -8.852  -8.826  2.456   1.00 37.88 ? 6    VAL A CG1 1 
ATOM   11   C  CG2 . VAL A 1 6   ? -8.454  -10.490 4.282   1.00 37.90 ? 6    VAL A CG2 1 
ATOM   12   N  N   . VAL A 1 7   ? -10.114 -10.520 -0.132  1.00 37.27 ? 7    VAL A N   1 
ATOM   13   C  CA  . VAL A 1 7   ? -10.044 -10.307 -1.576  1.00 37.05 ? 7    VAL A CA  1 
ATOM   14   C  C   . VAL A 1 7   ? -9.864  -8.820  -1.882  1.00 36.88 ? 7    VAL A C   1 
ATOM   15   O  O   . VAL A 1 7   ? -10.680 -7.987  -1.478  1.00 36.83 ? 7    VAL A O   1 
ATOM   16   C  CB  . VAL A 1 7   ? -11.303 -10.853 -2.306  1.00 37.10 ? 7    VAL A CB  1 
ATOM   17   C  CG1 . VAL A 1 7   ? -11.169 -10.695 -3.815  1.00 37.08 ? 7    VAL A CG1 1 
ATOM   18   C  CG2 . VAL A 1 7   ? -11.552 -12.318 -1.947  1.00 37.12 ? 7    VAL A CG2 1 
ATOM   19   N  N   . VAL A 1 8   ? -8.782  -8.496  -2.584  1.00 36.67 ? 8    VAL A N   1 
ATOM   20   C  CA  . VAL A 1 8   ? -8.520  -7.125  -3.013  1.00 36.47 ? 8    VAL A CA  1 
ATOM   21   C  C   . VAL A 1 8   ? -8.935  -6.961  -4.475  1.00 36.36 ? 8    VAL A C   1 
ATOM   22   O  O   . VAL A 1 8   ? -8.393  -7.622  -5.364  1.00 36.33 ? 8    VAL A O   1 
ATOM   23   C  CB  . VAL A 1 8   ? -7.037  -6.723  -2.818  1.00 36.47 ? 8    VAL A CB  1 
ATOM   24   C  CG1 . VAL A 1 8   ? -6.805  -5.278  -3.245  1.00 36.34 ? 8    VAL A CG1 1 
ATOM   25   C  CG2 . VAL A 1 8   ? -6.608  -6.923  -1.368  1.00 36.43 ? 8    VAL A CG2 1 
ATOM   26   N  N   . GLU A 1 9   ? -9.903  -6.079  -4.709  1.00 36.20 ? 9    GLU A N   1 
ATOM   27   C  CA  . GLU A 1 9   ? -10.472 -5.892  -6.040  1.00 36.12 ? 9    GLU A CA  1 
ATOM   28   C  C   . GLU A 1 9   ? -10.061 -4.561  -6.654  1.00 35.96 ? 9    GLU A C   1 
ATOM   29   O  O   . GLU A 1 9   ? -10.433 -3.497  -6.153  1.00 35.89 ? 9    GLU A O   1 
ATOM   30   C  CB  . GLU A 1 9   ? -12.000 -5.985  -5.988  1.00 36.14 ? 9    GLU A CB  1 
ATOM   31   C  CG  . GLU A 1 9   ? -12.548 -7.404  -5.961  1.00 36.60 ? 9    GLU A CG  1 
ATOM   32   C  CD  . GLU A 1 9   ? -13.984 -7.481  -5.464  1.00 37.08 ? 9    GLU A CD  1 
ATOM   33   O  OE1 . GLU A 1 9   ? -14.618 -6.422  -5.255  1.00 37.19 ? 9    GLU A OE1 1 
ATOM   34   O  OE2 . GLU A 1 9   ? -14.484 -8.612  -5.280  1.00 37.25 ? 9    GLU A OE2 1 
ATOM   35   N  N   . ILE A 1 10  ? -9.286  -4.626  -7.733  1.00 35.80 ? 10   ILE A N   1 
ATOM   36   C  CA  . ILE A 1 10  ? -9.002  -3.443  -8.537  1.00 35.68 ? 10   ILE A CA  1 
ATOM   37   C  C   . ILE A 1 10  ? -10.211 -3.201  -9.434  1.00 35.64 ? 10   ILE A C   1 
ATOM   38   O  O   . ILE A 1 10  ? -10.559 -4.047  -10.264 1.00 35.60 ? 10   ILE A O   1 
ATOM   39   C  CB  . ILE A 1 10  ? -7.710  -3.617  -9.376  1.00 35.69 ? 10   ILE A CB  1 
ATOM   40   C  CG1 . ILE A 1 10  ? -6.501  -3.857  -8.463  1.00 35.64 ? 10   ILE A CG1 1 
ATOM   41   C  CG2 . ILE A 1 10  ? -7.475  -2.393  -10.265 1.00 35.57 ? 10   ILE A CG2 1 
ATOM   42   C  CD1 . ILE A 1 10  ? -5.411  -4.719  -9.081  1.00 35.68 ? 10   ILE A CD1 1 
ATOM   43   N  N   . GLY A 1 11  ? -10.853 -2.050  -9.245  1.00 35.58 ? 11   GLY A N   1 
ATOM   44   C  CA  . GLY A 1 11  ? -12.073 -1.710  -9.957  1.00 35.52 ? 11   GLY A CA  1 
ATOM   45   C  C   . GLY A 1 11  ? -11.925 -1.632  -11.464 1.00 35.48 ? 11   GLY A C   1 
ATOM   46   O  O   . GLY A 1 11  ? -10.819 -1.457  -11.985 1.00 35.47 ? 11   GLY A O   1 
ATOM   47   N  N   . LYS A 1 12  ? -13.049 -1.776  -12.159 1.00 35.42 ? 12   LYS A N   1 
ATOM   48   C  CA  . LYS A 1 12  ? -13.093 -1.666  -13.612 1.00 35.42 ? 12   LYS A CA  1 
ATOM   49   C  C   . LYS A 1 12  ? -14.024 -0.527  -14.013 1.00 35.30 ? 12   LYS A C   1 
ATOM   50   O  O   . LYS A 1 12  ? -15.225 -0.570  -13.738 1.00 35.27 ? 12   LYS A O   1 
ATOM   51   C  CB  . LYS A 1 12  ? -13.552 -2.984  -14.242 1.00 35.50 ? 12   LYS A CB  1 
ATOM   52   C  CG  . LYS A 1 12  ? -12.479 -4.055  -14.288 1.00 35.75 ? 12   LYS A CG  1 
ATOM   53   C  CD  . LYS A 1 12  ? -13.038 -5.383  -14.763 1.00 36.08 ? 12   LYS A CD  1 
ATOM   54   C  CE  . LYS A 1 12  ? -12.235 -6.548  -14.209 1.00 36.41 ? 12   LYS A CE  1 
ATOM   55   N  NZ  . LYS A 1 12  ? -12.250 -7.725  -15.121 1.00 36.94 ? 12   LYS A NZ  1 
ATOM   56   N  N   . VAL A 1 13  ? -13.454 0.494   -14.646 1.00 35.15 ? 13   VAL A N   1 
ATOM   57   C  CA  . VAL A 1 13  ? -14.209 1.674   -15.071 1.00 34.95 ? 13   VAL A CA  1 
ATOM   58   C  C   . VAL A 1 13  ? -14.003 1.968   -16.558 1.00 34.85 ? 13   VAL A C   1 
ATOM   59   O  O   . VAL A 1 13  ? -13.084 1.434   -17.184 1.00 34.81 ? 13   VAL A O   1 
ATOM   60   C  CB  . VAL A 1 13  ? -13.850 2.936   -14.230 1.00 34.98 ? 13   VAL A CB  1 
ATOM   61   C  CG1 . VAL A 1 13  ? -14.330 2.790   -12.790 1.00 34.98 ? 13   VAL A CG1 1 
ATOM   62   C  CG2 . VAL A 1 13  ? -12.350 3.234   -14.281 1.00 34.92 ? 13   VAL A CG2 1 
ATOM   63   N  N   . THR A 1 14  ? -14.871 2.808   -17.118 1.00 34.71 ? 14   THR A N   1 
ATOM   64   C  CA  . THR A 1 14  ? -14.729 3.270   -18.498 1.00 34.64 ? 14   THR A CA  1 
ATOM   65   C  C   . THR A 1 14  ? -14.680 4.794   -18.546 1.00 34.53 ? 14   THR A C   1 
ATOM   66   O  O   . THR A 1 14  ? -15.296 5.469   -17.718 1.00 34.53 ? 14   THR A O   1 
ATOM   67   C  CB  . THR A 1 14  ? -15.875 2.744   -19.398 1.00 34.59 ? 14   THR A CB  1 
ATOM   68   O  OG1 . THR A 1 14  ? -17.137 2.964   -18.758 1.00 34.81 ? 14   THR A OG1 1 
ATOM   69   C  CG2 . THR A 1 14  ? -15.806 1.226   -19.546 1.00 34.57 ? 14   THR A CG2 1 
ATOM   70   N  N   . GLY A 1 15  ? -13.944 5.329   -19.517 1.00 34.42 ? 15   GLY A N   1 
ATOM   71   C  CA  . GLY A 1 15  ? -13.798 6.766   -19.666 1.00 34.32 ? 15   GLY A CA  1 
ATOM   72   C  C   . GLY A 1 15  ? -13.215 7.178   -21.003 1.00 34.23 ? 15   GLY A C   1 
ATOM   73   O  O   . GLY A 1 15  ? -12.519 6.398   -21.658 1.00 34.13 ? 15   GLY A O   1 
ATOM   74   N  N   . SER A 1 16  ? -13.506 8.413   -21.403 1.00 34.21 ? 16   SER A N   1 
ATOM   75   C  CA  . SER A 1 16  ? -13.011 8.967   -22.658 1.00 34.22 ? 16   SER A CA  1 
ATOM   76   C  C   . SER A 1 16  ? -11.567 9.446   -22.532 1.00 34.28 ? 16   SER A C   1 
ATOM   77   O  O   . SER A 1 16  ? -11.099 9.762   -21.434 1.00 34.24 ? 16   SER A O   1 
ATOM   78   C  CB  . SER A 1 16  ? -13.904 10.123  -23.122 1.00 34.20 ? 16   SER A CB  1 
ATOM   79   O  OG  . SER A 1 16  ? -15.212 9.670   -23.422 1.00 34.08 ? 16   SER A OG  1 
ATOM   80   N  N   . VAL A 1 17  ? -10.869 9.494   -23.665 1.00 34.36 ? 17   VAL A N   1 
ATOM   81   C  CA  . VAL A 1 17  ? -9.508  10.020  -23.730 1.00 34.45 ? 17   VAL A CA  1 
ATOM   82   C  C   . VAL A 1 17  ? -9.516  11.509  -23.373 1.00 34.57 ? 17   VAL A C   1 
ATOM   83   O  O   . VAL A 1 17  ? -10.338 12.273  -23.883 1.00 34.59 ? 17   VAL A O   1 
ATOM   84   C  CB  . VAL A 1 17  ? -8.875  9.801   -25.132 1.00 34.46 ? 17   VAL A CB  1 
ATOM   85   C  CG1 . VAL A 1 17  ? -7.413  10.247  -25.159 1.00 34.45 ? 17   VAL A CG1 1 
ATOM   86   C  CG2 . VAL A 1 17  ? -8.988  8.340   -25.557 1.00 34.25 ? 17   VAL A CG2 1 
ATOM   87   N  N   . GLY A 1 18  ? -8.611  11.903  -22.479 1.00 34.64 ? 18   GLY A N   1 
ATOM   88   C  CA  . GLY A 1 18  ? -8.509  13.283  -22.040 1.00 34.75 ? 18   GLY A CA  1 
ATOM   89   C  C   . GLY A 1 18  ? -9.238  13.578  -20.740 1.00 34.91 ? 18   GLY A C   1 
ATOM   90   O  O   . GLY A 1 18  ? -9.090  14.666  -20.181 1.00 34.86 ? 18   GLY A O   1 
ATOM   91   N  N   . THR A 1 19  ? -10.032 12.619  -20.266 1.00 35.02 ? 19   THR A N   1 
ATOM   92   C  CA  . THR A 1 19  ? -10.751 12.771  -19.000 1.00 35.24 ? 19   THR A CA  1 
ATOM   93   C  C   . THR A 1 19  ? -10.001 12.099  -17.854 1.00 35.33 ? 19   THR A C   1 
ATOM   94   O  O   . THR A 1 19  ? -9.242  11.151  -18.066 1.00 35.40 ? 19   THR A O   1 
ATOM   95   C  CB  . THR A 1 19  ? -12.195 12.210  -19.091 1.00 35.19 ? 19   THR A CB  1 
ATOM   96   O  OG1 . THR A 1 19  ? -12.157 10.785  -19.238 1.00 35.26 ? 19   THR A OG1 1 
ATOM   97   C  CG2 . THR A 1 19  ? -12.900 12.689  -20.359 1.00 35.30 ? 19   THR A CG2 1 
ATOM   98   N  N   . THR A 1 20  ? -10.207 12.621  -16.638 1.00 35.52 ? 20   THR A N   1 
ATOM   99   C  CA  . THR A 1 20  ? -9.638  11.971  -15.447 1.00 35.75 ? 20   THR A CA  1 
ATOM   100  C  C   . THR A 1 20  ? -10.716 11.097  -14.784 1.00 35.87 ? 20   THR A C   1 
ATOM   101  O  O   . THR A 1 20  ? -11.822 11.562  -14.477 1.00 35.94 ? 20   THR A O   1 
ATOM   102  C  CB  . THR A 1 20  ? -9.150  13.044  -14.463 1.00 35.74 ? 20   THR A CB  1 
ATOM   103  O  OG1 . THR A 1 20  ? -8.301  13.972  -15.130 1.00 35.84 ? 20   THR A OG1 1 
ATOM   104  C  CG2 . THR A 1 20  ? -8.354  12.468  -13.293 1.00 35.75 ? 20   THR A CG2 1 
ATOM   105  N  N   . VAL A 1 21  ? -10.368 9.835   -14.577 1.00 36.00 ? 21   VAL A N   1 
ATOM   106  C  CA  . VAL A 1 21  ? -11.289 8.858   -13.960 1.00 36.13 ? 21   VAL A CA  1 
ATOM   107  C  C   . VAL A 1 21  ? -10.731 8.338   -12.636 1.00 36.21 ? 21   VAL A C   1 
ATOM   108  O  O   . VAL A 1 21  ? -9.536  8.473   -12.340 1.00 36.27 ? 21   VAL A O   1 
ATOM   109  C  CB  . VAL A 1 21  ? -11.506 7.663   -14.896 1.00 36.13 ? 21   VAL A CB  1 
ATOM   110  C  CG1 . VAL A 1 21  ? -12.242 8.045   -16.184 1.00 36.14 ? 21   VAL A CG1 1 
ATOM   111  C  CG2 . VAL A 1 21  ? -10.199 6.997   -15.343 1.00 36.09 ? 21   VAL A CG2 1 
ATOM   112  N  N   . GLU A 1 22  ? -11.627 7.753   -11.868 1.00 36.28 ? 22   GLU A N   1 
ATOM   113  C  CA  . GLU A 1 22  ? -11.290 7.190   -10.562 1.00 36.29 ? 22   GLU A CA  1 
ATOM   114  C  C   . GLU A 1 22  ? -11.461 5.678   -10.572 1.00 36.27 ? 22   GLU A C   1 
ATOM   115  O  O   . GLU A 1 22  ? -12.534 5.156   -10.897 1.00 36.29 ? 22   GLU A O   1 
ATOM   116  C  CB  . GLU A 1 22  ? -12.192 7.787   -9.489  1.00 36.32 ? 22   GLU A CB  1 
ATOM   117  C  CG  . GLU A 1 22  ? -11.530 8.974   -8.817  1.00 36.60 ? 22   GLU A CG  1 
ATOM   118  C  CD  . GLU A 1 22  ? -12.468 9.800   -7.978  1.00 36.92 ? 22   GLU A CD  1 
ATOM   119  N  N   . ILE A 1 23  ? -10.384 5.006   -10.217 1.00 36.17 ? 23   ILE A N   1 
ATOM   120  C  CA  . ILE A 1 23  ? -10.368 3.541   -10.147 1.00 36.10 ? 23   ILE A CA  1 
ATOM   121  C  C   . ILE A 1 23  ? -10.281 3.104   -8.687  1.00 36.13 ? 23   ILE A C   1 
ATOM   122  O  O   . ILE A 1 23  ? -9.264  3.322   -8.014  1.00 35.99 ? 23   ILE A O   1 
ATOM   123  C  CB  . ILE A 1 23  ? -9.170  2.964   -10.904 1.00 36.11 ? 23   ILE A CB  1 
ATOM   124  C  CG1 . ILE A 1 23  ? -9.041  3.508   -12.330 1.00 35.97 ? 23   ILE A CG1 1 
ATOM   125  C  CG2 . ILE A 1 23  ? -9.245  1.438   -11.039 1.00 36.09 ? 23   ILE A CG2 1 
ATOM   126  C  CD1 . ILE A 1 23  ? -7.792  4.369   -12.534 1.00 35.90 ? 23   ILE A CD1 1 
ATOM   127  N  N   . PRO A 1 24  ? -11.409 2.623   -8.170  1.00 36.15 ? 24   PRO A N   1 
ATOM   128  C  CA  . PRO A 1 24  ? -11.482 2.207   -6.766  1.00 36.15 ? 24   PRO A CA  1 
ATOM   129  C  C   . PRO A 1 24  ? -10.750 0.891   -6.519  1.00 36.11 ? 24   PRO A C   1 
ATOM   130  O  O   . PRO A 1 24  ? -10.720 0.021   -7.392  1.00 36.03 ? 24   PRO A O   1 
ATOM   131  C  CB  . PRO A 1 24  ? -12.988 2.045   -6.523  1.00 36.21 ? 24   PRO A CB  1 
ATOM   132  C  CG  . PRO A 1 24  ? -13.573 1.755   -7.869  1.00 36.29 ? 24   PRO A CG  1 
ATOM   133  C  CD  . PRO A 1 24  ? -12.678 2.394   -8.887  1.00 36.18 ? 24   PRO A CD  1 
ATOM   134  N  N   . VAL A 1 25  ? -10.147 0.773   -5.340  1.00 36.14 ? 25   VAL A N   1 
ATOM   135  C  CA  . VAL A 1 25  ? -9.546  -0.475  -4.886  1.00 36.15 ? 25   VAL A CA  1 
ATOM   136  C  C   . VAL A 1 25  ? -10.370 -0.969  -3.699  1.00 36.26 ? 25   VAL A C   1 
ATOM   137  O  O   . VAL A 1 25  ? -10.425 -0.313  -2.659  1.00 36.21 ? 25   VAL A O   1 
ATOM   138  C  CB  . VAL A 1 25  ? -8.060  -0.293  -4.479  1.00 36.13 ? 25   VAL A CB  1 
ATOM   139  C  CG1 . VAL A 1 25  ? -7.457  -1.613  -4.010  1.00 35.93 ? 25   VAL A CG1 1 
ATOM   140  C  CG2 . VAL A 1 25  ? -7.248  0.278   -5.636  1.00 35.91 ? 25   VAL A CG2 1 
ATOM   141  N  N   . TYR A 1 26  ? -11.019 -2.118  -3.872  1.00 36.44 ? 26   TYR A N   1 
ATOM   142  C  CA  . TYR A 1 26  ? -11.933 -2.654  -2.866  1.00 36.66 ? 26   TYR A CA  1 
ATOM   143  C  C   . TYR A 1 26  ? -11.276 -3.696  -1.966  1.00 36.79 ? 26   TYR A C   1 
ATOM   144  O  O   . TYR A 1 26  ? -10.491 -4.524  -2.431  1.00 36.76 ? 26   TYR A O   1 
ATOM   145  C  CB  . TYR A 1 26  ? -13.163 -3.280  -3.533  1.00 36.70 ? 26   TYR A CB  1 
ATOM   146  C  CG  . TYR A 1 26  ? -14.008 -2.323  -4.347  1.00 36.88 ? 26   TYR A CG  1 
ATOM   147  C  CD1 . TYR A 1 26  ? -13.950 -2.331  -5.741  1.00 37.01 ? 26   TYR A CD1 1 
ATOM   148  C  CD2 . TYR A 1 26  ? -14.875 -1.422  -3.728  1.00 37.11 ? 26   TYR A CD2 1 
ATOM   149  C  CE1 . TYR A 1 26  ? -14.731 -1.461  -6.500  1.00 37.33 ? 26   TYR A CE1 1 
ATOM   150  C  CE2 . TYR A 1 26  ? -15.660 -0.547  -4.478  1.00 37.43 ? 26   TYR A CE2 1 
ATOM   151  C  CZ  . TYR A 1 26  ? -15.582 -0.572  -5.861  1.00 37.47 ? 26   TYR A CZ  1 
ATOM   152  O  OH  . TYR A 1 26  ? -16.353 0.290   -6.608  1.00 38.05 ? 26   TYR A OH  1 
ATOM   153  N  N   . PHE A 1 27  ? -11.607 -3.643  -0.678  1.00 36.93 ? 27   PHE A N   1 
ATOM   154  C  CA  . PHE A 1 27  ? -11.247 -4.699  0.263   1.00 37.11 ? 27   PHE A CA  1 
ATOM   155  C  C   . PHE A 1 27  ? -12.498 -5.512  0.582   1.00 37.31 ? 27   PHE A C   1 
ATOM   156  O  O   . PHE A 1 27  ? -13.455 -4.992  1.158   1.00 37.23 ? 27   PHE A O   1 
ATOM   157  C  CB  . PHE A 1 27  ? -10.655 -4.110  1.549   1.00 37.03 ? 27   PHE A CB  1 
ATOM   158  C  CG  . PHE A 1 27  ? -9.160  -3.889  1.502   1.00 36.83 ? 27   PHE A CG  1 
ATOM   159  C  CD1 . PHE A 1 27  ? -8.468  -3.872  0.291   1.00 36.50 ? 27   PHE A CD1 1 
ATOM   160  C  CD2 . PHE A 1 27  ? -8.447  -3.687  2.680   1.00 36.67 ? 27   PHE A CD2 1 
ATOM   161  C  CE1 . PHE A 1 27  ? -7.090  -3.659  0.257   1.00 36.62 ? 27   PHE A CE1 1 
ATOM   162  C  CE2 . PHE A 1 27  ? -7.069  -3.475  2.658   1.00 36.71 ? 27   PHE A CE2 1 
ATOM   163  C  CZ  . PHE A 1 27  ? -6.390  -3.460  1.443   1.00 36.55 ? 27   PHE A CZ  1 
ATOM   164  N  N   . ARG A 1 28  ? -12.488 -6.783  0.189   1.00 37.61 ? 28   ARG A N   1 
ATOM   165  C  CA  . ARG A 1 28  ? -13.609 -7.682  0.449   1.00 37.92 ? 28   ARG A CA  1 
ATOM   166  C  C   . ARG A 1 28  ? -13.193 -8.805  1.392   1.00 38.05 ? 28   ARG A C   1 
ATOM   167  O  O   . ARG A 1 28  ? -12.070 -9.308  1.313   1.00 38.14 ? 28   ARG A O   1 
ATOM   168  C  CB  . ARG A 1 28  ? -14.168 -8.264  -0.856  1.00 37.97 ? 28   ARG A CB  1 
ATOM   169  C  CG  . ARG A 1 28  ? -14.521 -7.226  -1.918  1.00 38.31 ? 28   ARG A CG  1 
ATOM   170  C  CD  . ARG A 1 28  ? -15.952 -6.715  -1.855  1.00 38.89 ? 28   ARG A CD  1 
ATOM   171  N  NE  . ARG A 1 28  ? -16.245 -5.776  -2.938  1.00 39.28 ? 28   ARG A NE  1 
ATOM   172  C  CZ  . ARG A 1 28  ? -16.989 -4.680  -2.809  1.00 39.50 ? 28   ARG A CZ  1 
ATOM   173  N  NH1 . ARG A 1 28  ? -17.195 -3.894  -3.858  1.00 39.42 ? 28   ARG A NH1 1 
ATOM   174  N  NH2 . ARG A 1 28  ? -17.529 -4.365  -1.638  1.00 39.52 ? 28   ARG A NH2 1 
ATOM   175  N  N   . GLY A 1 29  ? -14.103 -9.185  2.285   1.00 38.14 ? 29   GLY A N   1 
ATOM   176  C  CA  . GLY A 1 29  ? -13.855 -10.250 3.243   1.00 38.24 ? 29   GLY A CA  1 
ATOM   177  C  C   . GLY A 1 29  ? -12.887 -9.863  4.346   1.00 38.29 ? 29   GLY A C   1 
ATOM   178  O  O   . GLY A 1 29  ? -12.008 -10.650 4.708   1.00 38.30 ? 29   GLY A O   1 
ATOM   179  N  N   . VAL A 1 30  ? -13.050 -8.650  4.873   1.00 38.37 ? 30   VAL A N   1 
ATOM   180  C  CA  . VAL A 1 30  ? -12.235 -8.151  5.980   1.00 38.42 ? 30   VAL A CA  1 
ATOM   181  C  C   . VAL A 1 30  ? -12.555 -8.955  7.245   1.00 38.51 ? 30   VAL A C   1 
ATOM   182  O  O   . VAL A 1 30  ? -13.718 -9.039  7.646   1.00 38.55 ? 30   VAL A O   1 
ATOM   183  C  CB  . VAL A 1 30  ? -12.467 -6.629  6.217   1.00 38.44 ? 30   VAL A CB  1 
ATOM   184  C  CG1 . VAL A 1 30  ? -11.717 -6.134  7.451   1.00 38.35 ? 30   VAL A CG1 1 
ATOM   185  C  CG2 . VAL A 1 30  ? -12.054 -5.820  4.990   1.00 38.37 ? 30   VAL A CG2 1 
ATOM   186  N  N   . PRO A 1 31  ? -11.529 -9.551  7.862   1.00 38.56 ? 31   PRO A N   1 
ATOM   187  C  CA  . PRO A 1 31  ? -11.722 -10.448 9.012   1.00 38.56 ? 31   PRO A CA  1 
ATOM   188  C  C   . PRO A 1 31  ? -12.222 -9.739  10.271  1.00 38.53 ? 31   PRO A C   1 
ATOM   189  O  O   . PRO A 1 31  ? -12.237 -8.505  10.327  1.00 38.58 ? 31   PRO A O   1 
ATOM   190  C  CB  . PRO A 1 31  ? -10.320 -11.026 9.244   1.00 38.59 ? 31   PRO A CB  1 
ATOM   191  C  CG  . PRO A 1 31  ? -9.391  -10.011 8.682   1.00 38.56 ? 31   PRO A CG  1 
ATOM   192  C  CD  . PRO A 1 31  ? -10.104 -9.416  7.504   1.00 38.54 ? 31   PRO A CD  1 
ATOM   193  N  N   . SER A 1 32  ? -12.543 -10.546 11.283  1.00 38.48 ? 32   SER A N   1 
ATOM   194  C  CA  . SER A 1 32  ? -13.152 -9.970  12.481  1.00 38.33 ? 32   SER A CA  1 
ATOM   195  C  C   . SER A 1 32  ? -12.121 -9.176  13.297  1.00 38.19 ? 32   SER A C   1 
ATOM   196  O  O   . SER A 1 32  ? -12.468 -8.202  13.977  1.00 38.22 ? 32   SER A O   1 
ATOM   197  C  CB  . SER A 1 32  ? -13.730 -11.070 13.349  1.00 38.42 ? 32   SER A CB  1 
ATOM   198  N  N   . LYS A 1 33  ? -10.865 -9.603  13.214  1.00 37.97 ? 33   LYS A N   1 
ATOM   199  C  CA  . LYS A 1 33  ? -9.762  -8.934  13.946  1.00 37.73 ? 33   LYS A CA  1 
ATOM   200  C  C   . LYS A 1 33  ? -9.351  -7.628  13.201  1.00 37.43 ? 33   LYS A C   1 
ATOM   201  O  O   . LYS A 1 33  ? -8.668  -6.763  13.764  1.00 37.57 ? 33   LYS A O   1 
ATOM   202  C  CB  . LYS A 1 33  ? -8.537  -9.884  14.085  1.00 37.77 ? 33   LYS A CB  1 
ATOM   203  C  CG  . LYS A 1 33  ? -8.744  -10.988 15.176  1.00 37.94 ? 33   LYS A CG  1 
ATOM   204  N  N   . GLY A 1 34  ? -9.785  -7.520  11.939  1.00 36.97 ? 34   GLY A N   1 
ATOM   205  C  CA  . GLY A 1 34  ? -9.524  -6.326  11.077  1.00 36.35 ? 34   GLY A CA  1 
ATOM   206  C  C   . GLY A 1 34  ? -8.196  -6.448  10.315  1.00 35.83 ? 34   GLY A C   1 
ATOM   207  O  O   . GLY A 1 34  ? -7.600  -7.523  10.228  1.00 35.90 ? 34   GLY A O   1 
ATOM   208  N  N   . ILE A 1 35  ? -7.774  -5.317  9.768   1.00 35.23 ? 35   ILE A N   1 
ATOM   209  C  CA  . ILE A 1 35  ? -6.507  -5.220  9.023   1.00 34.54 ? 35   ILE A CA  1 
ATOM   210  C  C   . ILE A 1 35  ? -5.715  -4.011  9.529   1.00 34.06 ? 35   ILE A C   1 
ATOM   211  O  O   . ILE A 1 35  ? -6.132  -2.855  9.356   1.00 34.15 ? 35   ILE A O   1 
ATOM   212  C  CB  . ILE A 1 35  ? -6.747  -5.051  7.517   1.00 34.60 ? 35   ILE A CB  1 
ATOM   213  C  CG1 . ILE A 1 35  ? -7.522  -6.234  6.886   1.00 34.53 ? 35   ILE A CG1 1 
ATOM   214  C  CG2 . ILE A 1 35  ? -5.430  -4.921  6.729   1.00 34.55 ? 35   ILE A CG2 1 
ATOM   215  C  CD1 . ILE A 1 35  ? -6.748  -7.560  6.885   1.00 34.50 ? 35   ILE A CD1 1 
ATOM   216  N  N   . ALA A 1 36  ? -4.646  -4.297  10.265  1.00 33.36 ? 36   ALA A N   1 
ATOM   217  C  CA  . ALA A 1 36  ? -3.825  -3.265  10.900  1.00 32.74 ? 36   ALA A CA  1 
ATOM   218  C  C   . ALA A 1 36  ? -2.769  -2.692  9.955   1.00 32.24 ? 36   ALA A C   1 
ATOM   219  O  O   . ALA A 1 36  ? -2.377  -1.529  10.084  1.00 32.11 ? 36   ALA A O   1 
ATOM   220  C  CB  . ALA A 1 36  ? -3.168  -3.815  12.162  1.00 32.73 ? 36   ALA A CB  1 
ATOM   221  N  N   . ASN A 1 37  ? -2.308  -3.515  9.016   1.00 31.70 ? 37   ASN A N   1 
ATOM   222  C  CA  . ASN A 1 37  ? -1.290  -3.110  8.049   1.00 31.17 ? 37   ASN A CA  1 
ATOM   223  C  C   . ASN A 1 37  ? -1.341  -3.920  6.759   1.00 30.83 ? 37   ASN A C   1 
ATOM   224  O  O   . ASN A 1 37  ? -1.694  -5.103  6.771   1.00 30.78 ? 37   ASN A O   1 
ATOM   225  C  CB  . ASN A 1 37  ? 0.114   -3.200  8.664   1.00 31.14 ? 37   ASN A CB  1 
ATOM   226  C  CG  . ASN A 1 37  ? 0.547   -4.631  8.928   1.00 31.03 ? 37   ASN A CG  1 
ATOM   227  O  OD1 . ASN A 1 37  ? 1.178   -5.268  8.083   1.00 31.11 ? 37   ASN A OD1 1 
ATOM   228  N  ND2 . ASN A 1 37  ? 0.206   -5.144  10.103  1.00 30.53 ? 37   ASN A ND2 1 
ATOM   229  N  N   . CYS A 1 38  ? -0.981  -3.273  5.652   1.00 30.32 ? 38   CYS A N   1 
ATOM   230  C  CA  . CYS A 1 38  ? -0.845  -3.943  4.361   1.00 29.96 ? 38   CYS A CA  1 
ATOM   231  C  C   . CYS A 1 38  ? -0.002  -3.130  3.384   1.00 29.71 ? 38   CYS A C   1 
ATOM   232  O  O   . CYS A 1 38  ? 0.037   -1.899  3.450   1.00 29.64 ? 38   CYS A O   1 
ATOM   233  C  CB  . CYS A 1 38  ? -2.216  -4.256  3.749   1.00 29.96 ? 38   CYS A CB  1 
ATOM   234  S  SG  . CYS A 1 38  ? -3.214  -2.810  3.354   1.00 29.57 ? 38   CYS A SG  1 
ATOM   235  N  N   . ASP A 1 39  ? 0.685   -3.836  2.492   1.00 29.49 ? 39   ASP A N   1 
ATOM   236  C  CA  . ASP A 1 39  ? 1.418   -3.208  1.400   1.00 29.45 ? 39   ASP A CA  1 
ATOM   237  C  C   . ASP A 1 39  ? 1.404   -4.102  0.168   1.00 29.46 ? 39   ASP A C   1 
ATOM   238  O  O   . ASP A 1 39  ? 1.486   -5.328  0.278   1.00 29.53 ? 39   ASP A O   1 
ATOM   239  C  CB  . ASP A 1 39  ? 2.854   -2.845  1.815   1.00 29.34 ? 39   ASP A CB  1 
ATOM   240  C  CG  . ASP A 1 39  ? 3.722   -4.063  2.064   1.00 29.15 ? 39   ASP A CG  1 
ATOM   241  O  OD1 . ASP A 1 39  ? 3.528   -4.731  3.100   1.00 29.09 ? 39   ASP A OD1 1 
ATOM   242  O  OD2 . ASP A 1 39  ? 4.622   -4.428  1.280   1.00 28.70 ? 39   ASP A OD2 1 
ATOM   243  N  N   . PHE A 1 40  ? 1.269   -3.476  -0.998  1.00 29.54 ? 40   PHE A N   1 
ATOM   244  C  CA  . PHE A 1 40  ? 1.259   -4.189  -2.274  1.00 29.61 ? 40   PHE A CA  1 
ATOM   245  C  C   . PHE A 1 40  ? 1.580   -3.270  -3.450  1.00 29.83 ? 40   PHE A C   1 
ATOM   246  O  O   . PHE A 1 40  ? 1.425   -2.048  -3.362  1.00 29.83 ? 40   PHE A O   1 
ATOM   247  C  CB  . PHE A 1 40  ? -0.074  -4.930  -2.510  1.00 29.43 ? 40   PHE A CB  1 
ATOM   248  C  CG  . PHE A 1 40  ? -1.296  -4.166  -2.071  1.00 28.99 ? 40   PHE A CG  1 
ATOM   249  C  CD1 . PHE A 1 40  ? -1.873  -3.208  -2.902  1.00 28.64 ? 40   PHE A CD1 1 
ATOM   250  C  CD2 . PHE A 1 40  ? -1.888  -4.425  -0.838  1.00 28.71 ? 40   PHE A CD2 1 
ATOM   251  C  CE1 . PHE A 1 40  ? -3.010  -2.508  -2.503  1.00 28.27 ? 40   PHE A CE1 1 
ATOM   252  C  CE2 . PHE A 1 40  ? -3.024  -3.729  -0.430  1.00 28.58 ? 40   PHE A CE2 1 
ATOM   253  C  CZ  . PHE A 1 40  ? -3.585  -2.771  -1.265  1.00 28.22 ? 40   PHE A CZ  1 
ATOM   254  N  N   . VAL A 1 41  ? 2.032   -3.878  -4.542  1.00 30.13 ? 41   VAL A N   1 
ATOM   255  C  CA  . VAL A 1 41  ? 2.425   -3.161  -5.751  1.00 30.46 ? 41   VAL A CA  1 
ATOM   256  C  C   . VAL A 1 41  ? 1.495   -3.537  -6.905  1.00 30.84 ? 41   VAL A C   1 
ATOM   257  O  O   . VAL A 1 41  ? 1.187   -4.716  -7.100  1.00 30.80 ? 41   VAL A O   1 
ATOM   258  C  CB  . VAL A 1 41  ? 3.897   -3.480  -6.142  1.00 30.44 ? 41   VAL A CB  1 
ATOM   259  C  CG1 . VAL A 1 41  ? 4.320   -2.709  -7.390  1.00 30.28 ? 41   VAL A CG1 1 
ATOM   260  C  CG2 . VAL A 1 41  ? 4.849   -3.184  -4.985  1.00 30.31 ? 41   VAL A CG2 1 
ATOM   261  N  N   . PHE A 1 42  ? 1.038   -2.532  -7.650  1.00 31.24 ? 42   PHE A N   1 
ATOM   262  C  CA  . PHE A 1 42  ? 0.260   -2.753  -8.867  1.00 31.73 ? 42   PHE A CA  1 
ATOM   263  C  C   . PHE A 1 42  ? 1.046   -2.301  -10.099 1.00 32.16 ? 42   PHE A C   1 
ATOM   264  O  O   . PHE A 1 42  ? 1.819   -1.344  -10.036 1.00 32.15 ? 42   PHE A O   1 
ATOM   265  C  CB  . PHE A 1 42  ? -1.084  -2.011  -8.819  1.00 31.70 ? 42   PHE A CB  1 
ATOM   266  C  CG  . PHE A 1 42  ? -2.056  -2.535  -7.783  1.00 31.73 ? 42   PHE A CG  1 
ATOM   267  C  CD1 . PHE A 1 42  ? -3.130  -1.747  -7.378  1.00 31.66 ? 42   PHE A CD1 1 
ATOM   268  C  CD2 . PHE A 1 42  ? -1.915  -3.806  -7.226  1.00 31.58 ? 42   PHE A CD2 1 
ATOM   269  C  CE1 . PHE A 1 42  ? -4.039  -2.206  -6.426  1.00 31.43 ? 42   PHE A CE1 1 
ATOM   270  C  CE2 . PHE A 1 42  ? -2.820  -4.275  -6.275  1.00 31.72 ? 42   PHE A CE2 1 
ATOM   271  C  CZ  . PHE A 1 42  ? -3.884  -3.472  -5.876  1.00 31.55 ? 42   PHE A CZ  1 
ATOM   272  N  N   . ARG A 1 43  ? 0.837   -2.995  -11.215 1.00 32.66 ? 43   ARG A N   1 
ATOM   273  C  CA  . ARG A 1 43  ? 1.465   -2.653  -12.488 1.00 33.21 ? 43   ARG A CA  1 
ATOM   274  C  C   . ARG A 1 43  ? 0.480   -1.912  -13.393 1.00 33.31 ? 43   ARG A C   1 
ATOM   275  O  O   . ARG A 1 43  ? -0.726  -2.166  -13.345 1.00 33.30 ? 43   ARG A O   1 
ATOM   276  C  CB  . ARG A 1 43  ? 1.966   -3.922  -13.182 1.00 33.37 ? 43   ARG A CB  1 
ATOM   277  C  CG  . ARG A 1 43  ? 3.099   -3.700  -14.172 1.00 34.55 ? 43   ARG A CG  1 
ATOM   278  C  CD  . ARG A 1 43  ? 4.116   -4.830  -14.214 1.00 36.22 ? 43   ARG A CD  1 
ATOM   279  N  NE  . ARG A 1 43  ? 5.383   -4.439  -13.598 1.00 37.56 ? 43   ARG A NE  1 
ATOM   280  C  CZ  . ARG A 1 43  ? 6.322   -5.288  -13.192 1.00 38.20 ? 43   ARG A CZ  1 
ATOM   281  N  NH1 . ARG A 1 43  ? 6.156   -6.599  -13.333 1.00 38.90 ? 43   ARG A NH1 1 
ATOM   282  N  NH2 . ARG A 1 43  ? 7.436   -4.823  -12.643 1.00 38.48 ? 43   ARG A NH2 1 
ATOM   283  N  N   . TYR A 1 44  ? 1.000   -0.994  -14.207 1.00 33.45 ? 44   TYR A N   1 
ATOM   284  C  CA  . TYR A 1 44  ? 0.188   -0.253  -15.178 1.00 33.64 ? 44   TYR A CA  1 
ATOM   285  C  C   . TYR A 1 44  ? 1.009   0.234   -16.375 1.00 33.87 ? 44   TYR A C   1 
ATOM   286  O  O   . TYR A 1 44  ? 2.241   0.192   -16.353 1.00 33.85 ? 44   TYR A O   1 
ATOM   287  C  CB  . TYR A 1 44  ? -0.543  0.919   -14.503 1.00 33.54 ? 44   TYR A CB  1 
ATOM   288  C  CG  . TYR A 1 44  ? 0.292   2.168   -14.285 1.00 33.29 ? 44   TYR A CG  1 
ATOM   289  C  CD1 . TYR A 1 44  ? 1.267   2.216   -13.287 1.00 33.14 ? 44   TYR A CD1 1 
ATOM   290  C  CD2 . TYR A 1 44  ? 0.093   3.306   -15.069 1.00 33.16 ? 44   TYR A CD2 1 
ATOM   291  C  CE1 . TYR A 1 44  ? 2.029   3.363   -13.080 1.00 32.96 ? 44   TYR A CE1 1 
ATOM   292  C  CE2 . TYR A 1 44  ? 0.848   4.458   -14.869 1.00 32.96 ? 44   TYR A CE2 1 
ATOM   293  C  CZ  . TYR A 1 44  ? 1.814   4.479   -13.874 1.00 33.00 ? 44   TYR A CZ  1 
ATOM   294  O  OH  . TYR A 1 44  ? 2.563   5.614   -13.671 1.00 32.95 ? 44   TYR A OH  1 
ATOM   295  N  N   . ASP A 1 45  ? 0.313   0.691   -17.415 1.00 34.17 ? 45   ASP A N   1 
ATOM   296  C  CA  . ASP A 1 45  ? 0.949   1.260   -18.602 1.00 34.47 ? 45   ASP A CA  1 
ATOM   297  C  C   . ASP A 1 45  ? 0.868   2.788   -18.580 1.00 34.63 ? 45   ASP A C   1 
ATOM   298  O  O   . ASP A 1 45  ? -0.220  3.358   -18.705 1.00 34.71 ? 45   ASP A O   1 
ATOM   299  C  CB  . ASP A 1 45  ? 0.303   0.710   -19.880 1.00 34.47 ? 45   ASP A CB  1 
ATOM   300  C  CG  . ASP A 1 45  ? 1.184   0.879   -21.112 1.00 34.59 ? 45   ASP A CG  1 
ATOM   301  O  OD1 . ASP A 1 45  ? 1.983   1.839   -21.170 1.00 34.74 ? 45   ASP A OD1 1 
ATOM   302  O  OD2 . ASP A 1 45  ? 1.137   0.094   -22.082 1.00 34.94 ? 45   ASP A OD2 1 
ATOM   303  N  N   . PRO A 1 46  ? 2.020   3.445   -18.425 1.00 34.85 ? 46   PRO A N   1 
ATOM   304  C  CA  . PRO A 1 46  ? 2.096   4.912   -18.385 1.00 34.95 ? 46   PRO A CA  1 
ATOM   305  C  C   . PRO A 1 46  ? 1.752   5.586   -19.715 1.00 35.07 ? 46   PRO A C   1 
ATOM   306  O  O   . PRO A 1 46  ? 1.395   6.766   -19.715 1.00 35.06 ? 46   PRO A O   1 
ATOM   307  C  CB  . PRO A 1 46  ? 3.563   5.178   -18.026 1.00 34.96 ? 46   PRO A CB  1 
ATOM   308  C  CG  . PRO A 1 46  ? 4.065   3.886   -17.496 1.00 34.96 ? 46   PRO A CG  1 
ATOM   309  C  CD  . PRO A 1 46  ? 3.348   2.827   -18.264 1.00 34.86 ? 46   PRO A CD  1 
ATOM   310  N  N   . ASN A 1 47  ? 1.869   4.853   -20.821 1.00 35.24 ? 47   ASN A N   1 
ATOM   311  C  CA  . ASN A 1 47  ? 1.493   5.366   -22.140 1.00 35.40 ? 47   ASN A CA  1 
ATOM   312  C  C   . ASN A 1 47  ? -0.022  5.403   -22.336 1.00 35.37 ? 47   ASN A C   1 
ATOM   313  O  O   . ASN A 1 47  ? -0.532  6.167   -23.161 1.00 35.39 ? 47   ASN A O   1 
ATOM   314  C  CB  . ASN A 1 47  ? 2.142   4.539   -23.257 1.00 35.44 ? 47   ASN A CB  1 
ATOM   315  C  CG  . ASN A 1 47  ? 3.660   4.599   -23.228 1.00 35.76 ? 47   ASN A CG  1 
ATOM   316  O  OD1 . ASN A 1 47  ? 4.254   5.646   -22.963 1.00 36.22 ? 47   ASN A OD1 1 
ATOM   317  N  ND2 . ASN A 1 47  ? 4.297   3.468   -23.508 1.00 35.89 ? 47   ASN A ND2 1 
ATOM   318  N  N   . VAL A 1 48  ? -0.732  4.571   -21.577 1.00 35.33 ? 48   VAL A N   1 
ATOM   319  C  CA  . VAL A 1 48  ? -2.189  4.494   -21.646 1.00 35.28 ? 48   VAL A CA  1 
ATOM   320  C  C   . VAL A 1 48  ? -2.839  5.338   -20.547 1.00 35.31 ? 48   VAL A C   1 
ATOM   321  O  O   . VAL A 1 48  ? -3.803  6.063   -20.802 1.00 35.31 ? 48   VAL A O   1 
ATOM   322  C  CB  . VAL A 1 48  ? -2.691  3.028   -21.556 1.00 35.28 ? 48   VAL A CB  1 
ATOM   323  C  CG1 . VAL A 1 48  ? -4.201  2.961   -21.729 1.00 35.18 ? 48   VAL A CG1 1 
ATOM   324  C  CG2 . VAL A 1 48  ? -1.997  2.147   -22.592 1.00 35.19 ? 48   VAL A CG2 1 
ATOM   325  N  N   . LEU A 1 49  ? -2.306  5.241   -19.330 1.00 35.33 ? 49   LEU A N   1 
ATOM   326  C  CA  . LEU A 1 49  ? -2.850  5.967   -18.185 1.00 35.36 ? 49   LEU A CA  1 
ATOM   327  C  C   . LEU A 1 49  ? -1.797  6.812   -17.483 1.00 35.38 ? 49   LEU A C   1 
ATOM   328  O  O   . LEU A 1 49  ? -0.696  6.339   -17.194 1.00 35.39 ? 49   LEU A O   1 
ATOM   329  C  CB  . LEU A 1 49  ? -3.485  5.002   -17.175 1.00 35.32 ? 49   LEU A CB  1 
ATOM   330  C  CG  . LEU A 1 49  ? -4.641  4.091   -17.601 1.00 35.22 ? 49   LEU A CG  1 
ATOM   331  C  CD1 . LEU A 1 49  ? -4.956  3.103   -16.487 1.00 35.04 ? 49   LEU A CD1 1 
ATOM   332  C  CD2 . LEU A 1 49  ? -5.883  4.888   -17.982 1.00 35.14 ? 49   LEU A CD2 1 
ATOM   333  N  N   . GLU A 1 50  ? -2.143  8.068   -17.217 1.00 35.44 ? 50   GLU A N   1 
ATOM   334  C  CA  . GLU A 1 50  ? -1.305  8.943   -16.407 1.00 35.53 ? 50   GLU A CA  1 
ATOM   335  C  C   . GLU A 1 50  ? -1.912  9.052   -15.011 1.00 35.42 ? 50   GLU A C   1 
ATOM   336  O  O   . GLU A 1 50  ? -2.891  9.772   -14.806 1.00 35.36 ? 50   GLU A O   1 
ATOM   337  C  CB  . GLU A 1 50  ? -1.164  10.325  -17.057 1.00 35.60 ? 50   GLU A CB  1 
ATOM   338  C  CG  . GLU A 1 50  ? -0.227  11.269  -16.313 1.00 36.15 ? 50   GLU A CG  1 
ATOM   339  C  CD  . GLU A 1 50  ? -0.250  12.686  -16.857 1.00 37.02 ? 50   GLU A CD  1 
ATOM   340  O  OE1 . GLU A 1 50  ? -1.350  13.222  -17.112 1.00 37.58 ? 50   GLU A OE1 1 
ATOM   341  O  OE2 . GLU A 1 50  ? 0.842   13.269  -17.024 1.00 37.72 ? 50   GLU A OE2 1 
ATOM   342  N  N   . ILE A 1 51  ? -1.337  8.317   -14.062 1.00 35.36 ? 51   ILE A N   1 
ATOM   343  C  CA  . ILE A 1 51  ? -1.817  8.336   -12.683 1.00 35.28 ? 51   ILE A CA  1 
ATOM   344  C  C   . ILE A 1 51  ? -1.270  9.567   -11.965 1.00 35.32 ? 51   ILE A C   1 
ATOM   345  O  O   . ILE A 1 51  ? -0.059  9.704   -11.771 1.00 35.27 ? 51   ILE A O   1 
ATOM   346  C  CB  . ILE A 1 51  ? -1.457  7.021   -11.940 1.00 35.27 ? 51   ILE A CB  1 
ATOM   347  C  CG1 . ILE A 1 51  ? -2.171  5.831   -12.595 1.00 35.16 ? 51   ILE A CG1 1 
ATOM   348  C  CG2 . ILE A 1 51  ? -1.819  7.123   -10.454 1.00 34.90 ? 51   ILE A CG2 1 
ATOM   349  C  CD1 . ILE A 1 51  ? -1.682  4.468   -12.144 1.00 35.15 ? 51   ILE A CD1 1 
ATOM   350  N  N   . ILE A 1 52  ? -2.180  10.459  -11.585 1.00 35.37 ? 52   ILE A N   1 
ATOM   351  C  CA  . ILE A 1 52  ? -1.818  11.753  -11.009 1.00 35.50 ? 52   ILE A CA  1 
ATOM   352  C  C   . ILE A 1 52  ? -1.954  11.802  -9.486  1.00 35.50 ? 52   ILE A C   1 
ATOM   353  O  O   . ILE A 1 52  ? -1.510  12.761  -8.849  1.00 35.46 ? 52   ILE A O   1 
ATOM   354  C  CB  . ILE A 1 52  ? -2.627  12.901  -11.676 1.00 35.52 ? 52   ILE A CB  1 
ATOM   355  C  CG1 . ILE A 1 52  ? -4.132  12.607  -11.648 1.00 35.65 ? 52   ILE A CG1 1 
ATOM   356  C  CG2 . ILE A 1 52  ? -2.141  13.137  -13.106 1.00 35.61 ? 52   ILE A CG2 1 
ATOM   357  C  CD1 . ILE A 1 52  ? -4.989  13.810  -11.293 1.00 36.13 ? 52   ILE A CD1 1 
ATOM   358  N  N   . GLY A 1 53  ? -2.567  10.769  -8.911  1.00 35.51 ? 53   GLY A N   1 
ATOM   359  C  CA  . GLY A 1 53  ? -2.739  10.691  -7.470  1.00 35.57 ? 53   GLY A CA  1 
ATOM   360  C  C   . GLY A 1 53  ? -3.500  9.472   -6.988  1.00 35.67 ? 53   GLY A C   1 
ATOM   361  O  O   . GLY A 1 53  ? -4.246  8.846   -7.746  1.00 35.67 ? 53   GLY A O   1 
ATOM   362  N  N   . ILE A 1 54  ? -3.293  9.131   -5.716  1.00 35.68 ? 54   ILE A N   1 
ATOM   363  C  CA  . ILE A 1 54  ? -4.030  8.057   -5.054  1.00 35.84 ? 54   ILE A CA  1 
ATOM   364  C  C   . ILE A 1 54  ? -4.525  8.546   -3.691  1.00 36.02 ? 54   ILE A C   1 
ATOM   365  O  O   . ILE A 1 54  ? -3.743  9.045   -2.880  1.00 36.00 ? 54   ILE A O   1 
ATOM   366  C  CB  . ILE A 1 54  ? -3.163  6.775   -4.895  1.00 35.73 ? 54   ILE A CB  1 
ATOM   367  C  CG1 . ILE A 1 54  ? -2.629  6.292   -6.249  1.00 35.59 ? 54   ILE A CG1 1 
ATOM   368  C  CG2 . ILE A 1 54  ? -3.967  5.664   -4.223  1.00 35.73 ? 54   ILE A CG2 1 
ATOM   369  C  CD1 . ILE A 1 54  ? -1.334  5.497   -6.165  1.00 34.89 ? 54   ILE A CD1 1 
ATOM   370  N  N   . ASP A 1 55  ? -5.827  8.398   -3.455  1.00 36.29 ? 55   ASP A N   1 
ATOM   371  C  CA  . ASP A 1 55  ? -6.453  8.836   -2.211  1.00 36.60 ? 55   ASP A CA  1 
ATOM   372  C  C   . ASP A 1 55  ? -6.944  7.645   -1.391  1.00 36.64 ? 55   ASP A C   1 
ATOM   373  O  O   . ASP A 1 55  ? -7.367  6.641   -1.962  1.00 36.67 ? 55   ASP A O   1 
ATOM   374  C  CB  . ASP A 1 55  ? -7.627  9.776   -2.505  1.00 36.72 ? 55   ASP A CB  1 
ATOM   375  C  CG  . ASP A 1 55  ? -7.217  10.995  -3.308  1.00 37.24 ? 55   ASP A CG  1 
ATOM   376  O  OD1 . ASP A 1 55  ? -6.346  11.762  -2.842  1.00 37.69 ? 55   ASP A OD1 1 
ATOM   377  O  OD2 . ASP A 1 55  ? -7.720  11.267  -4.418  1.00 37.99 ? 55   ASP A OD2 1 
ATOM   378  N  N   . PRO A 1 56  ? -6.882  7.750   -0.062  1.00 36.72 ? 56   PRO A N   1 
ATOM   379  C  CA  . PRO A 1 56  ? -7.433  6.712   0.820   1.00 36.86 ? 56   PRO A CA  1 
ATOM   380  C  C   . PRO A 1 56  ? -8.962  6.677   0.779   1.00 36.99 ? 56   PRO A C   1 
ATOM   381  O  O   . PRO A 1 56  ? -9.599  7.727   0.679   1.00 36.95 ? 56   PRO A O   1 
ATOM   382  C  CB  . PRO A 1 56  ? -6.952  7.140   2.211   1.00 36.84 ? 56   PRO A CB  1 
ATOM   383  C  CG  . PRO A 1 56  ? -6.738  8.610   2.105   1.00 36.83 ? 56   PRO A CG  1 
ATOM   384  C  CD  . PRO A 1 56  ? -6.268  8.852   0.702   1.00 36.72 ? 56   PRO A CD  1 
ATOM   385  N  N   . GLY A 1 57  ? -9.531  5.477   0.850   1.00 37.14 ? 57   GLY A N   1 
ATOM   386  C  CA  . GLY A 1 57  ? -10.973 5.304   0.871   1.00 37.39 ? 57   GLY A CA  1 
ATOM   387  C  C   . GLY A 1 57  ? -11.568 5.527   2.249   1.00 37.54 ? 57   GLY A C   1 
ATOM   388  O  O   . GLY A 1 57  ? -10.850 5.848   3.200   1.00 37.51 ? 57   GLY A O   1 
ATOM   389  N  N   . ASP A 1 58  ? -12.883 5.345   2.356   1.00 37.82 ? 58   ASP A N   1 
ATOM   390  C  CA  . ASP A 1 58  ? -13.603 5.608   3.605   1.00 38.04 ? 58   ASP A CA  1 
ATOM   391  C  C   . ASP A 1 58  ? -13.392 4.549   4.693   1.00 37.90 ? 58   ASP A C   1 
ATOM   392  O  O   . ASP A 1 58  ? -13.723 4.785   5.857   1.00 37.91 ? 58   ASP A O   1 
ATOM   393  C  CB  . ASP A 1 58  ? -15.105 5.829   3.352   1.00 38.25 ? 58   ASP A CB  1 
ATOM   394  C  CG  . ASP A 1 58  ? -15.683 4.870   2.325   1.00 39.00 ? 58   ASP A CG  1 
ATOM   395  O  OD1 . ASP A 1 58  ? -15.589 3.638   2.522   1.00 39.93 ? 58   ASP A OD1 1 
ATOM   396  O  OD2 . ASP A 1 58  ? -16.265 5.263   1.290   1.00 40.33 ? 58   ASP A OD2 1 
ATOM   397  N  N   . ILE A 1 59  ? -12.840 3.395   4.319   1.00 37.77 ? 59   ILE A N   1 
ATOM   398  C  CA  . ILE A 1 59  ? -12.561 2.329   5.289   1.00 37.62 ? 59   ILE A CA  1 
ATOM   399  C  C   . ILE A 1 59  ? -11.302 2.604   6.124   1.00 37.61 ? 59   ILE A C   1 
ATOM   400  O  O   . ILE A 1 59  ? -11.027 1.898   7.098   1.00 37.60 ? 59   ILE A O   1 
ATOM   401  C  CB  . ILE A 1 59  ? -12.519 0.923   4.618   1.00 37.57 ? 59   ILE A CB  1 
ATOM   402  C  CG1 . ILE A 1 59  ? -11.321 0.788   3.668   1.00 37.51 ? 59   ILE A CG1 1 
ATOM   403  C  CG2 . ILE A 1 59  ? -13.854 0.618   3.924   1.00 37.54 ? 59   ILE A CG2 1 
ATOM   404  C  CD1 . ILE A 1 59  ? -11.012 -0.640  3.249   1.00 37.26 ? 59   ILE A CD1 1 
ATOM   405  N  N   . ILE A 1 60  ? -10.548 3.630   5.734   1.00 37.57 ? 60   ILE A N   1 
ATOM   406  C  CA  . ILE A 1 60  ? -9.464  4.153   6.561   1.00 37.57 ? 60   ILE A CA  1 
ATOM   407  C  C   . ILE A 1 60  ? -10.037 5.269   7.435   1.00 37.51 ? 60   ILE A C   1 
ATOM   408  O  O   . ILE A 1 60  ? -10.456 6.316   6.930   1.00 37.52 ? 60   ILE A O   1 
ATOM   409  C  CB  . ILE A 1 60  ? -8.271  4.629   5.689   1.00 37.58 ? 60   ILE A CB  1 
ATOM   410  C  CG1 . ILE A 1 60  ? -7.461  3.422   5.209   1.00 37.71 ? 60   ILE A CG1 1 
ATOM   411  C  CG2 . ILE A 1 60  ? -7.359  5.586   6.460   1.00 37.63 ? 60   ILE A CG2 1 
ATOM   412  C  CD1 . ILE A 1 60  ? -7.234  3.389   3.719   1.00 37.72 ? 60   ILE A CD1 1 
ATOM   413  N  N   . VAL A 1 61  ? -10.064 5.025   8.743   1.00 37.45 ? 61   VAL A N   1 
ATOM   414  C  CA  . VAL A 1 61  ? -10.788 5.887   9.684   1.00 37.38 ? 61   VAL A CA  1 
ATOM   415  C  C   . VAL A 1 61  ? -9.905  6.876   10.453  1.00 37.29 ? 61   VAL A C   1 
ATOM   416  O  O   . VAL A 1 61  ? -10.418 7.725   11.187  1.00 37.27 ? 61   VAL A O   1 
ATOM   417  C  CB  . VAL A 1 61  ? -11.659 5.060   10.678  1.00 37.41 ? 61   VAL A CB  1 
ATOM   418  C  CG1 . VAL A 1 61  ? -12.781 4.337   9.939   1.00 37.32 ? 61   VAL A CG1 1 
ATOM   419  C  CG2 . VAL A 1 61  ? -10.807 4.076   11.480  1.00 37.47 ? 61   VAL A CG2 1 
ATOM   420  N  N   . ASP A 1 62  ? -8.587  6.759   10.283  1.00 37.18 ? 62   ASP A N   1 
ATOM   421  C  CA  . ASP A 1 62  ? -7.628  7.686   10.885  1.00 37.11 ? 62   ASP A CA  1 
ATOM   422  C  C   . ASP A 1 62  ? -7.993  9.134   10.532  1.00 37.00 ? 62   ASP A C   1 
ATOM   423  O  O   . ASP A 1 62  ? -8.059  9.483   9.349   1.00 36.96 ? 62   ASP A O   1 
ATOM   424  C  CB  . ASP A 1 62  ? -6.205  7.363   10.404  1.00 37.17 ? 62   ASP A CB  1 
ATOM   425  C  CG  . ASP A 1 62  ? -5.118  8.001   11.268  1.00 37.30 ? 62   ASP A CG  1 
ATOM   426  O  OD1 . ASP A 1 62  ? -5.280  9.157   11.714  1.00 37.58 ? 62   ASP A OD1 1 
ATOM   427  O  OD2 . ASP A 1 62  ? -4.047  7.421   11.544  1.00 37.47 ? 62   ASP A OD2 1 
ATOM   428  N  N   . PRO A 1 63  ? -8.250  9.959   11.553  1.00 36.84 ? 63   PRO A N   1 
ATOM   429  C  CA  . PRO A 1 63  ? -8.570  11.384  11.357  1.00 36.69 ? 63   PRO A CA  1 
ATOM   430  C  C   . PRO A 1 63  ? -7.434  12.160  10.685  1.00 36.49 ? 63   PRO A C   1 
ATOM   431  O  O   . PRO A 1 63  ? -7.681  13.200  10.068  1.00 36.50 ? 63   PRO A O   1 
ATOM   432  C  CB  . PRO A 1 63  ? -8.790  11.896  12.785  1.00 36.72 ? 63   PRO A CB  1 
ATOM   433  C  CG  . PRO A 1 63  ? -8.100  10.908  13.662  1.00 36.82 ? 63   PRO A CG  1 
ATOM   434  C  CD  . PRO A 1 63  ? -8.266  9.588   12.980  1.00 36.87 ? 63   PRO A CD  1 
ATOM   435  N  N   . ASN A 1 64  ? -6.211  11.654  10.826  1.00 36.20 ? 64   ASN A N   1 
ATOM   436  C  CA  . ASN A 1 64  ? -5.054  12.141  10.087  1.00 35.93 ? 64   ASN A CA  1 
ATOM   437  C  C   . ASN A 1 64  ? -4.569  11.028  9.150   1.00 35.52 ? 64   ASN A C   1 
ATOM   438  O  O   . ASN A 1 64  ? -3.581  10.354  9.448   1.00 35.44 ? 64   ASN A O   1 
ATOM   439  C  CB  . ASN A 1 64  ? -3.939  12.545  11.058  1.00 36.04 ? 64   ASN A CB  1 
ATOM   440  C  CG  . ASN A 1 64  ? -3.402  13.940  10.796  1.00 36.64 ? 64   ASN A CG  1 
ATOM   441  O  OD1 . ASN A 1 64  ? -3.395  14.788  11.691  1.00 37.46 ? 64   ASN A OD1 1 
ATOM   442  N  ND2 . ASN A 1 64  ? -2.940  14.187  9.573   1.00 36.98 ? 64   ASN A ND2 1 
ATOM   443  N  N   . PRO A 1 65  ? -5.265  10.831  8.025   1.00 35.15 ? 65   PRO A N   1 
ATOM   444  C  CA  . PRO A 1 65  ? -5.068  9.641   7.183   1.00 34.82 ? 65   PRO A CA  1 
ATOM   445  C  C   . PRO A 1 65  ? -3.642  9.432   6.668   1.00 34.50 ? 65   PRO A C   1 
ATOM   446  O  O   . PRO A 1 65  ? -3.257  8.280   6.457   1.00 34.46 ? 65   PRO A O   1 
ATOM   447  C  CB  . PRO A 1 65  ? -6.037  9.867   6.014   1.00 34.83 ? 65   PRO A CB  1 
ATOM   448  C  CG  . PRO A 1 65  ? -6.325  11.322  6.023   1.00 35.02 ? 65   PRO A CG  1 
ATOM   449  C  CD  . PRO A 1 65  ? -6.286  11.732  7.460   1.00 35.14 ? 65   PRO A CD  1 
ATOM   450  N  N   . THR A 1 66  ? -2.879  10.510  6.485   1.00 34.08 ? 66   THR A N   1 
ATOM   451  C  CA  . THR A 1 66  ? -1.503  10.416  5.979   1.00 33.77 ? 66   THR A CA  1 
ATOM   452  C  C   . THR A 1 66  ? -0.547  9.742   6.968   1.00 33.50 ? 66   THR A C   1 
ATOM   453  O  O   . THR A 1 66  ? 0.520   9.262   6.577   1.00 33.40 ? 66   THR A O   1 
ATOM   454  C  CB  . THR A 1 66  ? -0.957  11.806  5.575   1.00 33.79 ? 66   THR A CB  1 
ATOM   455  O  OG1 . THR A 1 66  ? -1.088  12.716  6.675   1.00 33.97 ? 66   THR A OG1 1 
ATOM   456  C  CG2 . THR A 1 66  ? -1.810  12.434  4.475   1.00 33.76 ? 66   THR A CG2 1 
ATOM   457  N  N   . LYS A 1 67  ? -0.932  9.717   8.242   1.00 33.17 ? 67   LYS A N   1 
ATOM   458  C  CA  . LYS A 1 67  ? -0.151  9.047   9.281   1.00 32.97 ? 67   LYS A CA  1 
ATOM   459  C  C   . LYS A 1 67  ? -0.218  7.524   9.140   1.00 32.57 ? 67   LYS A C   1 
ATOM   460  O  O   . LYS A 1 67  ? 0.736   6.822   9.479   1.00 32.56 ? 67   LYS A O   1 
ATOM   461  C  CB  . LYS A 1 67  ? -0.622  9.472   10.677  1.00 33.06 ? 67   LYS A CB  1 
ATOM   462  C  CG  . LYS A 1 67  ? -0.528  10.970  10.947  1.00 33.72 ? 67   LYS A CG  1 
ATOM   463  C  CD  . LYS A 1 67  ? 0.423   11.277  12.092  1.00 34.83 ? 67   LYS A CD  1 
ATOM   464  C  CE  . LYS A 1 67  ? 0.359   12.748  12.484  1.00 35.52 ? 67   LYS A CE  1 
ATOM   465  N  NZ  . LYS A 1 67  ? 1.633   13.461  12.186  1.00 36.03 ? 67   LYS A NZ  1 
ATOM   466  N  N   . SER A 1 68  ? -1.346  7.031   8.628   1.00 32.12 ? 68   SER A N   1 
ATOM   467  C  CA  . SER A 1 68  ? -1.581  5.595   8.461   1.00 31.70 ? 68   SER A CA  1 
ATOM   468  C  C   . SER A 1 68  ? -1.477  5.117   7.010   1.00 31.40 ? 68   SER A C   1 
ATOM   469  O  O   . SER A 1 68  ? -1.228  3.937   6.764   1.00 31.41 ? 68   SER A O   1 
ATOM   470  C  CB  . SER A 1 68  ? -2.956  5.217   9.019   1.00 31.72 ? 68   SER A CB  1 
ATOM   471  O  OG  . SER A 1 68  ? -2.989  5.335   10.429  1.00 31.71 ? 68   SER A OG  1 
ATOM   472  N  N   . PHE A 1 69  ? -1.663  6.034   6.061   1.00 31.00 ? 69   PHE A N   1 
ATOM   473  C  CA  . PHE A 1 69  ? -1.778  5.691   4.642   1.00 30.60 ? 69   PHE A CA  1 
ATOM   474  C  C   . PHE A 1 69  ? -0.830  6.528   3.785   1.00 30.38 ? 69   PHE A C   1 
ATOM   475  O  O   . PHE A 1 69  ? -0.809  7.753   3.896   1.00 30.28 ? 69   PHE A O   1 
ATOM   476  C  CB  . PHE A 1 69  ? -3.234  5.894   4.193   1.00 30.58 ? 69   PHE A CB  1 
ATOM   477  C  CG  . PHE A 1 69  ? -3.509  5.501   2.764   1.00 30.62 ? 69   PHE A CG  1 
ATOM   478  C  CD1 . PHE A 1 69  ? -3.433  6.442   1.739   1.00 30.51 ? 69   PHE A CD1 1 
ATOM   479  C  CD2 . PHE A 1 69  ? -3.885  4.198   2.447   1.00 30.67 ? 69   PHE A CD2 1 
ATOM   480  C  CE1 . PHE A 1 69  ? -3.706  6.088   0.420   1.00 30.57 ? 69   PHE A CE1 1 
ATOM   481  C  CE2 . PHE A 1 69  ? -4.158  3.833   1.130   1.00 30.73 ? 69   PHE A CE2 1 
ATOM   482  C  CZ  . PHE A 1 69  ? -4.069  4.781   0.115   1.00 30.66 ? 69   PHE A CZ  1 
ATOM   483  N  N   . ASP A 1 70  ? -0.052  5.857   2.933   1.00 30.12 ? 70   ASP A N   1 
ATOM   484  C  CA  . ASP A 1 70  ? 0.845   6.525   1.985   1.00 29.86 ? 70   ASP A CA  1 
ATOM   485  C  C   . ASP A 1 70  ? 1.009   5.712   0.700   1.00 29.71 ? 70   ASP A C   1 
ATOM   486  O  O   . ASP A 1 70  ? 0.920   4.481   0.721   1.00 29.74 ? 70   ASP A O   1 
ATOM   487  C  CB  . ASP A 1 70  ? 2.219   6.793   2.615   1.00 29.76 ? 70   ASP A CB  1 
ATOM   488  C  CG  . ASP A 1 70  ? 2.967   7.950   1.947   1.00 29.84 ? 70   ASP A CG  1 
ATOM   489  O  OD1 . ASP A 1 70  ? 2.512   8.457   0.896   1.00 29.60 ? 70   ASP A OD1 1 
ATOM   490  O  OD2 . ASP A 1 70  ? 4.027   8.422   2.407   1.00 29.64 ? 70   ASP A OD2 1 
ATOM   491  N  N   . THR A 1 71  ? 1.240   6.412   -0.411  1.00 29.52 ? 71   THR A N   1 
ATOM   492  C  CA  . THR A 1 71  ? 1.421   5.784   -1.722  1.00 29.41 ? 71   THR A CA  1 
ATOM   493  C  C   . THR A 1 71  ? 2.597   6.384   -2.498  1.00 29.28 ? 71   THR A C   1 
ATOM   494  O  O   . THR A 1 71  ? 3.173   7.399   -2.094  1.00 29.25 ? 71   THR A O   1 
ATOM   495  C  CB  . THR A 1 71  ? 0.135   5.893   -2.584  1.00 29.44 ? 71   THR A CB  1 
ATOM   496  O  OG1 . THR A 1 71  ? -0.339  7.245   -2.576  1.00 29.61 ? 71   THR A OG1 1 
ATOM   497  C  CG2 . THR A 1 71  ? -1.013  5.093   -1.980  1.00 29.43 ? 71   THR A CG2 1 
ATOM   498  N  N   . ALA A 1 72  ? 2.938   5.748   -3.617  1.00 29.08 ? 72   ALA A N   1 
ATOM   499  C  CA  . ALA A 1 72  ? 3.974   6.238   -4.524  1.00 29.04 ? 72   ALA A CA  1 
ATOM   500  C  C   . ALA A 1 72  ? 3.682   5.820   -5.963  1.00 29.02 ? 72   ALA A C   1 
ATOM   501  O  O   . ALA A 1 72  ? 3.211   4.706   -6.210  1.00 29.00 ? 72   ALA A O   1 
ATOM   502  C  CB  . ALA A 1 72  ? 5.341   5.738   -4.087  1.00 28.90 ? 72   ALA A CB  1 
ATOM   503  N  N   . ILE A 1 73  ? 3.960   6.721   -6.905  1.00 28.99 ? 73   ILE A N   1 
ATOM   504  C  CA  . ILE A 1 73  ? 3.730   6.474   -8.332  1.00 29.16 ? 73   ILE A CA  1 
ATOM   505  C  C   . ILE A 1 73  ? 5.044   6.565   -9.115  1.00 29.25 ? 73   ILE A C   1 
ATOM   506  O  O   . ILE A 1 73  ? 5.747   7.575   -9.039  1.00 29.26 ? 73   ILE A O   1 
ATOM   507  C  CB  . ILE A 1 73  ? 2.683   7.474   -8.906  1.00 29.11 ? 73   ILE A CB  1 
ATOM   508  C  CG1 . ILE A 1 73  ? 1.356   7.379   -8.146  1.00 29.10 ? 73   ILE A CG1 1 
ATOM   509  C  CG2 . ILE A 1 73  ? 2.458   7.233   -10.400 1.00 28.99 ? 73   ILE A CG2 1 
ATOM   510  C  CD1 . ILE A 1 73  ? 0.650   8.712   -7.961  1.00 29.64 ? 73   ILE A CD1 1 
ATOM   511  N  N   . TYR A 1 74  ? 5.363   5.510   -9.864  1.00 29.46 ? 74   TYR A N   1 
ATOM   512  C  CA  . TYR A 1 74  ? 6.592   5.454   -10.660 1.00 29.68 ? 74   TYR A CA  1 
ATOM   513  C  C   . TYR A 1 74  ? 6.317   5.123   -12.131 1.00 29.91 ? 74   TYR A C   1 
ATOM   514  O  O   . TYR A 1 74  ? 6.337   3.952   -12.517 1.00 29.99 ? 74   TYR A O   1 
ATOM   515  C  CB  . TYR A 1 74  ? 7.579   4.437   -10.071 1.00 29.55 ? 74   TYR A CB  1 
ATOM   516  C  CG  . TYR A 1 74  ? 7.827   4.596   -8.590  1.00 29.40 ? 74   TYR A CG  1 
ATOM   517  C  CD1 . TYR A 1 74  ? 7.291   3.688   -7.679  1.00 29.11 ? 74   TYR A CD1 1 
ATOM   518  C  CD2 . TYR A 1 74  ? 8.597   5.651   -8.099  1.00 28.97 ? 74   TYR A CD2 1 
ATOM   519  C  CE1 . TYR A 1 74  ? 7.513   3.825   -6.318  1.00 28.80 ? 74   TYR A CE1 1 
ATOM   520  C  CE2 . TYR A 1 74  ? 8.823   5.798   -6.738  1.00 28.93 ? 74   TYR A CE2 1 
ATOM   521  C  CZ  . TYR A 1 74  ? 8.279   4.882   -5.855  1.00 28.83 ? 74   TYR A CZ  1 
ATOM   522  O  OH  . TYR A 1 74  ? 8.495   5.020   -4.506  1.00 28.33 ? 74   TYR A OH  1 
ATOM   523  N  N   . PRO A 1 75  ? 6.054   6.149   -12.946 1.00 30.21 ? 75   PRO A N   1 
ATOM   524  C  CA  . PRO A 1 75  ? 5.833   5.960   -14.389 1.00 30.43 ? 75   PRO A CA  1 
ATOM   525  C  C   . PRO A 1 75  ? 7.000   5.278   -15.112 1.00 30.64 ? 75   PRO A C   1 
ATOM   526  O  O   . PRO A 1 75  ? 6.751   4.430   -15.970 1.00 30.76 ? 75   PRO A O   1 
ATOM   527  C  CB  . PRO A 1 75  ? 5.628   7.390   -14.912 1.00 30.42 ? 75   PRO A CB  1 
ATOM   528  C  CG  . PRO A 1 75  ? 6.134   8.283   -13.836 1.00 30.51 ? 75   PRO A CG  1 
ATOM   529  C  CD  . PRO A 1 75  ? 5.911   7.561   -12.549 1.00 30.15 ? 75   PRO A CD  1 
ATOM   530  N  N   . ASP A 1 76  ? 8.255   5.618   -14.729 1.00 30.79 ? 76   ASP A N   1 
ATOM   531  C  CA  . ASP A 1 76  ? 9.423   5.025   -15.400 1.00 30.92 ? 76   ASP A CA  1 
ATOM   532  C  C   . ASP A 1 76  ? 9.543   3.523   -15.091 1.00 30.94 ? 76   ASP A C   1 
ATOM   533  O  O   . ASP A 1 76  ? 10.102  2.753   -15.881 1.00 31.06 ? 76   ASP A O   1 
ATOM   534  C  CB  . ASP A 1 76  ? 10.730  5.684   -14.929 1.00 31.02 ? 76   ASP A CB  1 
ATOM   535  C  CG  . ASP A 1 76  ? 10.820  7.169   -15.231 1.00 31.27 ? 76   ASP A CG  1 
ATOM   536  N  N   . ARG A 1 77  ? 9.014   3.122   -13.938 1.00 30.74 ? 77   ARG A N   1 
ATOM   537  C  CA  . ARG A 1 77  ? 9.075   1.704   -13.509 1.00 30.60 ? 77   ARG A CA  1 
ATOM   538  C  C   . ARG A 1 77  ? 7.722   0.991   -13.745 1.00 30.32 ? 77   ARG A C   1 
ATOM   539  O  O   . ARG A 1 77  ? 7.596   -0.219  -13.517 1.00 30.25 ? 77   ARG A O   1 
ATOM   540  C  CB  . ARG A 1 77  ? 9.454   1.614   -12.032 1.00 30.69 ? 77   ARG A CB  1 
ATOM   541  C  CG  . ARG A 1 77  ? 10.975  1.592   -11.829 1.00 31.36 ? 77   ARG A CG  1 
ATOM   542  C  CD  . ARG A 1 77  ? 11.388  1.251   -10.404 1.00 32.34 ? 77   ARG A CD  1 
ATOM   543  N  NE  . ARG A 1 77  ? 11.294  2.401   -9.513  1.00 32.98 ? 77   ARG A NE  1 
ATOM   544  C  CZ  . ARG A 1 77  ? 11.227  2.321   -8.190  1.00 33.36 ? 77   ARG A CZ  1 
ATOM   545  N  NH1 . ARG A 1 77  ? 11.248  1.130   -7.569  1.00 33.68 ? 77   ARG A NH1 1 
ATOM   546  N  NH2 . ARG A 1 77  ? 11.134  3.392   -7.397  1.00 33.70 ? 77   ARG A NH2 1 
ATOM   547  N  N   . LYS A 1 78  ? 6.754   1.779   -14.196 1.00 30.04 ? 78   LYS A N   1 
ATOM   548  C  CA  . LYS A 1 78  ? 5.387   1.305   -14.541 1.00 29.78 ? 78   LYS A CA  1 
ATOM   549  C  C   . LYS A 1 78  ? 4.657   0.628   -13.360 1.00 29.53 ? 78   LYS A C   1 
ATOM   550  O  O   . LYS A 1 78  ? 3.887   -0.334  -13.546 1.00 29.49 ? 78   LYS A O   1 
ATOM   551  C  CB  . LYS A 1 78  ? 5.474   0.280   -15.665 1.00 29.84 ? 78   LYS A CB  1 
ATOM   552  C  CG  . LYS A 1 78  ? 6.158   0.816   -16.915 1.00 29.90 ? 78   LYS A CG  1 
ATOM   553  C  CD  . LYS A 1 78  ? 6.125   -0.196  -18.024 1.00 30.70 ? 78   LYS A CD  1 
ATOM   554  N  N   . ILE A 1 79  ? 4.888   1.134   -12.157 1.00 29.19 ? 79   ILE A N   1 
ATOM   555  C  CA  . ILE A 1 79  ? 4.249   0.571   -10.944 1.00 28.87 ? 79   ILE A CA  1 
ATOM   556  C  C   . ILE A 1 79  ? 3.739   1.676   -10.007 1.00 28.67 ? 79   ILE A C   1 
ATOM   557  O  O   . ILE A 1 79  ? 4.197   2.824   -10.048 1.00 28.55 ? 79   ILE A O   1 
ATOM   558  C  CB  . ILE A 1 79  ? 5.247   -0.297  -10.172 1.00 28.88 ? 79   ILE A CB  1 
ATOM   559  C  CG1 . ILE A 1 79  ? 6.615   0.384   -9.983  1.00 28.83 ? 79   ILE A CG1 1 
ATOM   560  C  CG2 . ILE A 1 79  ? 5.520   -1.633  -10.875 1.00 28.85 ? 79   ILE A CG2 1 
ATOM   561  C  CD1 . ILE A 1 79  ? 7.276   0.057   -8.637  1.00 28.89 ? 79   ILE A CD1 1 
ATOM   562  N  N   . ILE A 1 80  ? 2.749   1.268   -9.193  1.00 28.46 ? 80   ILE A N   1 
ATOM   563  C  CA  . ILE A 1 80  ? 2.266   2.076   -8.074  1.00 28.35 ? 80   ILE A CA  1 
ATOM   564  C  C   . ILE A 1 80  ? 2.321   1.245   -6.791  1.00 28.23 ? 80   ILE A C   1 
ATOM   565  O  O   . ILE A 1 80  ? 2.105   0.032   -6.823  1.00 28.25 ? 80   ILE A O   1 
ATOM   566  C  CB  . ILE A 1 80  ? 0.833   2.632   -8.329  1.00 28.36 ? 80   ILE A CB  1 
ATOM   567  C  CG1 . ILE A 1 80  ? -0.138  1.516   -8.743  1.00 28.53 ? 80   ILE A CG1 1 
ATOM   568  C  CG2 . ILE A 1 80  ? 0.868   3.754   -9.367  1.00 28.38 ? 80   ILE A CG2 1 
ATOM   569  C  CD1 . ILE A 1 80  ? -1.613  1.866   -8.564  1.00 28.36 ? 80   ILE A CD1 1 
ATOM   570  N  N   . VAL A 1 81  ? 2.627   1.896   -5.672  1.00 28.11 ? 81   VAL A N   1 
ATOM   571  C  CA  . VAL A 1 81  ? 2.829   1.195   -4.403  1.00 28.04 ? 81   VAL A CA  1 
ATOM   572  C  C   . VAL A 1 81  ? 1.928   1.747   -3.300  1.00 28.06 ? 81   VAL A C   1 
ATOM   573  O  O   . VAL A 1 81  ? 1.747   2.958   -3.186  1.00 28.05 ? 81   VAL A O   1 
ATOM   574  C  CB  . VAL A 1 81  ? 4.312   1.244   -3.936  1.00 28.01 ? 81   VAL A CB  1 
ATOM   575  C  CG1 . VAL A 1 81  ? 4.580   0.189   -2.863  1.00 27.83 ? 81   VAL A CG1 1 
ATOM   576  C  CG2 . VAL A 1 81  ? 5.272   1.062   -5.111  1.00 27.84 ? 81   VAL A CG2 1 
ATOM   577  N  N   . PHE A 1 82  ? 1.376   0.844   -2.493  1.00 28.05 ? 82   PHE A N   1 
ATOM   578  C  CA  . PHE A 1 82  ? 0.499   1.204   -1.382  1.00 28.23 ? 82   PHE A CA  1 
ATOM   579  C  C   . PHE A 1 82  ? 1.136   0.805   -0.055  1.00 28.39 ? 82   PHE A C   1 
ATOM   580  O  O   . PHE A 1 82  ? 1.666   -0.299  0.075   1.00 28.38 ? 82   PHE A O   1 
ATOM   581  C  CB  . PHE A 1 82  ? -0.856  0.499   -1.519  1.00 28.26 ? 82   PHE A CB  1 
ATOM   582  C  CG  . PHE A 1 82  ? -1.627  0.878   -2.757  1.00 28.19 ? 82   PHE A CG  1 
ATOM   583  C  CD1 . PHE A 1 82  ? -1.340  0.287   -3.984  1.00 28.18 ? 82   PHE A CD1 1 
ATOM   584  C  CD2 . PHE A 1 82  ? -2.655  1.811   -2.690  1.00 28.35 ? 82   PHE A CD2 1 
ATOM   585  C  CE1 . PHE A 1 82  ? -2.054  0.632   -5.127  1.00 28.46 ? 82   PHE A CE1 1 
ATOM   586  C  CE2 . PHE A 1 82  ? -3.378  2.161   -3.828  1.00 28.28 ? 82   PHE A CE2 1 
ATOM   587  C  CZ  . PHE A 1 82  ? -3.075  1.571   -5.049  1.00 28.39 ? 82   PHE A CZ  1 
ATOM   588  N  N   . LEU A 1 83  ? 1.088   1.704   0.925   1.00 28.52 ? 83   LEU A N   1 
ATOM   589  C  CA  . LEU A 1 83  ? 1.546   1.385   2.277   1.00 28.74 ? 83   LEU A CA  1 
ATOM   590  C  C   . LEU A 1 83  ? 0.543   1.825   3.338   1.00 28.91 ? 83   LEU A C   1 
ATOM   591  O  O   . LEU A 1 83  ? 0.331   3.020   3.558   1.00 28.93 ? 83   LEU A O   1 
ATOM   592  C  CB  . LEU A 1 83  ? 2.935   1.981   2.557   1.00 28.61 ? 83   LEU A CB  1 
ATOM   593  C  CG  . LEU A 1 83  ? 3.514   1.888   3.980   1.00 28.64 ? 83   LEU A CG  1 
ATOM   594  C  CD1 . LEU A 1 83  ? 3.713   0.445   4.432   1.00 28.47 ? 83   LEU A CD1 1 
ATOM   595  C  CD2 . LEU A 1 83  ? 4.819   2.661   4.089   1.00 28.29 ? 83   LEU A CD2 1 
ATOM   596  N  N   . PHE A 1 84  ? -0.072  0.841   3.987   1.00 29.28 ? 84   PHE A N   1 
ATOM   597  C  CA  . PHE A 1 84  ? -0.965  1.093   5.111   1.00 29.65 ? 84   PHE A CA  1 
ATOM   598  C  C   . PHE A 1 84  ? -0.411  0.450   6.374   1.00 30.04 ? 84   PHE A C   1 
ATOM   599  O  O   . PHE A 1 84  ? -0.031  -0.720  6.371   1.00 30.04 ? 84   PHE A O   1 
ATOM   600  C  CB  . PHE A 1 84  ? -2.380  0.575   4.825   1.00 29.59 ? 84   PHE A CB  1 
ATOM   601  C  CG  . PHE A 1 84  ? -3.330  0.708   5.992   1.00 29.61 ? 84   PHE A CG  1 
ATOM   602  C  CD1 . PHE A 1 84  ? -3.874  1.946   6.330   1.00 29.43 ? 84   PHE A CD1 1 
ATOM   603  C  CD2 . PHE A 1 84  ? -3.679  -0.404  6.754   1.00 29.45 ? 84   PHE A CD2 1 
ATOM   604  C  CE1 . PHE A 1 84  ? -4.752  2.075   7.409   1.00 29.53 ? 84   PHE A CE1 1 
ATOM   605  C  CE2 . PHE A 1 84  ? -4.555  -0.287  7.836   1.00 29.67 ? 84   PHE A CE2 1 
ATOM   606  C  CZ  . PHE A 1 84  ? -5.093  0.957   8.162   1.00 29.39 ? 84   PHE A CZ  1 
ATOM   607  N  N   . ALA A 1 85  ? -0.358  1.240   7.443   1.00 30.55 ? 85   ALA A N   1 
ATOM   608  C  CA  . ALA A 1 85  ? -0.002  0.759   8.773   1.00 31.07 ? 85   ALA A CA  1 
ATOM   609  C  C   . ALA A 1 85  ? -0.652  1.683   9.793   1.00 31.49 ? 85   ALA A C   1 
ATOM   610  O  O   . ALA A 1 85  ? -0.177  2.800   10.020  1.00 31.53 ? 85   ALA A O   1 
ATOM   611  C  CB  . ALA A 1 85  ? 1.514   0.723   8.954   1.00 31.02 ? 85   ALA A CB  1 
ATOM   612  N  N   . GLU A 1 86  ? -1.749  1.216   10.390  1.00 32.01 ? 86   GLU A N   1 
ATOM   613  C  CA  . GLU A 1 86  ? -2.537  2.025   11.322  1.00 32.62 ? 86   GLU A CA  1 
ATOM   614  C  C   . GLU A 1 86  ? -1.660  2.646   12.414  1.00 32.96 ? 86   GLU A C   1 
ATOM   615  O  O   . GLU A 1 86  ? -0.822  1.968   13.011  1.00 32.95 ? 86   GLU A O   1 
ATOM   616  C  CB  . GLU A 1 86  ? -3.714  1.219   11.896  1.00 32.61 ? 86   GLU A CB  1 
ATOM   617  C  CG  . GLU A 1 86  ? -3.369  0.203   12.976  1.00 32.99 ? 86   GLU A CG  1 
ATOM   618  C  CD  . GLU A 1 86  ? -3.456  0.791   14.373  1.00 33.37 ? 86   GLU A CD  1 
ATOM   619  O  OE1 . GLU A 1 86  ? -4.288  1.696   14.587  1.00 33.74 ? 86   GLU A OE1 1 
ATOM   620  O  OE2 . GLU A 1 86  ? -2.689  0.355   15.256  1.00 33.52 ? 86   GLU A OE2 1 
ATOM   621  N  N   . ASP A 1 87  ? -1.855  3.941   12.654  1.00 33.50 ? 87   ASP A N   1 
ATOM   622  C  CA  . ASP A 1 87  ? -0.927  4.725   13.468  1.00 34.11 ? 87   ASP A CA  1 
ATOM   623  C  C   . ASP A 1 87  ? -1.426  5.074   14.877  1.00 34.47 ? 87   ASP A C   1 
ATOM   624  O  O   . ASP A 1 87  ? -0.887  5.976   15.526  1.00 34.56 ? 87   ASP A O   1 
ATOM   625  C  CB  . ASP A 1 87  ? -0.522  5.997   12.708  1.00 34.09 ? 87   ASP A CB  1 
ATOM   626  C  CG  . ASP A 1 87  ? 0.823   6.542   13.146  1.00 34.36 ? 87   ASP A CG  1 
ATOM   627  O  OD1 . ASP A 1 87  ? 1.775   5.745   13.304  1.00 34.65 ? 87   ASP A OD1 1 
ATOM   628  O  OD2 . ASP A 1 87  ? 1.021   7.756   13.360  1.00 34.85 ? 87   ASP A OD2 1 
ATOM   629  N  N   . SER A 1 88  ? -2.441  4.357   15.355  1.00 34.99 ? 88   SER A N   1 
ATOM   630  C  CA  . SER A 1 88  ? -2.983  4.599   16.694  1.00 35.52 ? 88   SER A CA  1 
ATOM   631  C  C   . SER A 1 88  ? -2.065  4.064   17.791  1.00 35.89 ? 88   SER A C   1 
ATOM   632  O  O   . SER A 1 88  ? -1.944  4.670   18.857  1.00 36.01 ? 88   SER A O   1 
ATOM   633  C  CB  . SER A 1 88  ? -4.383  3.996   16.838  1.00 35.48 ? 88   SER A CB  1 
ATOM   634  O  OG  . SER A 1 88  ? -4.322  2.599   17.068  1.00 35.43 ? 88   SER A OG  1 
ATOM   635  N  N   . GLY A 1 89  ? -1.427  2.927   17.519  1.00 36.35 ? 89   GLY A N   1 
ATOM   636  C  CA  . GLY A 1 89  ? -0.581  2.254   18.490  1.00 36.84 ? 89   GLY A CA  1 
ATOM   637  C  C   . GLY A 1 89  ? -1.318  1.176   19.264  1.00 37.20 ? 89   GLY A C   1 
ATOM   638  O  O   . GLY A 1 89  ? -0.697  0.385   19.979  1.00 37.35 ? 89   GLY A O   1 
ATOM   639  N  N   . THR A 1 90  ? -2.642  1.146   19.116  1.00 37.50 ? 90   THR A N   1 
ATOM   640  C  CA  . THR A 1 90  ? -3.507  0.241   19.878  1.00 37.75 ? 90   THR A CA  1 
ATOM   641  C  C   . THR A 1 90  ? -4.331  -0.682  18.981  1.00 37.90 ? 90   THR A C   1 
ATOM   642  O  O   . THR A 1 90  ? -4.923  -1.655  19.458  1.00 38.00 ? 90   THR A O   1 
ATOM   643  C  CB  . THR A 1 90  ? -4.458  1.046   20.799  1.00 37.78 ? 90   THR A CB  1 
ATOM   644  O  OG1 . THR A 1 90  ? -5.199  1.991   20.017  1.00 37.79 ? 90   THR A OG1 1 
ATOM   645  C  CG2 . THR A 1 90  ? -3.675  1.921   21.777  1.00 37.80 ? 90   THR A CG2 1 
ATOM   646  N  N   . GLY A 1 91  ? -4.375  -0.371  17.687  1.00 38.01 ? 91   GLY A N   1 
ATOM   647  C  CA  . GLY A 1 91  ? -5.195  -1.107  16.741  1.00 38.10 ? 91   GLY A CA  1 
ATOM   648  C  C   . GLY A 1 91  ? -6.514  -0.414  16.446  1.00 38.18 ? 91   GLY A C   1 
ATOM   649  O  O   . GLY A 1 91  ? -7.387  -0.983  15.789  1.00 38.17 ? 91   GLY A O   1 
ATOM   650  N  N   . ALA A 1 92  ? -6.648  0.821   16.927  1.00 38.28 ? 92   ALA A N   1 
ATOM   651  C  CA  . ALA A 1 92  ? -7.888  1.587   16.804  1.00 38.42 ? 92   ALA A CA  1 
ATOM   652  C  C   . ALA A 1 92  ? -8.179  2.059   15.378  1.00 38.49 ? 92   ALA A C   1 
ATOM   653  O  O   . ALA A 1 92  ? -9.343  2.188   14.992  1.00 38.54 ? 92   ALA A O   1 
ATOM   654  C  CB  . ALA A 1 92  ? -7.877  2.772   17.766  1.00 38.43 ? 92   ALA A CB  1 
ATOM   655  N  N   . TYR A 1 93  ? -7.127  2.312   14.601  1.00 38.55 ? 93   TYR A N   1 
ATOM   656  C  CA  . TYR A 1 93  ? -7.283  2.816   13.235  1.00 38.63 ? 93   TYR A CA  1 
ATOM   657  C  C   . TYR A 1 93  ? -7.169  1.716   12.174  1.00 38.55 ? 93   TYR A C   1 
ATOM   658  O  O   . TYR A 1 93  ? -6.957  1.998   10.992  1.00 38.56 ? 93   TYR A O   1 
ATOM   659  C  CB  . TYR A 1 93  ? -6.292  3.955   12.955  1.00 38.66 ? 93   TYR A CB  1 
ATOM   660  C  CG  . TYR A 1 93  ? -6.460  5.176   13.842  1.00 39.08 ? 93   TYR A CG  1 
ATOM   661  C  CD1 . TYR A 1 93  ? -5.370  5.993   14.142  1.00 39.31 ? 93   TYR A CD1 1 
ATOM   662  C  CD2 . TYR A 1 93  ? -7.705  5.519   14.376  1.00 39.46 ? 93   TYR A CD2 1 
ATOM   663  C  CE1 . TYR A 1 93  ? -5.512  7.115   14.955  1.00 39.53 ? 93   TYR A CE1 1 
ATOM   664  C  CE2 . TYR A 1 93  ? -7.857  6.639   15.190  1.00 39.67 ? 93   TYR A CE2 1 
ATOM   665  C  CZ  . TYR A 1 93  ? -6.757  7.432   15.474  1.00 39.73 ? 93   TYR A CZ  1 
ATOM   666  O  OH  . TYR A 1 93  ? -6.902  8.540   16.277  1.00 40.07 ? 93   TYR A OH  1 
ATOM   667  N  N   . ALA A 1 94  ? -7.316  0.466   12.606  1.00 38.53 ? 94   ALA A N   1 
ATOM   668  C  CA  . ALA A 1 94  ? -7.330  -0.677  11.698  1.00 38.55 ? 94   ALA A CA  1 
ATOM   669  C  C   . ALA A 1 94  ? -8.587  -0.670  10.830  1.00 38.54 ? 94   ALA A C   1 
ATOM   670  O  O   . ALA A 1 94  ? -9.621  -0.130  11.228  1.00 38.55 ? 94   ALA A O   1 
ATOM   671  C  CB  . ALA A 1 94  ? -7.234  -1.976  12.486  1.00 38.48 ? 94   ALA A CB  1 
ATOM   672  N  N   . ILE A 1 95  ? -8.485  -1.227  9.617   1.00 38.53 ? 95   ILE A N   1 
ATOM   673  C  CA  . ILE A 1 95  ? -9.657  -1.407  8.744   1.00 38.56 ? 95   ILE A CA  1 
ATOM   674  C  C   . ILE A 1 95  ? -10.503 -2.555  9.299   1.00 38.62 ? 95   ILE A C   1 
ATOM   675  O  O   . ILE A 1 95  ? -10.019 -3.680  9.484   1.00 38.57 ? 95   ILE A O   1 
ATOM   676  C  CB  . ILE A 1 95  ? -9.179  -1.709  7.329   1.00 38.54 ? 95   ILE A CB  1 
ATOM   677  C  CG1 . ILE A 1 95  ? -8.580  -0.467  6.648   1.00 38.46 ? 95   ILE A CG1 1 
ATOM   678  C  CG2 . ILE A 1 95  ? -10.302 -2.206  6.418   1.00 38.48 ? 95   ILE A CG2 1 
ATOM   679  C  CD1 . ILE A 1 95  ? -7.465  -0.791  5.650   1.00 38.25 ? 95   ILE A CD1 1 
ATOM   680  N  N   . THR A 1 96  ? -11.765 -2.250  9.556   1.00 38.75 ? 96   THR A N   1 
ATOM   681  C  CA  . THR A 1 96  ? -12.678 -3.231  10.152  1.00 38.83 ? 96   THR A CA  1 
ATOM   682  C  C   . THR A 1 96  ? -13.868 -3.608  9.244   1.00 38.84 ? 96   THR A C   1 
ATOM   683  O  O   . THR A 1 96  ? -14.567 -4.602  9.492   1.00 38.89 ? 96   THR A O   1 
ATOM   684  C  CB  . THR A 1 96  ? -13.236 -2.664  11.467  1.00 38.84 ? 96   THR A CB  1 
ATOM   685  O  OG1 . THR A 1 96  ? -13.769 -1.361  11.265  1.00 39.03 ? 96   THR A OG1 1 
ATOM   686  C  CG2 . THR A 1 96  ? -12.169 -2.544  12.559  1.00 38.94 ? 96   THR A CG2 1 
ATOM   687  N  N   . LYS A 1 97  ? -14.111 -2.838  8.192   1.00 38.84 ? 97   LYS A N   1 
ATOM   688  C  CA  . LYS A 1 97  ? -15.252 -3.138  7.289   1.00 38.74 ? 97   LYS A CA  1 
ATOM   689  C  C   . LYS A 1 97  ? -14.842 -3.125  5.804   1.00 38.67 ? 97   LYS A C   1 
ATOM   690  O  O   . LYS A 1 97  ? -13.820 -2.539  5.417   1.00 38.63 ? 97   LYS A O   1 
ATOM   691  C  CB  . LYS A 1 97  ? -16.376 -2.109  7.489   1.00 38.80 ? 97   LYS A CB  1 
ATOM   692  C  CG  . LYS A 1 97  ? -15.895 -0.658  7.455   1.00 39.01 ? 97   LYS A CG  1 
ATOM   693  C  CD  . LYS A 1 97  ? -16.956 0.334   7.941   1.00 39.33 ? 97   LYS A CD  1 
ATOM   694  N  N   . ASP A 1 98  ? -15.680 -3.790  5.017   1.00 38.46 ? 98   ASP A N   1 
ATOM   695  C  CA  . ASP A 1 98  ? -15.500 -3.912  3.560   1.00 38.29 ? 98   ASP A CA  1 
ATOM   696  C  C   . ASP A 1 98  ? -15.797 -2.574  2.888   1.00 38.06 ? 98   ASP A C   1 
ATOM   697  O  O   . ASP A 1 98  ? -16.566 -1.755  3.412   1.00 38.03 ? 98   ASP A O   1 
ATOM   698  C  CB  . ASP A 1 98  ? -16.451 -4.972  2.995   1.00 38.38 ? 98   ASP A CB  1 
ATOM   699  C  CG  . ASP A 1 98  ? -15.963 -6.398  3.246   1.00 38.57 ? 98   ASP A CG  1 
ATOM   700  O  OD1 . ASP A 1 98  ? -15.230 -6.652  4.271   1.00 38.82 ? 98   ASP A OD1 1 
ATOM   701  O  OD2 . ASP A 1 98  ? -16.283 -7.346  2.434   1.00 39.06 ? 98   ASP A OD2 1 
ATOM   702  N  N   . GLY A 1 99  ? -15.175 -2.355  1.735   1.00 37.78 ? 99   GLY A N   1 
ATOM   703  C  CA  . GLY A 1 99  ? -15.405 -1.147  0.961   1.00 37.32 ? 99   GLY A CA  1 
ATOM   704  C  C   . GLY A 1 99  ? -14.178 -0.652  0.224   1.00 36.98 ? 99   GLY A C   1 
ATOM   705  O  O   . GLY A 1 99  ? -13.257 -1.420  -0.062  1.00 36.99 ? 99   GLY A O   1 
ATOM   706  N  N   . VAL A 1 100 ? -14.172 0.642   -0.080  1.00 36.67 ? 100  VAL A N   1 
ATOM   707  C  CA  . VAL A 1 100 ? -13.095 1.263   -0.847  1.00 36.29 ? 100  VAL A CA  1 
ATOM   708  C  C   . VAL A 1 100 ? -11.865 1.510   0.026   1.00 36.00 ? 100  VAL A C   1 
ATOM   709  O  O   . VAL A 1 100 ? -11.917 2.281   0.985   1.00 35.89 ? 100  VAL A O   1 
ATOM   710  C  CB  . VAL A 1 100 ? -13.554 2.587   -1.513  1.00 36.31 ? 100  VAL A CB  1 
ATOM   711  C  CG1 . VAL A 1 100 ? -12.461 3.145   -2.422  1.00 36.40 ? 100  VAL A CG1 1 
ATOM   712  C  CG2 . VAL A 1 100 ? -14.847 2.384   -2.299  1.00 36.19 ? 100  VAL A CG2 1 
ATOM   713  N  N   . PHE A 1 101 ? -10.767 0.839   -0.316  1.00 35.58 ? 101  PHE A N   1 
ATOM   714  C  CA  . PHE A 1 101 ? -9.486  1.029   0.361   1.00 35.27 ? 101  PHE A CA  1 
ATOM   715  C  C   . PHE A 1 101 ? -8.778  2.269   -0.170  1.00 35.10 ? 101  PHE A C   1 
ATOM   716  O  O   . PHE A 1 101 ? -8.277  3.086   0.605   1.00 35.06 ? 101  PHE A O   1 
ATOM   717  C  CB  . PHE A 1 101 ? -8.601  -0.215  0.194   1.00 35.23 ? 101  PHE A CB  1 
ATOM   718  C  CG  . PHE A 1 101 ? -7.178  -0.026  0.655   1.00 35.03 ? 101  PHE A CG  1 
ATOM   719  C  CD1 . PHE A 1 101 ? -6.875  0.072   2.011   1.00 34.79 ? 101  PHE A CD1 1 
ATOM   720  C  CD2 . PHE A 1 101 ? -6.138  0.043   -0.269  1.00 34.79 ? 101  PHE A CD2 1 
ATOM   721  C  CE1 . PHE A 1 101 ? -5.559  0.244   2.438   1.00 34.85 ? 101  PHE A CE1 1 
ATOM   722  C  CE2 . PHE A 1 101 ? -4.820  0.216   0.149   1.00 34.74 ? 101  PHE A CE2 1 
ATOM   723  C  CZ  . PHE A 1 101 ? -4.530  0.314   1.504   1.00 34.66 ? 101  PHE A CZ  1 
ATOM   724  N  N   . ALA A 1 102 ? -8.741  2.399   -1.495  1.00 34.85 ? 102  ALA A N   1 
ATOM   725  C  CA  . ALA A 1 102 ? -8.082  3.520   -2.155  1.00 34.74 ? 102  ALA A CA  1 
ATOM   726  C  C   . ALA A 1 102 ? -8.758  3.879   -3.476  1.00 34.66 ? 102  ALA A C   1 
ATOM   727  O  O   . ALA A 1 102 ? -9.449  3.055   -4.076  1.00 34.56 ? 102  ALA A O   1 
ATOM   728  C  CB  . ALA A 1 102 ? -6.605  3.211   -2.378  1.00 34.68 ? 102  ALA A CB  1 
ATOM   729  N  N   . LYS A 1 103 ? -8.552  5.119   -3.916  1.00 34.64 ? 103  LYS A N   1 
ATOM   730  C  CA  . LYS A 1 103 ? -9.053  5.586   -5.205  1.00 34.63 ? 103  LYS A CA  1 
ATOM   731  C  C   . LYS A 1 103 ? -7.891  6.083   -6.059  1.00 34.55 ? 103  LYS A C   1 
ATOM   732  O  O   . LYS A 1 103 ? -7.201  7.035   -5.688  1.00 34.47 ? 103  LYS A O   1 
ATOM   733  C  CB  . LYS A 1 103 ? -10.082 6.704   -5.018  1.00 34.66 ? 103  LYS A CB  1 
ATOM   734  C  CG  . LYS A 1 103 ? -11.401 6.254   -4.408  1.00 34.97 ? 103  LYS A CG  1 
ATOM   735  C  CD  . LYS A 1 103 ? -12.105 7.414   -3.716  1.00 35.38 ? 103  LYS A CD  1 
ATOM   736  N  N   . ILE A 1 104 ? -7.673  5.422   -7.194  1.00 34.51 ? 104  ILE A N   1 
ATOM   737  C  CA  . ILE A 1 104 ? -6.619  5.811   -8.125  1.00 34.55 ? 104  ILE A CA  1 
ATOM   738  C  C   . ILE A 1 104 ? -7.164  6.823   -9.130  1.00 34.69 ? 104  ILE A C   1 
ATOM   739  O  O   . ILE A 1 104 ? -8.086  6.521   -9.893  1.00 34.75 ? 104  ILE A O   1 
ATOM   740  C  CB  . ILE A 1 104 ? -6.030  4.576   -8.860  1.00 34.53 ? 104  ILE A CB  1 
ATOM   741  C  CG1 . ILE A 1 104 ? -5.559  3.512   -7.861  1.00 34.24 ? 104  ILE A CG1 1 
ATOM   742  C  CG2 . ILE A 1 104 ? -4.878  4.994   -9.781  1.00 34.43 ? 104  ILE A CG2 1 
ATOM   743  C  CD1 . ILE A 1 104 ? -5.528  2.101   -8.426  1.00 33.74 ? 104  ILE A CD1 1 
ATOM   744  N  N   . ARG A 1 105 ? -6.596  8.025   -9.119  1.00 34.75 ? 105  ARG A N   1 
ATOM   745  C  CA  . ARG A 1 105 ? -6.964  9.058   -10.080 1.00 34.87 ? 105  ARG A CA  1 
ATOM   746  C  C   . ARG A 1 105 ? -6.034  8.988   -11.285 1.00 34.75 ? 105  ARG A C   1 
ATOM   747  O  O   . ARG A 1 105 ? -4.821  9.171   -11.154 1.00 34.73 ? 105  ARG A O   1 
ATOM   748  C  CB  . ARG A 1 105 ? -6.916  10.443  -9.434  1.00 34.94 ? 105  ARG A CB  1 
ATOM   749  C  CG  . ARG A 1 105 ? -8.170  10.805  -8.649  1.00 35.63 ? 105  ARG A CG  1 
ATOM   750  C  CD  . ARG A 1 105 ? -8.129  12.188  -8.012  1.00 36.77 ? 105  ARG A CD  1 
ATOM   751  N  NE  . ARG A 1 105 ? -7.245  12.225  -6.848  1.00 37.62 ? 105  ARG A NE  1 
ATOM   752  C  CZ  . ARG A 1 105 ? -6.092  12.882  -6.792  1.00 38.10 ? 105  ARG A CZ  1 
ATOM   753  N  NH1 . ARG A 1 105 ? -5.658  13.578  -7.837  1.00 38.29 ? 105  ARG A NH1 1 
ATOM   754  N  NH2 . ARG A 1 105 ? -5.367  12.846  -5.681  1.00 38.31 ? 105  ARG A NH2 1 
ATOM   755  N  N   . ALA A 1 106 ? -6.608  8.707   -12.450 1.00 34.62 ? 106  ALA A N   1 
ATOM   756  C  CA  . ALA A 1 106 ? -5.833  8.560   -13.678 1.00 34.55 ? 106  ALA A CA  1 
ATOM   757  C  C   . ALA A 1 106 ? -6.452  9.312   -14.849 1.00 34.54 ? 106  ALA A C   1 
ATOM   758  O  O   . ALA A 1 106 ? -7.670  9.291   -15.043 1.00 34.51 ? 106  ALA A O   1 
ATOM   759  C  CB  . ALA A 1 106 ? -5.663  7.087   -14.027 1.00 34.49 ? 106  ALA A CB  1 
ATOM   760  N  N   . THR A 1 107 ? -5.602  10.003  -15.593 1.00 34.45 ? 107  THR A N   1 
ATOM   761  C  CA  . THR A 1 107 ? -6.055  10.639  -16.838 1.00 34.44 ? 107  THR A CA  1 
ATOM   762  C  C   . THR A 1 107 ? -5.786  9.691   -18.017 1.00 34.39 ? 107  THR A C   1 
ATOM   763  O  O   . THR A 1 107 ? -4.650  9.253   -18.243 1.00 34.30 ? 107  THR A O   1 
ATOM   764  C  CB  . THR A 1 107 ? -5.297  11.961  -17.037 1.00 34.38 ? 107  THR A CB  1 
ATOM   765  O  OG1 . THR A 1 107 ? -5.455  12.791  -15.893 1.00 34.57 ? 107  THR A OG1 1 
ATOM   766  C  CG2 . THR A 1 107 ? -5.784  12.762  -18.245 1.00 34.50 ? 107  THR A CG2 1 
ATOM   767  N  N   . VAL A 1 108 ? -6.851  9.395   -18.745 1.00 34.42 ? 108  VAL A N   1 
ATOM   768  C  CA  . VAL A 1 108 ? -6.791  8.497   -19.917 1.00 34.45 ? 108  VAL A CA  1 
ATOM   769  C  C   . VAL A 1 108 ? -6.082  9.216   -21.072 1.00 34.52 ? 108  VAL A C   1 
ATOM   770  O  O   . VAL A 1 108 ? -6.533  10.270  -21.543 1.00 34.49 ? 108  VAL A O   1 
ATOM   771  C  CB  . VAL A 1 108 ? -8.206  8.102   -20.337 1.00 34.46 ? 108  VAL A CB  1 
ATOM   772  C  CG1 . VAL A 1 108 ? -8.224  7.010   -21.408 1.00 34.36 ? 108  VAL A CG1 1 
ATOM   773  C  CG2 . VAL A 1 108 ? -9.041  7.560   -19.172 1.00 34.38 ? 108  VAL A CG2 1 
ATOM   774  N  N   . LYS A 1 109 ? -4.979  8.615   -21.500 1.00 34.62 ? 109  LYS A N   1 
ATOM   775  C  CA  . LYS A 1 109 ? -4.134  9.173   -22.577 1.00 34.76 ? 109  LYS A CA  1 
ATOM   776  C  C   . LYS A 1 109 ? -4.398  8.531   -23.954 1.00 34.77 ? 109  LYS A C   1 
ATOM   777  O  O   . LYS A 1 109 ? -4.120  9.133   -24.999 1.00 34.81 ? 109  LYS A O   1 
ATOM   778  C  CB  . LYS A 1 109 ? -2.647  8.954   -22.272 1.00 34.74 ? 109  LYS A CB  1 
ATOM   779  C  CG  . LYS A 1 109 ? -2.151  9.723   -21.046 1.00 34.83 ? 109  LYS A CG  1 
ATOM   780  N  N   . SER A 1 110 ? -4.925  7.316   -23.956 1.00 34.77 ? 110  SER A N   1 
ATOM   781  C  CA  . SER A 1 110 ? -5.204  6.601   -25.226 1.00 34.80 ? 110  SER A CA  1 
ATOM   782  C  C   . SER A 1 110 ? -6.370  5.618   -25.064 1.00 34.85 ? 110  SER A C   1 
ATOM   783  O  O   . SER A 1 110 ? -6.847  5.363   -23.952 1.00 34.86 ? 110  SER A O   1 
ATOM   784  C  CB  . SER A 1 110 ? -3.956  5.820   -25.667 1.00 34.76 ? 110  SER A CB  1 
ATOM   785  O  OG  . SER A 1 110 ? -4.212  4.423   -25.637 1.00 34.74 ? 110  SER A OG  1 
ATOM   786  N  N   . SER A 1 111 ? -6.921  5.199   -26.240 1.00 34.90 ? 111  SER A N   1 
ATOM   787  C  CA  . SER A 1 111 ? -8.111  4.351   -26.300 1.00 34.98 ? 111  SER A CA  1 
ATOM   788  C  C   . SER A 1 111 ? -7.834  2.881   -25.969 1.00 35.01 ? 111  SER A C   1 
ATOM   789  O  O   . SER A 1 111 ? -8.766  2.107   -25.736 1.00 35.03 ? 111  SER A O   1 
ATOM   790  C  CB  . SER A 1 111 ? -8.768  4.460   -27.677 1.00 34.94 ? 111  SER A CB  1 
ATOM   791  O  OG  . SER A 1 111 ? -7.937  3.908   -28.683 1.00 35.08 ? 111  SER A OG  1 
ATOM   792  N  N   . ALA A 1 112 ? -6.555  2.509   -25.958 1.00 35.06 ? 112  ALA A N   1 
ATOM   793  C  CA  . ALA A 1 112 ? -6.124  1.148   -25.640 1.00 35.14 ? 112  ALA A CA  1 
ATOM   794  C  C   . ALA A 1 112 ? -6.506  0.759   -24.207 1.00 35.21 ? 112  ALA A C   1 
ATOM   795  O  O   . ALA A 1 112 ? -6.645  1.636   -23.349 1.00 35.19 ? 112  ALA A O   1 
ATOM   796  C  CB  . ALA A 1 112 ? -4.616  1.013   -25.850 1.00 35.14 ? 112  ALA A CB  1 
ATOM   797  N  N   . PRO A 1 113 ? -6.693  -0.538  -23.950 1.00 35.27 ? 113  PRO A N   1 
ATOM   798  C  CA  . PRO A 1 113 ? -7.001  -1.018  -22.595 1.00 35.36 ? 113  PRO A CA  1 
ATOM   799  C  C   . PRO A 1 113 ? -5.938  -0.607  -21.576 1.00 35.40 ? 113  PRO A C   1 
ATOM   800  O  O   . PRO A 1 113 ? -4.741  -0.798  -21.813 1.00 35.41 ? 113  PRO A O   1 
ATOM   801  C  CB  . PRO A 1 113 ? -7.028  -2.541  -22.760 1.00 35.40 ? 113  PRO A CB  1 
ATOM   802  C  CG  . PRO A 1 113 ? -7.335  -2.762  -24.199 1.00 35.46 ? 113  PRO A CG  1 
ATOM   803  C  CD  . PRO A 1 113 ? -6.650  -1.645  -24.926 1.00 35.35 ? 113  PRO A CD  1 
ATOM   804  N  N   . GLY A 1 114 ? -6.386  -0.029  -20.464 1.00 35.42 ? 114  GLY A N   1 
ATOM   805  C  CA  . GLY A 1 114 ? -5.499  0.416   -19.405 1.00 35.45 ? 114  GLY A CA  1 
ATOM   806  C  C   . GLY A 1 114 ? -5.533  -0.526  -18.221 1.00 35.52 ? 114  GLY A C   1 
ATOM   807  O  O   . GLY A 1 114 ? -6.241  -0.280  -17.243 1.00 35.40 ? 114  GLY A O   1 
ATOM   808  N  N   . TYR A 1 115 ? -4.764  -1.608  -18.319 1.00 35.61 ? 115  TYR A N   1 
ATOM   809  C  CA  . TYR A 1 115 ? -4.712  -2.628  -17.279 1.00 35.75 ? 115  TYR A CA  1 
ATOM   810  C  C   . TYR A 1 115 ? -4.006  -2.133  -16.020 1.00 35.62 ? 115  TYR A C   1 
ATOM   811  O  O   . TYR A 1 115 ? -2.912  -1.567  -16.089 1.00 35.63 ? 115  TYR A O   1 
ATOM   812  C  CB  . TYR A 1 115 ? -4.005  -3.890  -17.792 1.00 35.95 ? 115  TYR A CB  1 
ATOM   813  C  CG  . TYR A 1 115 ? -4.583  -4.475  -19.063 1.00 36.64 ? 115  TYR A CG  1 
ATOM   814  C  CD1 . TYR A 1 115 ? -3.923  -4.328  -20.282 1.00 37.28 ? 115  TYR A CD1 1 
ATOM   815  C  CD2 . TYR A 1 115 ? -5.781  -5.190  -19.044 1.00 37.25 ? 115  TYR A CD2 1 
ATOM   816  C  CE1 . TYR A 1 115 ? -4.446  -4.869  -21.456 1.00 37.81 ? 115  TYR A CE1 1 
ATOM   817  C  CE2 . TYR A 1 115 ? -6.314  -5.733  -20.211 1.00 37.89 ? 115  TYR A CE2 1 
ATOM   818  C  CZ  . TYR A 1 115 ? -5.640  -5.570  -21.410 1.00 38.09 ? 115  TYR A CZ  1 
ATOM   819  O  OH  . TYR A 1 115 ? -6.162  -6.106  -22.564 1.00 38.63 ? 115  TYR A OH  1 
ATOM   820  N  N   . ILE A 1 116 ? -4.655  -2.335  -14.874 1.00 35.46 ? 116  ILE A N   1 
ATOM   821  C  CA  . ILE A 1 116 ? -4.010  -2.178  -13.574 1.00 35.27 ? 116  ILE A CA  1 
ATOM   822  C  C   . ILE A 1 116 ? -4.040  -3.540  -12.881 1.00 35.26 ? 116  ILE A C   1 
ATOM   823  O  O   . ILE A 1 116 ? -5.091  -4.001  -12.425 1.00 35.21 ? 116  ILE A O   1 
ATOM   824  C  CB  . ILE A 1 116 ? -4.684  -1.070  -12.722 1.00 35.20 ? 116  ILE A CB  1 
ATOM   825  C  CG1 . ILE A 1 116 ? -4.578  0.287   -13.433 1.00 35.14 ? 116  ILE A CG1 1 
ATOM   826  C  CG2 . ILE A 1 116 ? -4.038  -0.986  -11.338 1.00 35.13 ? 116  ILE A CG2 1 
ATOM   827  C  CD1 . ILE A 1 116 ? -5.601  1.315   -12.987 1.00 34.64 ? 116  ILE A CD1 1 
ATOM   828  N  N   . THR A 1 117 ? -2.878  -4.186  -12.836 1.00 35.27 ? 117  THR A N   1 
ATOM   829  C  CA  . THR A 1 117 ? -2.774  -5.577  -12.402 1.00 35.31 ? 117  THR A CA  1 
ATOM   830  C  C   . THR A 1 117 ? -1.939  -5.734  -11.137 1.00 35.36 ? 117  THR A C   1 
ATOM   831  O  O   . THR A 1 117 ? -1.033  -4.941  -10.874 1.00 35.30 ? 117  THR A O   1 
ATOM   832  C  CB  . THR A 1 117 ? -2.173  -6.452  -13.525 1.00 35.32 ? 117  THR A CB  1 
ATOM   833  O  OG1 . THR A 1 117 ? -0.944  -5.875  -13.979 1.00 35.49 ? 117  THR A OG1 1 
ATOM   834  C  CG2 . THR A 1 117 ? -3.059  -6.433  -14.768 1.00 35.31 ? 117  THR A CG2 1 
ATOM   835  N  N   . PHE A 1 118 ? -2.253  -6.771  -10.366 1.00 35.44 ? 118  PHE A N   1 
ATOM   836  C  CA  . PHE A 1 118 ? -1.506  -7.115  -9.161  1.00 35.56 ? 118  PHE A CA  1 
ATOM   837  C  C   . PHE A 1 118 ? -0.102  -7.595  -9.523  1.00 35.62 ? 118  PHE A C   1 
ATOM   838  O  O   . PHE A 1 118 ? 0.070   -8.445  -10.401 1.00 35.55 ? 118  PHE A O   1 
ATOM   839  C  CB  . PHE A 1 118 ? -2.265  -8.183  -8.363  1.00 35.55 ? 118  PHE A CB  1 
ATOM   840  C  CG  . PHE A 1 118 ? -1.417  -8.937  -7.371  1.00 35.79 ? 118  PHE A CG  1 
ATOM   841  C  CD1 . PHE A 1 118 ? -0.914  -8.306  -6.236  1.00 35.91 ? 118  PHE A CD1 1 
ATOM   842  C  CD2 . PHE A 1 118 ? -1.137  -10.287 -7.567  1.00 35.95 ? 118  PHE A CD2 1 
ATOM   843  C  CE1 . PHE A 1 118 ? -0.135  -9.004  -5.318  1.00 35.90 ? 118  PHE A CE1 1 
ATOM   844  C  CE2 . PHE A 1 118 ? -0.359  -10.994 -6.653  1.00 36.04 ? 118  PHE A CE2 1 
ATOM   845  C  CZ  . PHE A 1 118 ? 0.143   -10.349 -5.526  1.00 35.95 ? 118  PHE A CZ  1 
ATOM   846  N  N   . ASP A 1 119 ? 0.894   -7.036  -8.842  1.00 35.69 ? 119  ASP A N   1 
ATOM   847  C  CA  . ASP A 1 119 ? 2.293   -7.365  -9.101  1.00 35.86 ? 119  ASP A CA  1 
ATOM   848  C  C   . ASP A 1 119 ? 2.930   -8.103  -7.920  1.00 35.83 ? 119  ASP A C   1 
ATOM   849  O  O   . ASP A 1 119 ? 3.448   -9.209  -8.081  1.00 35.87 ? 119  ASP A O   1 
ATOM   850  C  CB  . ASP A 1 119 ? 3.083   -6.095  -9.453  1.00 35.93 ? 119  ASP A CB  1 
ATOM   851  C  CG  . ASP A 1 119 ? 4.523   -6.382  -9.857  1.00 36.39 ? 119  ASP A CG  1 
ATOM   852  O  OD1 . ASP A 1 119 ? 4.792   -7.451  -10.451 1.00 37.34 ? 119  ASP A OD1 1 
ATOM   853  O  OD2 . ASP A 1 119 ? 5.455   -5.586  -9.626  1.00 36.80 ? 119  ASP A OD2 1 
ATOM   854  N  N   . GLU A 1 120 ? 2.879   -7.489  -6.739  1.00 35.83 ? 120  GLU A N   1 
ATOM   855  C  CA  . GLU A 1 120 ? 3.501   -8.048  -5.542  1.00 35.90 ? 120  GLU A CA  1 
ATOM   856  C  C   . GLU A 1 120 ? 2.732   -7.656  -4.284  1.00 35.74 ? 120  GLU A C   1 
ATOM   857  O  O   . GLU A 1 120 ? 2.175   -6.564  -4.209  1.00 35.67 ? 120  GLU A O   1 
ATOM   858  C  CB  . GLU A 1 120 ? 4.957   -7.574  -5.432  1.00 36.00 ? 120  GLU A CB  1 
ATOM   859  C  CG  . GLU A 1 120 ? 5.805   -8.343  -4.426  1.00 36.76 ? 120  GLU A CG  1 
ATOM   860  C  CD  . GLU A 1 120 ? 5.962   -7.622  -3.096  1.00 37.66 ? 120  GLU A CD  1 
ATOM   861  O  OE1 . GLU A 1 120 ? 6.629   -8.180  -2.197  1.00 38.07 ? 120  GLU A OE1 1 
ATOM   862  O  OE2 . GLU A 1 120 ? 5.427   -6.502  -2.939  1.00 38.08 ? 120  GLU A OE2 1 
ATOM   863  N  N   . VAL A 1 121 ? 2.701   -8.564  -3.310  1.00 35.60 ? 121  VAL A N   1 
ATOM   864  C  CA  . VAL A 1 121 ? 2.147   -8.278  -1.988  1.00 35.47 ? 121  VAL A CA  1 
ATOM   865  C  C   . VAL A 1 121 ? 3.195   -8.562  -0.905  1.00 35.46 ? 121  VAL A C   1 
ATOM   866  O  O   . VAL A 1 121 ? 3.919   -9.557  -0.973  1.00 35.44 ? 121  VAL A O   1 
ATOM   867  C  CB  . VAL A 1 121 ? 0.812   -9.051  -1.729  1.00 35.47 ? 121  VAL A CB  1 
ATOM   868  C  CG1 . VAL A 1 121 ? 1.029   -10.571 -1.662  1.00 35.39 ? 121  VAL A CG1 1 
ATOM   869  C  CG2 . VAL A 1 121 ? 0.110   -8.536  -0.474  1.00 35.35 ? 121  VAL A CG2 1 
ATOM   870  N  N   . GLY A 1 122 ? 3.287   -7.665  0.075   1.00 35.43 ? 122  GLY A N   1 
ATOM   871  C  CA  . GLY A 1 122 ? 4.213   -7.825  1.182   1.00 35.41 ? 122  GLY A CA  1 
ATOM   872  C  C   . GLY A 1 122 ? 3.505   -8.336  2.420   1.00 35.40 ? 122  GLY A C   1 
ATOM   873  O  O   . GLY A 1 122 ? 3.120   -9.504  2.484   1.00 35.36 ? 122  GLY A O   1 
ATOM   874  N  N   . GLY A 1 123 ? 3.334   -7.453  3.398   1.00 35.43 ? 123  GLY A N   1 
ATOM   875  C  CA  . GLY A 1 123 ? 2.601   -7.767  4.612   1.00 35.57 ? 123  GLY A CA  1 
ATOM   876  C  C   . GLY A 1 123 ? 1.111   -7.525  4.452   1.00 35.69 ? 123  GLY A C   1 
ATOM   877  O  O   . GLY A 1 123 ? 0.691   -6.693  3.643   1.00 35.56 ? 123  GLY A O   1 
ATOM   878  N  N   . PHE A 1 124 ? 0.318   -8.263  5.226   1.00 35.84 ? 124  PHE A N   1 
ATOM   879  C  CA  . PHE A 1 124 ? -1.140  -8.154  5.223   1.00 36.03 ? 124  PHE A CA  1 
ATOM   880  C  C   . PHE A 1 124 ? -1.673  -8.812  6.493   1.00 36.25 ? 124  PHE A C   1 
ATOM   881  O  O   . PHE A 1 124 ? -2.163  -9.942  6.461   1.00 36.20 ? 124  PHE A O   1 
ATOM   882  C  CB  . PHE A 1 124 ? -1.733  -8.828  3.977   1.00 35.92 ? 124  PHE A CB  1 
ATOM   883  C  CG  . PHE A 1 124 ? -2.901  -8.092  3.379   1.00 35.78 ? 124  PHE A CG  1 
ATOM   884  C  CD1 . PHE A 1 124 ? -2.780  -7.454  2.147   1.00 35.52 ? 124  PHE A CD1 1 
ATOM   885  C  CD2 . PHE A 1 124 ? -4.129  -8.048  4.036   1.00 35.67 ? 124  PHE A CD2 1 
ATOM   886  C  CE1 . PHE A 1 124 ? -3.858  -6.773  1.585   1.00 35.48 ? 124  PHE A CE1 1 
ATOM   887  C  CE2 . PHE A 1 124 ? -5.214  -7.369  3.482   1.00 35.86 ? 124  PHE A CE2 1 
ATOM   888  C  CZ  . PHE A 1 124 ? -5.076  -6.731  2.253   1.00 35.68 ? 124  PHE A CZ  1 
ATOM   889  N  N   . ALA A 1 125 ? -1.565  -8.098  7.613   1.00 36.59 ? 125  ALA A N   1 
ATOM   890  C  CA  . ALA A 1 125 ? -1.825  -8.681  8.929   1.00 37.00 ? 125  ALA A CA  1 
ATOM   891  C  C   . ALA A 1 125 ? -2.990  -8.039  9.683   1.00 37.31 ? 125  ALA A C   1 
ATOM   892  O  O   . ALA A 1 125 ? -3.326  -6.874  9.456   1.00 37.32 ? 125  ALA A O   1 
ATOM   893  C  CB  . ALA A 1 125 ? -0.557  -8.643  9.780   1.00 36.93 ? 125  ALA A CB  1 
ATOM   894  N  N   . ASP A 1 126 ? -3.593  -8.816  10.583  1.00 37.75 ? 126  ASP A N   1 
ATOM   895  C  CA  . ASP A 1 126 ? -4.664  -8.325  11.449  1.00 38.19 ? 126  ASP A CA  1 
ATOM   896  C  C   . ASP A 1 126 ? -4.111  -7.649  12.709  1.00 38.49 ? 126  ASP A C   1 
ATOM   897  O  O   . ASP A 1 126 ? -2.900  -7.439  12.826  1.00 38.49 ? 126  ASP A O   1 
ATOM   898  C  CB  . ASP A 1 126 ? -5.655  -9.450  11.802  1.00 38.18 ? 126  ASP A CB  1 
ATOM   899  C  CG  . ASP A 1 126 ? -5.001  -10.635 12.514  1.00 38.42 ? 126  ASP A CG  1 
ATOM   900  O  OD1 . ASP A 1 126 ? -4.001  -10.451 13.240  1.00 38.39 ? 126  ASP A OD1 1 
ATOM   901  O  OD2 . ASP A 1 126 ? -5.442  -11.798 12.411  1.00 38.61 ? 126  ASP A OD2 1 
ATOM   902  N  N   . ASN A 1 127 ? -4.985  -7.415  13.693  1.00 38.93 ? 127  ASN A N   1 
ATOM   903  C  CA  . ASN A 1 127 ? -4.593  -6.641  14.878  1.00 39.36 ? 127  ASN A CA  1 
ATOM   904  C  C   . ASN A 1 127 ? -3.727  -7.495  15.819  1.00 39.56 ? 127  ASN A C   1 
ATOM   905  O  O   . ASN A 1 127 ? -3.088  -6.979  16.746  1.00 39.63 ? 127  ASN A O   1 
ATOM   906  C  CB  . ASN A 1 127 ? -5.838  -6.179  15.639  1.00 39.49 ? 127  ASN A CB  1 
ATOM   907  C  CG  . ASN A 1 127 ? -6.319  -4.793  15.203  1.00 39.73 ? 127  ASN A CG  1 
ATOM   908  O  OD1 . ASN A 1 127 ? -5.501  -3.915  14.931  1.00 40.18 ? 127  ASN A OD1 1 
ATOM   909  N  ND2 . ASN A 1 127 ? -7.612  -4.539  15.121  1.00 40.22 ? 127  ASN A ND2 1 
ATOM   910  N  N   . ASP A 1 128 ? -3.720  -8.797  15.562  1.00 39.79 ? 128  ASP A N   1 
ATOM   911  C  CA  . ASP A 1 128 ? -2.936  -9.754  16.371  1.00 40.00 ? 128  ASP A CA  1 
ATOM   912  C  C   . ASP A 1 128 ? -1.623  -10.083 15.648  1.00 40.02 ? 128  ASP A C   1 
ATOM   913  O  O   . ASP A 1 128 ? -0.910  -11.032 16.018  1.00 40.00 ? 128  ASP A O   1 
ATOM   914  C  CB  . ASP A 1 128 ? -3.741  -11.027 16.605  1.00 40.11 ? 128  ASP A CB  1 
ATOM   915  C  CG  . ASP A 1 128 ? -4.895  -10.805 17.590  1.00 40.44 ? 128  ASP A CG  1 
ATOM   916  O  OD1 . ASP A 1 128 ? -4.797  -9.899  18.506  1.00 40.88 ? 128  ASP A OD1 1 
ATOM   917  O  OD2 . ASP A 1 128 ? -5.962  -11.520 17.506  1.00 41.11 ? 128  ASP A OD2 1 
ATOM   918  N  N   . LEU A 1 129 ? -1.372  -9.267  14.640  1.00 40.05 ? 129  LEU A N   1 
ATOM   919  C  CA  . LEU A 1 129 ? -0.158  -9.329  13.813  1.00 40.04 ? 129  LEU A CA  1 
ATOM   920  C  C   . LEU A 1 129 ? -0.028  -10.700 13.074  1.00 40.01 ? 129  LEU A C   1 
ATOM   921  O  O   . LEU A 1 129 ? 1.081   -11.161 12.751  1.00 40.01 ? 129  LEU A O   1 
ATOM   922  C  CB  . LEU A 1 129 ? 1.047   -9.092  14.740  1.00 40.05 ? 129  LEU A CB  1 
ATOM   923  C  CG  . LEU A 1 129 ? 2.356   -8.772  14.020  1.00 40.17 ? 129  LEU A CG  1 
ATOM   924  N  N   . VAL A 1 130 ? -1.178  -11.326 12.817  1.00 39.97 ? 130  VAL A N   1 
ATOM   925  C  CA  . VAL A 1 130 ? -1.243  -12.614 12.076  1.00 39.97 ? 130  VAL A CA  1 
ATOM   926  C  C   . VAL A 1 130 ? -1.457  -12.296 10.591  1.00 39.96 ? 130  VAL A C   1 
ATOM   927  O  O   . VAL A 1 130 ? -2.399  -11.583 10.221  1.00 39.91 ? 130  VAL A O   1 
ATOM   928  C  CB  . VAL A 1 130 ? -2.411  -13.482 12.576  1.00 39.98 ? 130  VAL A CB  1 
ATOM   929  C  CG1 . VAL A 1 130 ? -2.566  -14.790 11.786  1.00 40.01 ? 130  VAL A CG1 1 
ATOM   930  C  CG2 . VAL A 1 130 ? -2.274  -13.904 14.039  1.00 39.86 ? 130  VAL A CG2 1 
ATOM   931  N  N   . GLU A 1 131 ? -0.576  -12.825 9.760   1.00 40.01 ? 131  GLU A N   1 
ATOM   932  C  CA  . GLU A 1 131 ? -0.638  -12.597 8.302   1.00 40.04 ? 131  GLU A CA  1 
ATOM   933  C  C   . GLU A 1 131 ? -1.841  -13.330 7.697   1.00 40.03 ? 131  GLU A C   1 
ATOM   934  O  O   . GLU A 1 131 ? -2.036  -14.533 7.916   1.00 40.04 ? 131  GLU A O   1 
ATOM   935  C  CB  . GLU A 1 131 ? 0.639   -13.104 7.625   1.00 40.13 ? 131  GLU A CB  1 
ATOM   936  C  CG  . GLU A 1 131 ? 1.897   -12.349 8.072   1.00 40.33 ? 131  GLU A CG  1 
ATOM   937  C  CD  . GLU A 1 131 ? 1.925   -10.886 7.614   1.00 40.63 ? 131  GLU A CD  1 
ATOM   938  O  OE1 . GLU A 1 131 ? 1.314   -10.533 6.534   1.00 40.54 ? 131  GLU A OE1 1 
ATOM   939  O  OE2 . GLU A 1 131 ? 2.563   -10.005 8.310   1.00 40.71 ? 131  GLU A OE2 1 
ATOM   940  N  N   . GLN A 1 132 ? -2.641  -12.578 6.951   1.00 39.95 ? 132  GLN A N   1 
ATOM   941  C  CA  . GLN A 1 132 ? -3.914  -13.090 6.420   1.00 39.89 ? 132  GLN A CA  1 
ATOM   942  C  C   . GLN A 1 132 ? -3.747  -13.582 4.987   1.00 39.83 ? 132  GLN A C   1 
ATOM   943  O  O   . GLN A 1 132 ? -2.869  -13.114 4.243   1.00 39.85 ? 132  GLN A O   1 
ATOM   944  C  CB  . GLN A 1 132 ? -4.976  -11.975 6.389   1.00 39.85 ? 132  GLN A CB  1 
ATOM   945  C  CG  . GLN A 1 132 ? -5.219  -11.313 7.742   1.00 39.99 ? 132  GLN A CG  1 
ATOM   946  C  CD  . GLN A 1 132 ? -5.831  -12.263 8.764   1.00 40.08 ? 132  GLN A CD  1 
ATOM   947  O  OE1 . GLN A 1 132 ? -6.993  -12.650 8.626   1.00 40.27 ? 132  GLN A OE1 1 
ATOM   948  N  NE2 . GLN A 1 132 ? -5.110  -12.666 9.790   1.00 39.77 ? 132  GLN A NE2 1 
ATOM   949  N  N   . LYS A 1 133 ? -4.596  -14.529 4.618   1.00 39.72 ? 133  LYS A N   1 
ATOM   950  C  CA  . LYS A 1 133 ? -4.597  -15.043 3.252   1.00 39.62 ? 133  LYS A CA  1 
ATOM   951  C  C   . LYS A 1 133 ? -5.244  -13.973 2.394   1.00 39.51 ? 133  LYS A C   1 
ATOM   952  O  O   . LYS A 1 133 ? -6.299  -13.426 2.744   1.00 39.47 ? 133  LYS A O   1 
ATOM   953  C  CB  . LYS A 1 133 ? -5.377  -16.335 3.139   1.00 39.67 ? 133  LYS A CB  1 
ATOM   954  N  N   . VAL A 1 134 ? -4.624  -13.667 1.276   1.00 39.39 ? 134  VAL A N   1 
ATOM   955  C  CA  . VAL A 1 134 ? -5.146  -12.606 0.410   1.00 39.27 ? 134  VAL A CA  1 
ATOM   956  C  C   . VAL A 1 134 ? -4.996  -12.949 -1.084  1.00 39.16 ? 134  VAL A C   1 
ATOM   957  O  O   . VAL A 1 134 ? -3.995  -13.533 -1.523  1.00 39.19 ? 134  VAL A O   1 
ATOM   958  C  CB  . VAL A 1 134 ? -4.381  -11.305 0.733   1.00 39.29 ? 134  VAL A CB  1 
ATOM   959  C  CG1 . VAL A 1 134 ? -2.926  -11.308 0.240   1.00 39.31 ? 134  VAL A CG1 1 
ATOM   960  C  CG2 . VAL A 1 134 ? -5.023  -10.062 0.119   1.00 39.26 ? 134  VAL A CG2 1 
ATOM   961  N  N   . SER A 1 135 ? -6.030  -12.564 -1.824  1.00 39.01 ? 135  SER A N   1 
ATOM   962  C  CA  . SER A 1 135 ? -6.104  -12.772 -3.280  1.00 38.89 ? 135  SER A CA  1 
ATOM   963  C  C   . SER A 1 135 ? -6.480  -11.456 -3.968  1.00 38.69 ? 135  SER A C   1 
ATOM   964  O  O   . SER A 1 135 ? -7.044  -10.545 -3.342  1.00 38.64 ? 135  SER A O   1 
ATOM   965  C  CB  . SER A 1 135 ? -7.159  -13.837 -3.624  1.00 38.89 ? 135  SER A CB  1 
ATOM   966  O  OG  . SER A 1 135 ? -8.445  -13.423 -3.184  1.00 39.23 ? 135  SER A OG  1 
ATOM   967  N  N   . PHE A 1 136 ? -6.064  -11.323 -5.221  1.00 38.44 ? 136  PHE A N   1 
ATOM   968  C  CA  . PHE A 1 136 ? -6.196  -10.074 -5.961  1.00 38.20 ? 136  PHE A CA  1 
ATOM   969  C  C   . PHE A 1 136 ? -6.930  -10.273 -7.284  1.00 38.06 ? 136  PHE A C   1 
ATOM   970  O  O   . PHE A 1 136 ? -6.671  -11.237 -8.007  1.00 37.97 ? 136  PHE A O   1 
ATOM   971  C  CB  . PHE A 1 136 ? -4.813  -9.469  -6.227  1.00 38.12 ? 136  PHE A CB  1 
ATOM   972  C  CG  . PHE A 1 136 ? -4.128  -8.931  -4.997  1.00 38.02 ? 136  PHE A CG  1 
ATOM   973  C  CD1 . PHE A 1 136 ? -3.466  -9.786  -4.114  1.00 37.78 ? 136  PHE A CD1 1 
ATOM   974  C  CD2 . PHE A 1 136 ? -4.124  -7.567  -4.730  1.00 37.70 ? 136  PHE A CD2 1 
ATOM   975  C  CE1 . PHE A 1 136 ? -2.830  -9.291  -2.978  1.00 37.76 ? 136  PHE A CE1 1 
ATOM   976  C  CE2 . PHE A 1 136 ? -3.486  -7.060  -3.597  1.00 37.69 ? 136  PHE A CE2 1 
ATOM   977  C  CZ  . PHE A 1 136 ? -2.838  -7.925  -2.720  1.00 37.77 ? 136  PHE A CZ  1 
ATOM   978  N  N   . ILE A 1 137 ? -7.846  -9.357  -7.588  1.00 37.93 ? 137  ILE A N   1 
ATOM   979  C  CA  . ILE A 1 137 ? -8.528  -9.336  -8.882  1.00 37.85 ? 137  ILE A CA  1 
ATOM   980  C  C   . ILE A 1 137 ? -8.092  -8.104  -9.674  1.00 37.72 ? 137  ILE A C   1 
ATOM   981  O  O   . ILE A 1 137 ? -8.230  -6.972  -9.206  1.00 37.70 ? 137  ILE A O   1 
ATOM   982  C  CB  . ILE A 1 137 ? -10.072 -9.387  -8.707  1.00 37.92 ? 137  ILE A CB  1 
ATOM   983  C  CG1 . ILE A 1 137 ? -10.506 -10.762 -8.187  1.00 38.00 ? 137  ILE A CG1 1 
ATOM   984  C  CG2 . ILE A 1 137 ? -10.788 -9.065  -10.025 1.00 37.82 ? 137  ILE A CG2 1 
ATOM   985  C  CD1 . ILE A 1 137 ? -11.877 -10.781 -7.529  1.00 38.33 ? 137  ILE A CD1 1 
ATOM   986  N  N   . ASP A 1 138 ? -7.556  -8.342  -10.869 1.00 37.61 ? 138  ASP A N   1 
ATOM   987  C  CA  . ASP A 1 138 ? -7.063  -7.274  -11.739 1.00 37.54 ? 138  ASP A CA  1 
ATOM   988  C  C   . ASP A 1 138 ? -8.203  -6.476  -12.366 1.00 37.48 ? 138  ASP A C   1 
ATOM   989  O  O   . ASP A 1 138 ? -9.301  -7.003  -12.570 1.00 37.44 ? 138  ASP A O   1 
ATOM   990  C  CB  . ASP A 1 138 ? -6.159  -7.850  -12.835 1.00 37.52 ? 138  ASP A CB  1 
ATOM   991  C  CG  . ASP A 1 138 ? -4.919  -8.536  -12.279 1.00 37.59 ? 138  ASP A CG  1 
ATOM   992  O  OD1 . ASP A 1 138 ? -4.570  -8.307  -11.100 1.00 37.40 ? 138  ASP A OD1 1 
ATOM   993  O  OD2 . ASP A 1 138 ? -4.224  -9.323  -12.957 1.00 37.82 ? 138  ASP A OD2 1 
ATOM   994  N  N   . GLY A 1 139 ? -7.931  -5.207  -12.665 1.00 37.36 ? 139  GLY A N   1 
ATOM   995  C  CA  . GLY A 1 139 ? -8.908  -4.324  -13.279 1.00 37.26 ? 139  GLY A CA  1 
ATOM   996  C  C   . GLY A 1 139 ? -8.268  -3.248  -14.136 1.00 37.18 ? 139  GLY A C   1 
ATOM   997  O  O   . GLY A 1 139 ? -7.308  -3.513  -14.865 1.00 37.18 ? 139  GLY A O   1 
ATOM   998  N  N   . GLY A 1 140 ? -8.808  -2.035  -14.052 1.00 37.15 ? 140  GLY A N   1 
ATOM   999  C  CA  . GLY A 1 140 ? -8.266  -0.899  -14.774 1.00 37.09 ? 140  GLY A CA  1 
ATOM   1000 C  C   . GLY A 1 140 ? -9.298  -0.061  -15.507 1.00 37.09 ? 140  GLY A C   1 
ATOM   1001 O  O   . GLY A 1 140 ? -10.459 0.018   -15.096 1.00 37.06 ? 140  GLY A O   1 
ATOM   1002 N  N   . VAL A 1 141 ? -8.861  0.568   -16.596 1.00 37.04 ? 141  VAL A N   1 
ATOM   1003 C  CA  . VAL A 1 141 ? -9.695  1.473   -17.385 1.00 37.10 ? 141  VAL A CA  1 
ATOM   1004 C  C   . VAL A 1 141 ? -9.862  0.941   -18.807 1.00 37.12 ? 141  VAL A C   1 
ATOM   1005 O  O   . VAL A 1 141 ? -8.876  0.599   -19.467 1.00 37.07 ? 141  VAL A O   1 
ATOM   1006 C  CB  . VAL A 1 141 ? -9.101  2.909   -17.430 1.00 37.09 ? 141  VAL A CB  1 
ATOM   1007 C  CG1 . VAL A 1 141 ? -10.010 3.860   -18.202 1.00 37.06 ? 141  VAL A CG1 1 
ATOM   1008 C  CG2 . VAL A 1 141 ? -8.859  3.440   -16.025 1.00 37.00 ? 141  VAL A CG2 1 
ATOM   1009 N  N   . ASN A 1 142 ? -11.114 0.878   -19.263 1.00 37.21 ? 142  ASN A N   1 
ATOM   1010 C  CA  . ASN A 1 142 ? -11.464 0.389   -20.601 1.00 37.29 ? 142  ASN A CA  1 
ATOM   1011 C  C   . ASN A 1 142 ? -10.894 -0.998  -20.907 1.00 37.48 ? 142  ASN A C   1 
ATOM   1012 O  O   . ASN A 1 142 ? -10.349 -1.237  -21.989 1.00 37.48 ? 142  ASN A O   1 
ATOM   1013 C  CB  . ASN A 1 142 ? -11.054 1.401   -21.683 1.00 37.20 ? 142  ASN A CB  1 
ATOM   1014 C  CG  . ASN A 1 142 ? -11.699 2.762   -21.488 1.00 36.95 ? 142  ASN A CG  1 
ATOM   1015 O  OD1 . ASN A 1 142 ? -12.898 2.864   -21.230 1.00 36.83 ? 142  ASN A OD1 1 
ATOM   1016 N  ND2 . ASN A 1 142 ? -10.903 3.817   -21.618 1.00 36.44 ? 142  ASN A ND2 1 
ATOM   1017 N  N   . VAL A 1 143 ? -11.027 -1.904  -19.941 1.00 37.72 ? 143  VAL A N   1 
ATOM   1018 C  CA  . VAL A 1 143 ? -10.474 -3.254  -20.054 1.00 38.04 ? 143  VAL A CA  1 
ATOM   1019 C  C   . VAL A 1 143 ? -11.540 -4.313  -20.366 1.00 38.30 ? 143  VAL A C   1 
ATOM   1020 O  O   . VAL A 1 143 ? -11.222 -5.493  -20.537 1.00 38.45 ? 143  VAL A O   1 
ATOM   1021 C  CB  . VAL A 1 143 ? -9.661  -3.657  -18.787 1.00 38.06 ? 143  VAL A CB  1 
ATOM   1022 C  CG1 . VAL A 1 143 ? -8.444  -2.752  -18.617 1.00 37.89 ? 143  VAL A CG1 1 
ATOM   1023 C  CG2 . VAL A 1 143 ? -10.534 -3.635  -17.533 1.00 38.00 ? 143  VAL A CG2 1 
ATOM   1024 N  N   . GLY A 1 144 ? -12.798 -3.882  -20.439 1.00 38.48 ? 144  GLY A N   1 
ATOM   1025 C  CA  . GLY A 1 144 ? -13.905 -4.775  -20.730 1.00 38.67 ? 144  GLY A CA  1 
ATOM   1026 C  C   . GLY A 1 144 ? -14.175 -4.902  -22.217 1.00 38.77 ? 144  GLY A C   1 
ATOM   1027 O  O   . GLY A 1 144 ? -15.212 -5.427  -22.624 1.00 38.94 ? 144  GLY A O   1 
ATOM   1028 N  N   . GLY B 2 2   ? 15.553  -2.577  14.406  1.00 37.28 ? 1    GLY B N   1 
ATOM   1029 C  CA  . GLY B 2 2   ? 14.935  -1.219  14.378  1.00 37.27 ? 1    GLY B CA  1 
ATOM   1030 C  C   . GLY B 2 2   ? 15.866  -0.138  13.859  1.00 37.26 ? 1    GLY B C   1 
ATOM   1031 O  O   . GLY B 2 2   ? 15.421  0.823   13.227  1.00 37.22 ? 1    GLY B O   1 
ATOM   1032 N  N   . ASP B 2 3   ? 17.160  -0.302  14.130  1.00 37.22 ? 2    ASP B N   1 
ATOM   1033 C  CA  . ASP B 2 3   ? 18.183  0.667   13.740  1.00 37.24 ? 2    ASP B CA  1 
ATOM   1034 C  C   . ASP B 2 3   ? 18.558  0.505   12.263  1.00 37.21 ? 2    ASP B C   1 
ATOM   1035 O  O   . ASP B 2 3   ? 19.600  -0.068  11.933  1.00 37.10 ? 2    ASP B O   1 
ATOM   1036 C  CB  . ASP B 2 3   ? 19.416  0.515   14.643  1.00 37.29 ? 2    ASP B CB  1 
ATOM   1037 C  CG  . ASP B 2 3   ? 20.405  1.662   14.498  1.00 37.41 ? 2    ASP B CG  1 
ATOM   1038 O  OD1 . ASP B 2 3   ? 20.046  2.719   13.932  1.00 37.64 ? 2    ASP B OD1 1 
ATOM   1039 O  OD2 . ASP B 2 3   ? 21.574  1.595   14.928  1.00 37.54 ? 2    ASP B OD2 1 
ATOM   1040 N  N   . VAL B 2 4   ? 17.702  1.030   11.388  1.00 37.22 ? 3    VAL B N   1 
ATOM   1041 C  CA  . VAL B 2 4   ? 17.836  0.867   9.937   1.00 37.30 ? 3    VAL B CA  1 
ATOM   1042 C  C   . VAL B 2 4   ? 19.191  1.335   9.391   1.00 37.42 ? 3    VAL B C   1 
ATOM   1043 O  O   . VAL B 2 4   ? 19.903  0.554   8.756   1.00 37.32 ? 3    VAL B O   1 
ATOM   1044 C  CB  . VAL B 2 4   ? 16.670  1.560   9.171   1.00 37.24 ? 3    VAL B CB  1 
ATOM   1045 C  CG1 . VAL B 2 4   ? 16.820  1.386   7.667   1.00 37.18 ? 3    VAL B CG1 1 
ATOM   1046 C  CG2 . VAL B 2 4   ? 15.324  1.013   9.631   1.00 37.17 ? 3    VAL B CG2 1 
ATOM   1047 N  N   . ASN B 2 5   ? 19.547  2.594   9.644   1.00 37.64 ? 4    ASN B N   1 
ATOM   1048 C  CA  . ASN B 2 5   ? 20.803  3.152   9.133   1.00 37.88 ? 4    ASN B CA  1 
ATOM   1049 C  C   . ASN B 2 5   ? 22.050  2.721   9.912   1.00 38.06 ? 4    ASN B C   1 
ATOM   1050 O  O   . ASN B 2 5   ? 23.173  2.872   9.426   1.00 38.14 ? 4    ASN B O   1 
ATOM   1051 C  CB  . ASN B 2 5   ? 20.735  4.683   9.015   1.00 37.87 ? 4    ASN B CB  1 
ATOM   1052 C  CG  . ASN B 2 5   ? 20.243  5.359   10.285  1.00 37.85 ? 4    ASN B CG  1 
ATOM   1053 O  OD1 . ASN B 2 5   ? 20.548  4.928   11.400  1.00 37.96 ? 4    ASN B OD1 1 
ATOM   1054 N  ND2 . ASN B 2 5   ? 19.477  6.429   10.118  1.00 37.82 ? 4    ASN B ND2 1 
ATOM   1055 N  N   . GLY B 2 6   ? 21.841  2.191   11.114  1.00 38.26 ? 5    GLY B N   1 
ATOM   1056 C  CA  . GLY B 2 6   ? 22.918  1.660   11.932  1.00 38.55 ? 5    GLY B CA  1 
ATOM   1057 C  C   . GLY B 2 6   ? 23.800  2.699   12.605  1.00 38.77 ? 5    GLY B C   1 
ATOM   1058 O  O   . GLY B 2 6   ? 24.993  2.457   12.803  1.00 38.85 ? 5    GLY B O   1 
ATOM   1059 N  N   . ASP B 2 7   ? 23.221  3.845   12.965  1.00 38.92 ? 6    ASP B N   1 
ATOM   1060 C  CA  . ASP B 2 7   ? 23.979  4.916   13.615  1.00 39.11 ? 6    ASP B CA  1 
ATOM   1061 C  C   . ASP B 2 7   ? 24.029  4.801   15.143  1.00 39.11 ? 6    ASP B C   1 
ATOM   1062 O  O   . ASP B 2 7   ? 24.692  5.599   15.810  1.00 39.27 ? 6    ASP B O   1 
ATOM   1063 C  CB  . ASP B 2 7   ? 23.488  6.306   13.168  1.00 39.14 ? 6    ASP B CB  1 
ATOM   1064 C  CG  . ASP B 2 7   ? 22.047  6.597   13.577  1.00 39.29 ? 6    ASP B CG  1 
ATOM   1065 O  OD1 . ASP B 2 7   ? 21.425  5.787   14.297  1.00 39.70 ? 6    ASP B OD1 1 
ATOM   1066 O  OD2 . ASP B 2 7   ? 21.444  7.628   13.211  1.00 39.53 ? 6    ASP B OD2 1 
ATOM   1067 N  N   . GLY B 2 8   ? 23.324  3.810   15.688  1.00 39.10 ? 7    GLY B N   1 
ATOM   1068 C  CA  . GLY B 2 8   ? 23.344  3.534   17.116  1.00 39.00 ? 7    GLY B CA  1 
ATOM   1069 C  C   . GLY B 2 8   ? 22.109  3.988   17.874  1.00 38.94 ? 7    GLY B C   1 
ATOM   1070 O  O   . GLY B 2 8   ? 21.961  3.691   19.063  1.00 38.96 ? 7    GLY B O   1 
ATOM   1071 N  N   . THR B 2 9   ? 21.223  4.706   17.187  1.00 38.81 ? 8    THR B N   1 
ATOM   1072 C  CA  . THR B 2 9   ? 20.001  5.228   17.795  1.00 38.69 ? 8    THR B CA  1 
ATOM   1073 C  C   . THR B 2 9   ? 18.784  4.881   16.942  1.00 38.50 ? 8    THR B C   1 
ATOM   1074 O  O   . THR B 2 9   ? 18.828  4.988   15.714  1.00 38.52 ? 8    THR B O   1 
ATOM   1075 C  CB  . THR B 2 9   ? 20.097  6.763   17.979  1.00 38.71 ? 8    THR B CB  1 
ATOM   1076 O  OG1 . THR B 2 9   ? 21.388  7.111   18.497  1.00 39.13 ? 8    THR B OG1 1 
ATOM   1077 C  CG2 . THR B 2 9   ? 19.143  7.238   19.072  1.00 38.78 ? 8    THR B CG2 1 
ATOM   1078 N  N   . ILE B 2 10  ? 17.706  4.463   17.598  1.00 38.25 ? 9    ILE B N   1 
ATOM   1079 C  CA  . ILE B 2 10  ? 16.443  4.196   16.914  1.00 37.93 ? 9    ILE B CA  1 
ATOM   1080 C  C   . ILE B 2 10  ? 15.523  5.409   17.054  1.00 37.71 ? 9    ILE B C   1 
ATOM   1081 O  O   . ILE B 2 10  ? 15.026  5.703   18.145  1.00 37.69 ? 9    ILE B O   1 
ATOM   1082 C  CB  . ILE B 2 10  ? 15.767  2.908   17.455  1.00 37.99 ? 9    ILE B CB  1 
ATOM   1083 C  CG1 . ILE B 2 10  ? 16.711  1.706   17.329  1.00 38.01 ? 9    ILE B CG1 1 
ATOM   1084 C  CG2 . ILE B 2 10  ? 14.464  2.630   16.708  1.00 37.91 ? 9    ILE B CG2 1 
ATOM   1085 C  CD1 . ILE B 2 10  ? 16.560  0.677   18.436  1.00 38.18 ? 9    ILE B CD1 1 
ATOM   1086 N  N   . ASN B 2 11  ? 15.320  6.115   15.943  1.00 37.33 ? 10   ASN B N   1 
ATOM   1087 C  CA  . ASN B 2 11  ? 14.473  7.307   15.916  1.00 36.93 ? 10   ASN B CA  1 
ATOM   1088 C  C   . ASN B 2 11  ? 13.624  7.415   14.644  1.00 36.55 ? 10   ASN B C   1 
ATOM   1089 O  O   . ASN B 2 11  ? 13.506  6.449   13.886  1.00 36.50 ? 10   ASN B O   1 
ATOM   1090 C  CB  . ASN B 2 11  ? 15.307  8.582   16.139  1.00 37.04 ? 10   ASN B CB  1 
ATOM   1091 C  CG  . ASN B 2 11  ? 16.524  8.668   15.226  1.00 37.19 ? 10   ASN B CG  1 
ATOM   1092 O  OD1 . ASN B 2 11  ? 16.490  8.242   14.070  1.00 37.32 ? 10   ASN B OD1 1 
ATOM   1093 N  ND2 . ASN B 2 11  ? 17.608  9.230   15.747  1.00 37.62 ? 10   ASN B ND2 1 
ATOM   1094 N  N   . SER B 2 12  ? 13.043  8.594   14.423  1.00 36.04 ? 11   SER B N   1 
ATOM   1095 C  CA  . SER B 2 12  ? 12.146  8.845   13.292  1.00 35.50 ? 11   SER B CA  1 
ATOM   1096 C  C   . SER B 2 12  ? 12.811  8.663   11.923  1.00 35.02 ? 11   SER B C   1 
ATOM   1097 O  O   . SER B 2 12  ? 12.142  8.305   10.950  1.00 34.90 ? 11   SER B O   1 
ATOM   1098 C  CB  . SER B 2 12  ? 11.538  10.246  13.397  1.00 35.54 ? 11   SER B CB  1 
ATOM   1099 O  OG  . SER B 2 12  ? 12.548  11.239  13.395  1.00 35.90 ? 11   SER B OG  1 
ATOM   1100 N  N   . THR B 2 13  ? 14.120  8.908   11.861  1.00 34.45 ? 12   THR B N   1 
ATOM   1101 C  CA  . THR B 2 13  ? 14.901  8.744   10.632  1.00 33.87 ? 12   THR B CA  1 
ATOM   1102 C  C   . THR B 2 13  ? 14.892  7.293   10.134  1.00 33.39 ? 12   THR B C   1 
ATOM   1103 O  O   . THR B 2 13  ? 14.897  7.048   8.926   1.00 33.28 ? 12   THR B O   1 
ATOM   1104 C  CB  . THR B 2 13  ? 16.353  9.241   10.841  1.00 33.93 ? 12   THR B CB  1 
ATOM   1105 O  OG1 . THR B 2 13  ? 16.335  10.558  11.403  1.00 34.06 ? 12   THR B OG1 1 
ATOM   1106 C  CG2 . THR B 2 13  ? 17.063  9.445   9.504   1.00 33.81 ? 12   THR B CG2 1 
ATOM   1107 N  N   . ASP B 2 14  ? 14.880  6.346   11.071  1.00 32.86 ? 13   ASP B N   1 
ATOM   1108 C  CA  . ASP B 2 14  ? 14.815  4.921   10.744  1.00 32.35 ? 13   ASP B CA  1 
ATOM   1109 C  C   . ASP B 2 14  ? 13.465  4.536   10.146  1.00 32.02 ? 13   ASP B C   1 
ATOM   1110 O  O   . ASP B 2 14  ? 13.408  3.811   9.153   1.00 32.04 ? 13   ASP B O   1 
ATOM   1111 C  CB  . ASP B 2 14  ? 15.094  4.065   11.981  1.00 32.31 ? 13   ASP B CB  1 
ATOM   1112 C  CG  . ASP B 2 14  ? 16.517  4.200   12.472  1.00 32.23 ? 13   ASP B CG  1 
ATOM   1113 O  OD1 . ASP B 2 14  ? 17.450  3.804   11.739  1.00 31.86 ? 13   ASP B OD1 1 
ATOM   1114 O  OD2 . ASP B 2 14  ? 16.806  4.699   13.580  1.00 31.84 ? 13   ASP B OD2 1 
ATOM   1115 N  N   . LEU B 2 15  ? 12.389  5.023   10.761  1.00 31.57 ? 14   LEU B N   1 
ATOM   1116 C  CA  . LEU B 2 15  ? 11.034  4.754   10.287  1.00 31.29 ? 14   LEU B CA  1 
ATOM   1117 C  C   . LEU B 2 15  ? 10.804  5.335   8.893   1.00 31.01 ? 14   LEU B C   1 
ATOM   1118 O  O   . LEU B 2 15  ? 10.207  4.678   8.039   1.00 30.95 ? 14   LEU B O   1 
ATOM   1119 C  CB  . LEU B 2 15  ? 9.989   5.283   11.280  1.00 31.21 ? 14   LEU B CB  1 
ATOM   1120 C  CG  . LEU B 2 15  ? 8.509   4.989   10.998  1.00 31.24 ? 14   LEU B CG  1 
ATOM   1121 C  CD1 . LEU B 2 15  ? 8.191   3.497   11.099  1.00 31.02 ? 14   LEU B CD1 1 
ATOM   1122 C  CD2 . LEU B 2 15  ? 7.613   5.795   11.931  1.00 31.25 ? 14   LEU B CD2 1 
ATOM   1123 N  N   . THR B 2 16  ? 11.291  6.556   8.674   1.00 30.72 ? 15   THR B N   1 
ATOM   1124 C  CA  . THR B 2 16  ? 11.202  7.222   7.375   1.00 30.59 ? 15   THR B CA  1 
ATOM   1125 C  C   . THR B 2 16  ? 11.910  6.418   6.281   1.00 30.35 ? 15   THR B C   1 
ATOM   1126 O  O   . THR B 2 16  ? 11.371  6.251   5.188   1.00 30.31 ? 15   THR B O   1 
ATOM   1127 C  CB  . THR B 2 16  ? 11.776  8.656   7.460   1.00 30.58 ? 15   THR B CB  1 
ATOM   1128 O  OG1 . THR B 2 16  ? 11.066  9.395   8.460   1.00 30.75 ? 15   THR B OG1 1 
ATOM   1129 C  CG2 . THR B 2 16  ? 11.484  9.441   6.182   1.00 30.74 ? 15   THR B CG2 1 
ATOM   1130 N  N   . MET B 2 17  ? 13.107  5.921   6.591   1.00 30.14 ? 16   MET B N   1 
ATOM   1131 C  CA  . MET B 2 17  ? 13.876  5.089   5.665   1.00 29.96 ? 16   MET B CA  1 
ATOM   1132 C  C   . MET B 2 17  ? 13.168  3.767   5.374   1.00 29.61 ? 16   MET B C   1 
ATOM   1133 O  O   . MET B 2 17  ? 13.152  3.304   4.232   1.00 29.48 ? 16   MET B O   1 
ATOM   1134 C  CB  . MET B 2 17  ? 15.273  4.813   6.223   1.00 30.12 ? 16   MET B CB  1 
ATOM   1135 C  CG  . MET B 2 17  ? 16.295  5.890   5.909   1.00 30.97 ? 16   MET B CG  1 
ATOM   1136 S  SD  . MET B 2 17  ? 17.977  5.338   6.249   1.00 32.80 ? 16   MET B SD  1 
ATOM   1137 C  CE  . MET B 2 17  ? 18.721  6.881   6.775   1.00 32.32 ? 16   MET B CE  1 
ATOM   1138 N  N   . LEU B 2 18  ? 12.586  3.172   6.415   1.00 29.18 ? 17   LEU B N   1 
ATOM   1139 C  CA  . LEU B 2 18  ? 11.863  1.908   6.295   1.00 28.90 ? 17   LEU B CA  1 
ATOM   1140 C  C   . LEU B 2 18  ? 10.595  2.055   5.452   1.00 28.65 ? 17   LEU B C   1 
ATOM   1141 O  O   . LEU B 2 18  ? 10.328  1.224   4.581   1.00 28.56 ? 17   LEU B O   1 
ATOM   1142 C  CB  . LEU B 2 18  ? 11.528  1.343   7.686   1.00 28.79 ? 17   LEU B CB  1 
ATOM   1143 C  CG  . LEU B 2 18  ? 10.662  0.079   7.788   1.00 29.04 ? 17   LEU B CG  1 
ATOM   1144 C  CD1 . LEU B 2 18  ? 11.344  -1.126  7.155   1.00 28.84 ? 17   LEU B CD1 1 
ATOM   1145 C  CD2 . LEU B 2 18  ? 10.307  -0.217  9.236   1.00 28.88 ? 17   LEU B CD2 1 
ATOM   1146 N  N   . LYS B 2 19  ? 9.829   3.112   5.715   1.00 28.42 ? 18   LYS B N   1 
ATOM   1147 C  CA  . LYS B 2 19  ? 8.588   3.384   4.989   1.00 28.34 ? 18   LYS B CA  1 
ATOM   1148 C  C   . LYS B 2 19  ? 8.847   3.686   3.513   1.00 28.14 ? 18   LYS B C   1 
ATOM   1149 O  O   . LYS B 2 19  ? 8.109   3.221   2.642   1.00 28.12 ? 18   LYS B O   1 
ATOM   1150 C  CB  . LYS B 2 19  ? 7.822   4.537   5.643   1.00 28.39 ? 18   LYS B CB  1 
ATOM   1151 C  CG  . LYS B 2 19  ? 7.051   4.135   6.898   1.00 28.80 ? 18   LYS B CG  1 
ATOM   1152 C  CD  . LYS B 2 19  ? 6.472   5.346   7.617   1.00 29.47 ? 18   LYS B CD  1 
ATOM   1153 C  CE  . LYS B 2 19  ? 4.986   5.498   7.339   1.00 29.97 ? 18   LYS B CE  1 
ATOM   1154 N  NZ  . LYS B 2 19  ? 4.385   6.634   8.098   1.00 30.49 ? 18   LYS B NZ  1 
ATOM   1155 N  N   . ARG B 2 20  ? 9.898   4.460   3.243   1.00 27.92 ? 19   ARG B N   1 
ATOM   1156 C  CA  . ARG B 2 20  ? 10.297  4.793   1.876   1.00 27.78 ? 19   ARG B CA  1 
ATOM   1157 C  C   . ARG B 2 20  ? 10.803  3.563   1.121   1.00 27.66 ? 19   ARG B C   1 
ATOM   1158 O  O   . ARG B 2 20  ? 10.610  3.450   -0.091  1.00 27.52 ? 19   ARG B O   1 
ATOM   1159 C  CB  . ARG B 2 20  ? 11.355  5.900   1.873   1.00 27.73 ? 19   ARG B CB  1 
ATOM   1160 C  CG  . ARG B 2 20  ? 10.778  7.301   2.051   1.00 27.85 ? 19   ARG B CG  1 
ATOM   1161 C  CD  . ARG B 2 20  ? 11.817  8.403   2.273   1.00 27.71 ? 19   ARG B CD  1 
ATOM   1162 N  NE  . ARG B 2 20  ? 12.745  8.553   1.148   1.00 27.45 ? 19   ARG B NE  1 
ATOM   1163 C  CZ  . ARG B 2 20  ? 12.442  9.107   -0.025  1.00 27.69 ? 19   ARG B CZ  1 
ATOM   1164 N  NH1 . ARG B 2 20  ? 11.221  9.576   -0.263  1.00 27.33 ? 19   ARG B NH1 1 
ATOM   1165 N  NH2 . ARG B 2 20  ? 13.367  9.190   -0.971  1.00 27.37 ? 19   ARG B NH2 1 
ATOM   1166 N  N   . SER B 2 21  ? 11.438  2.645   1.851   1.00 27.52 ? 20   SER B N   1 
ATOM   1167 C  CA  . SER B 2 21  ? 11.906  1.375   1.294   1.00 27.54 ? 20   SER B CA  1 
ATOM   1168 C  C   . SER B 2 21  ? 10.744  0.480   0.853   1.00 27.38 ? 20   SER B C   1 
ATOM   1169 O  O   . SER B 2 21  ? 10.782  -0.099  -0.235  1.00 27.33 ? 20   SER B O   1 
ATOM   1170 C  CB  . SER B 2 21  ? 12.790  0.638   2.308   1.00 27.45 ? 20   SER B CB  1 
ATOM   1171 O  OG  . SER B 2 21  ? 12.949  -0.728  1.961   1.00 28.31 ? 20   SER B OG  1 
ATOM   1172 N  N   . VAL B 2 22  ? 9.725   0.371   1.706   1.00 27.39 ? 21   VAL B N   1 
ATOM   1173 C  CA  . VAL B 2 22  ? 8.525   -0.416  1.401   1.00 27.43 ? 21   VAL B CA  1 
ATOM   1174 C  C   . VAL B 2 22  ? 7.755   0.211   0.233   1.00 27.40 ? 21   VAL B C   1 
ATOM   1175 O  O   . VAL B 2 22  ? 7.224   -0.499  -0.625  1.00 27.35 ? 21   VAL B O   1 
ATOM   1176 C  CB  . VAL B 2 22  ? 7.608   -0.576  2.647   1.00 27.46 ? 21   VAL B CB  1 
ATOM   1177 C  CG1 . VAL B 2 22  ? 6.347   -1.369  2.308   1.00 27.45 ? 21   VAL B CG1 1 
ATOM   1178 C  CG2 . VAL B 2 22  ? 8.359   -1.256  3.785   1.00 27.42 ? 21   VAL B CG2 1 
ATOM   1179 N  N   . LEU B 2 23  ? 7.721   1.542   0.196   1.00 27.40 ? 22   LEU B N   1 
ATOM   1180 C  CA  . LEU B 2 23  ? 7.097   2.272   -0.907  1.00 27.50 ? 22   LEU B CA  1 
ATOM   1181 C  C   . LEU B 2 23  ? 7.981   2.307   -2.159  1.00 27.61 ? 22   LEU B C   1 
ATOM   1182 O  O   . LEU B 2 23  ? 7.607   2.897   -3.175  1.00 27.66 ? 22   LEU B O   1 
ATOM   1183 C  CB  . LEU B 2 23  ? 6.714   3.690   -0.469  1.00 27.35 ? 22   LEU B CB  1 
ATOM   1184 C  CG  . LEU B 2 23  ? 5.456   3.805   0.401   1.00 27.36 ? 22   LEU B CG  1 
ATOM   1185 C  CD1 . LEU B 2 23  ? 5.488   5.076   1.233   1.00 27.19 ? 22   LEU B CD1 1 
ATOM   1186 C  CD2 . LEU B 2 23  ? 4.191   3.750   -0.445  1.00 27.13 ? 22   LEU B CD2 1 
ATOM   1187 N  N   . ARG B 2 24  ? 9.149   1.666   -2.068  1.00 27.77 ? 23   ARG B N   1 
ATOM   1188 C  CA  . ARG B 2 24  ? 10.091  1.504   -3.185  1.00 27.99 ? 23   ARG B CA  1 
ATOM   1189 C  C   . ARG B 2 24  ? 10.695  2.822   -3.693  1.00 27.93 ? 23   ARG B C   1 
ATOM   1190 O  O   . ARG B 2 24  ? 11.135  2.909   -4.842  1.00 27.93 ? 23   ARG B O   1 
ATOM   1191 C  CB  . ARG B 2 24  ? 9.461   0.704   -4.342  1.00 28.12 ? 23   ARG B CB  1 
ATOM   1192 C  CG  . ARG B 2 24  ? 8.790   -0.603  -3.926  1.00 29.10 ? 23   ARG B CG  1 
ATOM   1193 C  CD  . ARG B 2 24  ? 9.588   -1.849  -4.264  1.00 31.06 ? 23   ARG B CD  1 
ATOM   1194 N  NE  . ARG B 2 24  ? 8.893   -3.073  -3.867  1.00 32.36 ? 23   ARG B NE  1 
ATOM   1195 C  CZ  . ARG B 2 24  ? 8.603   -4.076  -4.691  1.00 33.24 ? 23   ARG B CZ  1 
ATOM   1196 N  NH1 . ARG B 2 24  ? 8.941   -4.012  -5.973  1.00 33.74 ? 23   ARG B NH1 1 
ATOM   1197 N  NH2 . ARG B 2 24  ? 7.970   -5.148  -4.232  1.00 33.66 ? 23   ARG B NH2 1 
ATOM   1198 N  N   . ALA B 2 25  ? 10.714  3.838   -2.834  1.00 27.83 ? 24   ALA B N   1 
ATOM   1199 C  CA  . ALA B 2 25  ? 11.336  5.120   -3.162  1.00 27.90 ? 24   ALA B CA  1 
ATOM   1200 C  C   . ALA B 2 25  ? 12.855  5.016   -3.088  1.00 27.92 ? 24   ALA B C   1 
ATOM   1201 O  O   . ALA B 2 25  ? 13.571  5.637   -3.874  1.00 27.92 ? 24   ALA B O   1 
ATOM   1202 C  CB  . ALA B 2 25  ? 10.826  6.216   -2.237  1.00 27.80 ? 24   ALA B CB  1 
ATOM   1203 N  N   . ILE B 2 26  ? 13.334  4.219   -2.136  1.00 28.04 ? 25   ILE B N   1 
ATOM   1204 C  CA  . ILE B 2 26  ? 14.762  4.007   -1.925  1.00 28.10 ? 25   ILE B CA  1 
ATOM   1205 C  C   . ILE B 2 26  ? 15.090  2.519   -1.860  1.00 28.27 ? 25   ILE B C   1 
ATOM   1206 O  O   . ILE B 2 26  ? 14.199  1.680   -1.690  1.00 28.17 ? 25   ILE B O   1 
ATOM   1207 C  CB  . ILE B 2 26  ? 15.245  4.713   -0.621  1.00 28.12 ? 25   ILE B CB  1 
ATOM   1208 C  CG1 . ILE B 2 26  ? 14.516  4.162   0.611   1.00 28.24 ? 25   ILE B CG1 1 
ATOM   1209 C  CG2 . ILE B 2 26  ? 15.088  6.230   -0.722  1.00 27.94 ? 25   ILE B CG2 1 
ATOM   1210 C  CD1 . ILE B 2 26  ? 15.419  3.937   1.807   1.00 28.55 ? 25   ILE B CD1 1 
ATOM   1211 N  N   . THR B 2 27  ? 16.371  2.200   -2.009  1.00 28.43 ? 26   THR B N   1 
ATOM   1212 C  CA  . THR B 2 27  ? 16.864  0.859   -1.718  1.00 28.68 ? 26   THR B CA  1 
ATOM   1213 C  C   . THR B 2 27  ? 17.702  0.909   -0.449  1.00 28.69 ? 26   THR B C   1 
ATOM   1214 O  O   . THR B 2 27  ? 18.360  1.916   -0.165  1.00 28.77 ? 26   THR B O   1 
ATOM   1215 C  CB  . THR B 2 27  ? 17.702  0.290   -2.882  1.00 28.67 ? 26   THR B CB  1 
ATOM   1216 O  OG1 . THR B 2 27  ? 18.758  1.201   -3.208  1.00 29.18 ? 26   THR B OG1 1 
ATOM   1217 C  CG2 . THR B 2 27  ? 16.876  0.211   -4.166  1.00 28.74 ? 26   THR B CG2 1 
ATOM   1218 N  N   . LEU B 2 28  ? 17.660  -0.172  0.317   1.00 28.65 ? 27   LEU B N   1 
ATOM   1219 C  CA  . LEU B 2 28  ? 18.510  -0.306  1.489   1.00 28.60 ? 27   LEU B CA  1 
ATOM   1220 C  C   . LEU B 2 28  ? 19.694  -1.203  1.160   1.00 28.61 ? 27   LEU B C   1 
ATOM   1221 O  O   . LEU B 2 28  ? 19.580  -2.116  0.336   1.00 28.54 ? 27   LEU B O   1 
ATOM   1222 C  CB  . LEU B 2 28  ? 17.723  -0.874  2.673   1.00 28.60 ? 27   LEU B CB  1 
ATOM   1223 C  CG  . LEU B 2 28  ? 16.542  -0.055  3.208   1.00 28.54 ? 27   LEU B CG  1 
ATOM   1224 C  CD1 . LEU B 2 28  ? 15.697  -0.908  4.135   1.00 28.70 ? 27   LEU B CD1 1 
ATOM   1225 C  CD2 . LEU B 2 28  ? 17.009  1.212   3.917   1.00 28.51 ? 27   LEU B CD2 1 
ATOM   1226 N  N   . THR B 2 29  ? 20.829  -0.930  1.798   1.00 28.53 ? 28   THR B N   1 
ATOM   1227 C  CA  . THR B 2 29  ? 22.010  -1.778  1.661   1.00 28.47 ? 28   THR B CA  1 
ATOM   1228 C  C   . THR B 2 29  ? 21.755  -3.113  2.357   1.00 28.43 ? 28   THR B C   1 
ATOM   1229 O  O   . THR B 2 29  ? 20.823  -3.233  3.156   1.00 28.37 ? 28   THR B O   1 
ATOM   1230 C  CB  . THR B 2 29  ? 23.261  -1.088  2.243   1.00 28.44 ? 28   THR B CB  1 
ATOM   1231 O  OG1 . THR B 2 29  ? 23.070  -0.834  3.640   1.00 28.42 ? 28   THR B OG1 1 
ATOM   1232 C  CG2 . THR B 2 29  ? 23.440  0.307   1.645   1.00 28.45 ? 28   THR B CG2 1 
ATOM   1233 N  N   . ASP B 2 30  ? 22.581  -4.108  2.049   1.00 28.46 ? 29   ASP B N   1 
ATOM   1234 C  CA  . ASP B 2 30  ? 22.389  -5.462  2.571   1.00 28.55 ? 29   ASP B CA  1 
ATOM   1235 C  C   . ASP B 2 30  ? 22.440  -5.539  4.097   1.00 28.58 ? 29   ASP B C   1 
ATOM   1236 O  O   . ASP B 2 30  ? 21.683  -6.300  4.700   1.00 28.69 ? 29   ASP B O   1 
ATOM   1237 C  CB  . ASP B 2 30  ? 23.382  -6.435  1.926   1.00 28.50 ? 29   ASP B CB  1 
ATOM   1238 C  CG  . ASP B 2 30  ? 23.135  -6.620  0.435   1.00 28.39 ? 29   ASP B CG  1 
ATOM   1239 O  OD1 . ASP B 2 30  ? 21.969  -6.511  0.001   1.00 28.31 ? 29   ASP B OD1 1 
ATOM   1240 O  OD2 . ASP B 2 30  ? 24.045  -6.869  -0.384  1.00 28.24 ? 29   ASP B OD2 1 
ATOM   1241 N  N   . ASP B 2 31  ? 23.313  -4.740  4.711   1.00 28.63 ? 30   ASP B N   1 
ATOM   1242 C  CA  . ASP B 2 31  ? 23.379  -4.632  6.170   1.00 28.70 ? 30   ASP B CA  1 
ATOM   1243 C  C   . ASP B 2 31  ? 22.107  -4.012  6.739   1.00 28.84 ? 30   ASP B C   1 
ATOM   1244 O  O   . ASP B 2 31  ? 21.558  -4.503  7.729   1.00 28.78 ? 30   ASP B O   1 
ATOM   1245 C  CB  . ASP B 2 31  ? 24.576  -3.781  6.601   1.00 28.58 ? 30   ASP B CB  1 
ATOM   1246 C  CG  . ASP B 2 31  ? 25.905  -4.485  6.413   1.00 28.43 ? 30   ASP B CG  1 
ATOM   1247 O  OD1 . ASP B 2 31  ? 25.935  -5.665  6.001   1.00 27.92 ? 30   ASP B OD1 1 
ATOM   1248 O  OD2 . ASP B 2 31  ? 26.985  -3.912  6.652   1.00 28.12 ? 30   ASP B OD2 1 
ATOM   1249 N  N   . ALA B 2 32  ? 21.660  -2.924  6.111   1.00 28.98 ? 31   ALA B N   1 
ATOM   1250 C  CA  . ALA B 2 32  ? 20.464  -2.198  6.535   1.00 29.24 ? 31   ALA B CA  1 
ATOM   1251 C  C   . ALA B 2 32  ? 19.199  -3.038  6.386   1.00 29.38 ? 31   ALA B C   1 
ATOM   1252 O  O   . ALA B 2 32  ? 18.274  -2.916  7.189   1.00 29.44 ? 31   ALA B O   1 
ATOM   1253 C  CB  . ALA B 2 32  ? 20.331  -0.893  5.759   1.00 29.15 ? 31   ALA B CB  1 
ATOM   1254 N  N   . LYS B 2 33  ? 19.175  -3.889  5.360   1.00 29.60 ? 32   LYS B N   1 
ATOM   1255 C  CA  . LYS B 2 33  ? 18.053  -4.791  5.099   1.00 29.90 ? 32   LYS B CA  1 
ATOM   1256 C  C   . LYS B 2 33  ? 17.766  -5.724  6.277   1.00 29.96 ? 32   LYS B C   1 
ATOM   1257 O  O   . LYS B 2 33  ? 16.605  -5.948  6.631   1.00 29.97 ? 32   LYS B O   1 
ATOM   1258 C  CB  . LYS B 2 33  ? 18.315  -5.613  3.834   1.00 29.98 ? 32   LYS B CB  1 
ATOM   1259 C  CG  . LYS B 2 33  ? 17.941  -4.911  2.539   1.00 30.48 ? 32   LYS B CG  1 
ATOM   1260 C  CD  . LYS B 2 33  ? 17.972  -5.883  1.368   1.00 31.70 ? 32   LYS B CD  1 
ATOM   1261 C  CE  . LYS B 2 33  ? 17.791  -5.160  0.046   1.00 32.64 ? 32   LYS B CE  1 
ATOM   1262 N  NZ  . LYS B 2 33  ? 18.823  -5.568  -0.950  1.00 33.79 ? 32   LYS B NZ  1 
ATOM   1263 N  N   . ALA B 2 34  ? 18.828  -6.260  6.877   1.00 30.02 ? 33   ALA B N   1 
ATOM   1264 C  CA  . ALA B 2 34  ? 18.705  -7.151  8.031   1.00 30.07 ? 33   ALA B CA  1 
ATOM   1265 C  C   . ALA B 2 34  ? 18.155  -6.420  9.257   1.00 30.14 ? 33   ALA B C   1 
ATOM   1266 O  O   . ALA B 2 34  ? 17.335  -6.969  9.996   1.00 30.11 ? 33   ALA B O   1 
ATOM   1267 C  CB  . ALA B 2 34  ? 20.049  -7.801  8.349   1.00 30.06 ? 33   ALA B CB  1 
ATOM   1268 N  N   . ARG B 2 35  ? 18.604  -5.182  9.456   1.00 30.25 ? 34   ARG B N   1 
ATOM   1269 C  CA  . ARG B 2 35  ? 18.169  -4.359  10.585  1.00 30.41 ? 34   ARG B CA  1 
ATOM   1270 C  C   . ARG B 2 35  ? 16.754  -3.805  10.389  1.00 30.53 ? 34   ARG B C   1 
ATOM   1271 O  O   . ARG B 2 35  ? 16.044  -3.547  11.363  1.00 30.62 ? 34   ARG B O   1 
ATOM   1272 C  CB  . ARG B 2 35  ? 19.159  -3.215  10.837  1.00 30.45 ? 34   ARG B CB  1 
ATOM   1273 C  CG  . ARG B 2 35  ? 20.587  -3.670  11.150  1.00 30.60 ? 34   ARG B CG  1 
ATOM   1274 C  CD  . ARG B 2 35  ? 21.563  -2.538  11.456  1.00 31.03 ? 34   ARG B CD  1 
ATOM   1275 N  NE  . ARG B 2 35  ? 21.628  -1.549  10.378  1.00 31.09 ? 34   ARG B NE  1 
ATOM   1276 C  CZ  . ARG B 2 35  ? 22.694  -1.330  9.615   1.00 31.17 ? 34   ARG B CZ  1 
ATOM   1277 N  NH1 . ARG B 2 35  ? 23.810  -2.025  9.800   1.00 31.26 ? 34   ARG B NH1 1 
ATOM   1278 N  NH2 . ARG B 2 35  ? 22.647  -0.408  8.663   1.00 31.28 ? 34   ARG B NH2 1 
ATOM   1279 N  N   . ALA B 2 36  ? 16.358  -3.619  9.131   1.00 30.61 ? 35   ALA B N   1 
ATOM   1280 C  CA  . ALA B 2 36  ? 15.009  -3.162  8.791   1.00 30.70 ? 35   ALA B CA  1 
ATOM   1281 C  C   . ALA B 2 36  ? 13.972  -4.276  8.943   1.00 30.78 ? 35   ALA B C   1 
ATOM   1282 O  O   . ALA B 2 36  ? 12.782  -4.007  9.123   1.00 30.78 ? 35   ALA B O   1 
ATOM   1283 C  CB  . ALA B 2 36  ? 14.979  -2.601  7.378   1.00 30.62 ? 35   ALA B CB  1 
ATOM   1284 N  N   . ASP B 2 37  ? 14.433  -5.521  8.859   1.00 30.89 ? 36   ASP B N   1 
ATOM   1285 C  CA  . ASP B 2 37  ? 13.581  -6.692  9.048   1.00 31.01 ? 36   ASP B CA  1 
ATOM   1286 C  C   . ASP B 2 37  ? 13.283  -6.874  10.540  1.00 31.10 ? 36   ASP B C   1 
ATOM   1287 O  O   . ASP B 2 37  ? 13.886  -7.716  11.208  1.00 31.10 ? 36   ASP B O   1 
ATOM   1288 C  CB  . ASP B 2 37  ? 14.262  -7.934  8.458   1.00 30.90 ? 36   ASP B CB  1 
ATOM   1289 C  CG  . ASP B 2 37  ? 13.311  -9.111  8.282   1.00 31.00 ? 36   ASP B CG  1 
ATOM   1290 O  OD1 . ASP B 2 37  ? 12.120  -9.013  8.652   1.00 30.79 ? 36   ASP B OD1 1 
ATOM   1291 O  OD2 . ASP B 2 37  ? 13.678  -10.192 7.777   1.00 30.97 ? 36   ASP B OD2 1 
ATOM   1292 N  N   . VAL B 2 38  ? 12.346  -6.071  11.046  1.00 31.27 ? 37   VAL B N   1 
ATOM   1293 C  CA  . VAL B 2 38  ? 12.034  -6.005  12.477  1.00 31.48 ? 37   VAL B CA  1 
ATOM   1294 C  C   . VAL B 2 38  ? 11.584  -7.352  13.059  1.00 31.56 ? 37   VAL B C   1 
ATOM   1295 O  O   . VAL B 2 38  ? 12.077  -7.769  14.109  1.00 31.63 ? 37   VAL B O   1 
ATOM   1296 C  CB  . VAL B 2 38  ? 10.980  -4.898  12.787  1.00 31.52 ? 37   VAL B CB  1 
ATOM   1297 C  CG1 . VAL B 2 38  ? 10.659  -4.834  14.281  1.00 31.60 ? 37   VAL B CG1 1 
ATOM   1298 C  CG2 . VAL B 2 38  ? 11.463  -3.537  12.294  1.00 31.60 ? 37   VAL B CG2 1 
ATOM   1299 N  N   . ASP B 2 39  ? 10.663  -8.025  12.371  1.00 31.63 ? 38   ASP B N   1 
ATOM   1300 C  CA  . ASP B 2 39  ? 10.128  -9.303  12.854  1.00 31.74 ? 38   ASP B CA  1 
ATOM   1301 C  C   . ASP B 2 39  ? 10.919  -10.523 12.367  1.00 31.78 ? 38   ASP B C   1 
ATOM   1302 O  O   . ASP B 2 39  ? 10.552  -11.665 12.653  1.00 31.91 ? 38   ASP B O   1 
ATOM   1303 C  CB  . ASP B 2 39  ? 8.632   -9.438  12.526  1.00 31.65 ? 38   ASP B CB  1 
ATOM   1304 C  CG  . ASP B 2 39  ? 8.340   -9.407  11.029  1.00 31.66 ? 38   ASP B CG  1 
ATOM   1305 O  OD1 . ASP B 2 39  ? 9.285   -9.475  10.212  1.00 31.39 ? 38   ASP B OD1 1 
ATOM   1306 O  OD2 . ASP B 2 39  ? 7.180   -9.317  10.573  1.00 31.38 ? 38   ASP B OD2 1 
ATOM   1307 N  N   . LYS B 2 40  ? 11.956  -10.297 11.612  1.00 31.85 ? 39   LYS B N   1 
ATOM   1308 C  CA  . LYS B 2 40  ? 12.960  -11.248 11.112  1.00 31.87 ? 39   LYS B CA  1 
ATOM   1309 C  C   . LYS B 2 40  ? 12.282  -12.428 10.393  1.00 31.87 ? 39   LYS B C   1 
ATOM   1310 O  O   . LYS B 2 40  ? 12.494  -13.602 10.739  1.00 31.88 ? 39   LYS B O   1 
ATOM   1311 C  CB  . LYS B 2 40  ? 13.782  -11.807 12.283  1.00 31.90 ? 39   LYS B CB  1 
ATOM   1312 C  CG  . LYS B 2 40  ? 14.667  -10.756 12.953  1.00 31.86 ? 39   LYS B CG  1 
ATOM   1313 C  CD  . LYS B 2 40  ? 15.936  -10.459 12.158  1.00 32.09 ? 39   LYS B CD  1 
ATOM   1314 C  CE  . LYS B 2 40  ? 16.581  -9.127  12.539  1.00 32.24 ? 39   LYS B CE  1 
ATOM   1315 N  NZ  . LYS B 2 40  ? 17.889  -8.926  11.903  1.00 32.88 ? 39   LYS B NZ  1 
ATOM   1316 N  N   . ASN B 2 41  ? 11.464  -12.116 9.387   1.00 31.85 ? 40   ASN B N   1 
ATOM   1317 C  CA  . ASN B 2 41  ? 10.764  -13.178 8.635   1.00 31.75 ? 40   ASN B CA  1 
ATOM   1318 C  C   . ASN B 2 41  ? 11.288  -13.281 7.178   1.00 31.66 ? 40   ASN B C   1 
ATOM   1319 O  O   . ASN B 2 41  ? 10.730  -14.010 6.349   1.00 31.76 ? 40   ASN B O   1 
ATOM   1320 C  CB  . ASN B 2 41  ? 9.242   -12.950 8.632   1.00 31.76 ? 40   ASN B CB  1 
ATOM   1321 C  CG  . ASN B 2 41  ? 8.765   -11.714 7.881   1.00 31.83 ? 40   ASN B CG  1 
ATOM   1322 O  OD1 . ASN B 2 41  ? 9.562   -10.833 7.569   1.00 31.56 ? 40   ASN B OD1 1 
ATOM   1323 N  ND2 . ASN B 2 41  ? 7.485   -11.601 7.573   1.00 31.68 ? 40   ASN B ND2 1 
ATOM   1324 N  N   . GLY B 2 42  ? 12.358  -12.544 6.898   1.00 31.53 ? 41   GLY B N   1 
ATOM   1325 C  CA  . GLY B 2 42  ? 13.038  -12.586 5.573   1.00 31.33 ? 41   GLY B CA  1 
ATOM   1326 C  C   . GLY B 2 42  ? 12.511  -11.568 4.550   1.00 31.20 ? 41   GLY B C   1 
ATOM   1327 O  O   . GLY B 2 42  ? 12.966  -11.543 3.395   1.00 31.32 ? 41   GLY B O   1 
ATOM   1328 N  N   . SER B 2 43  ? 11.573  -10.747 4.971   1.00 30.94 ? 42   SER B N   1 
ATOM   1329 C  CA  . SER B 2 43  ? 10.977  -9.719  4.087   1.00 30.73 ? 42   SER B CA  1 
ATOM   1330 C  C   . SER B 2 43  ? 10.831  -8.394  4.801   1.00 30.53 ? 42   SER B C   1 
ATOM   1331 O  O   . SER B 2 43  ? 10.611  -8.347  6.011   1.00 30.56 ? 42   SER B O   1 
ATOM   1332 C  CB  . SER B 2 43  ? 9.584   -10.129 3.649   1.00 30.75 ? 42   SER B CB  1 
ATOM   1333 N  N   . ILE B 2 44  ? 10.953  -7.334  4.029   1.00 30.24 ? 43   ILE B N   1 
ATOM   1334 C  CA  . ILE B 2 44  ? 10.804  -5.978  4.562   1.00 29.98 ? 43   ILE B CA  1 
ATOM   1335 C  C   . ILE B 2 44  ? 9.514   -5.354  4.017   1.00 29.77 ? 43   ILE B C   1 
ATOM   1336 O  O   . ILE B 2 44  ? 9.352   -5.167  2.802   1.00 29.80 ? 43   ILE B O   1 
ATOM   1337 C  CB  . ILE B 2 44  ? 11.993  -5.102  4.173   1.00 30.02 ? 43   ILE B CB  1 
ATOM   1338 C  CG1 . ILE B 2 44  ? 13.285  -5.516  4.886   1.00 30.18 ? 43   ILE B CG1 1 
ATOM   1339 C  CG2 . ILE B 2 44  ? 11.770  -3.624  4.519   1.00 29.96 ? 43   ILE B CG2 1 
ATOM   1340 C  CD1 . ILE B 2 44  ? 14.484  -5.641  3.944   1.00 30.55 ? 43   ILE B CD1 1 
ATOM   1341 N  N   . ASN B 2 45  ? 8.533   -5.225  4.920   1.00 29.46 ? 44   ASN B N   1 
ATOM   1342 C  CA  . ASN B 2 45  ? 7.173   -4.831  4.549   1.00 29.13 ? 44   ASN B CA  1 
ATOM   1343 C  C   . ASN B 2 45  ? 6.436   -3.997  5.608   1.00 29.06 ? 44   ASN B C   1 
ATOM   1344 O  O   . ASN B 2 45  ? 7.046   -3.518  6.568   1.00 29.00 ? 44   ASN B O   1 
ATOM   1345 C  CB  . ASN B 2 45  ? 6.347   -6.066  4.138   1.00 29.04 ? 44   ASN B CB  1 
ATOM   1346 C  CG  . ASN B 2 45  ? 6.219   -7.101  5.254   1.00 28.55 ? 44   ASN B CG  1 
ATOM   1347 O  OD1 . ASN B 2 45  ? 6.065   -6.760  6.426   1.00 28.07 ? 44   ASN B OD1 1 
ATOM   1348 N  ND2 . ASN B 2 45  ? 6.266   -8.373  4.884   1.00 28.05 ? 44   ASN B ND2 1 
ATOM   1349 N  N   . SER B 2 46  ? 5.124   -3.841  5.419   1.00 28.96 ? 45   SER B N   1 
ATOM   1350 C  CA  . SER B 2 46  ? 4.275   -3.018  6.287   1.00 28.93 ? 45   SER B CA  1 
ATOM   1351 C  C   . SER B 2 46  ? 4.154   -3.527  7.727   1.00 29.00 ? 45   SER B C   1 
ATOM   1352 O  O   . SER B 2 46  ? 3.817   -2.756  8.629   1.00 29.03 ? 45   SER B O   1 
ATOM   1353 C  CB  . SER B 2 46  ? 2.878   -2.859  5.674   1.00 28.89 ? 45   SER B CB  1 
ATOM   1354 O  OG  . SER B 2 46  ? 2.285   -4.119  5.413   1.00 28.62 ? 45   SER B OG  1 
ATOM   1355 N  N   . THR B 2 47  ? 4.410   -4.817  7.938   1.00 29.14 ? 46   THR B N   1 
ATOM   1356 C  CA  . THR B 2 47  ? 4.408   -5.390  9.286   1.00 29.26 ? 46   THR B CA  1 
ATOM   1357 C  C   . THR B 2 47  ? 5.587   -4.850  10.101  1.00 29.32 ? 46   THR B C   1 
ATOM   1358 O  O   . THR B 2 47  ? 5.432   -4.538  11.284  1.00 29.33 ? 46   THR B O   1 
ATOM   1359 C  CB  . THR B 2 47  ? 4.416   -6.936  9.239   1.00 29.24 ? 46   THR B CB  1 
ATOM   1360 O  OG1 . THR B 2 47  ? 3.350   -7.394  8.397   1.00 29.32 ? 46   THR B OG1 1 
ATOM   1361 C  CG2 . THR B 2 47  ? 4.051   -7.525  10.601  1.00 29.13 ? 46   THR B CG2 1 
ATOM   1362 N  N   . ASP B 2 48  ? 6.750   -4.733  9.459   1.00 29.44 ? 47   ASP B N   1 
ATOM   1363 C  CA  . ASP B 2 48  ? 7.926   -4.104  10.066  1.00 29.65 ? 47   ASP B CA  1 
ATOM   1364 C  C   . ASP B 2 48  ? 7.666   -2.631  10.367  1.00 29.77 ? 47   ASP B C   1 
ATOM   1365 O  O   . ASP B 2 48  ? 8.070   -2.125  11.416  1.00 29.71 ? 47   ASP B O   1 
ATOM   1366 C  CB  . ASP B 2 48  ? 9.148   -4.218  9.150   1.00 29.55 ? 47   ASP B CB  1 
ATOM   1367 C  CG  . ASP B 2 48  ? 9.461   -5.647  8.768   1.00 29.70 ? 47   ASP B CG  1 
ATOM   1368 O  OD1 . ASP B 2 48  ? 9.724   -6.471  9.672   1.00 29.56 ? 47   ASP B OD1 1 
ATOM   1369 O  OD2 . ASP B 2 48  ? 9.474   -6.043  7.583   1.00 29.66 ? 47   ASP B OD2 1 
ATOM   1370 N  N   . VAL B 2 49  ? 6.996   -1.956  9.431   1.00 30.01 ? 48   VAL B N   1 
ATOM   1371 C  CA  . VAL B 2 49  ? 6.619   -0.551  9.574   1.00 30.31 ? 48   VAL B CA  1 
ATOM   1372 C  C   . VAL B 2 49  ? 5.750   -0.347  10.817  1.00 30.59 ? 48   VAL B C   1 
ATOM   1373 O  O   . VAL B 2 49  ? 6.031   0.528   11.638  1.00 30.58 ? 48   VAL B O   1 
ATOM   1374 C  CB  . VAL B 2 49  ? 5.889   -0.023  8.304   1.00 30.22 ? 48   VAL B CB  1 
ATOM   1375 C  CG1 . VAL B 2 49  ? 5.287   1.357   8.546   1.00 30.10 ? 48   VAL B CG1 1 
ATOM   1376 C  CG2 . VAL B 2 49  ? 6.837   0.012   7.110   1.00 30.07 ? 48   VAL B CG2 1 
ATOM   1377 N  N   . LEU B 2 50  ? 4.712   -1.172  10.951  1.00 31.04 ? 49   LEU B N   1 
ATOM   1378 C  CA  . LEU B 2 50  ? 3.801   -1.107  12.093  1.00 31.60 ? 49   LEU B CA  1 
ATOM   1379 C  C   . LEU B 2 50  ? 4.535   -1.301  13.421  1.00 31.94 ? 49   LEU B C   1 
ATOM   1380 O  O   . LEU B 2 50  ? 4.324   -0.539  14.368  1.00 32.01 ? 49   LEU B O   1 
ATOM   1381 C  CB  . LEU B 2 50  ? 2.674   -2.136  11.943  1.00 31.50 ? 49   LEU B CB  1 
ATOM   1382 C  CG  . LEU B 2 50  ? 1.492   -2.051  12.916  1.00 31.78 ? 49   LEU B CG  1 
ATOM   1383 C  CD1 . LEU B 2 50  ? 0.462   -1.034  12.446  1.00 32.05 ? 49   LEU B CD1 1 
ATOM   1384 C  CD2 . LEU B 2 50  ? 0.847   -3.419  13.094  1.00 31.83 ? 49   LEU B CD2 1 
ATOM   1385 N  N   . LEU B 2 51  ? 5.402   -2.310  13.473  1.00 32.46 ? 50   LEU B N   1 
ATOM   1386 C  CA  . LEU B 2 51  ? 6.142   -2.647  14.690  1.00 32.99 ? 50   LEU B CA  1 
ATOM   1387 C  C   . LEU B 2 51  ? 7.122   -1.554  15.117  1.00 33.37 ? 50   LEU B C   1 
ATOM   1388 O  O   . LEU B 2 51  ? 7.206   -1.226  16.303  1.00 33.48 ? 50   LEU B O   1 
ATOM   1389 C  CB  . LEU B 2 51  ? 6.869   -3.987  14.532  1.00 32.89 ? 50   LEU B CB  1 
ATOM   1390 C  CG  . LEU B 2 51  ? 6.005   -5.253  14.563  1.00 32.92 ? 50   LEU B CG  1 
ATOM   1391 C  CD1 . LEU B 2 51  ? 6.772   -6.430  13.979  1.00 32.50 ? 50   LEU B CD1 1 
ATOM   1392 C  CD2 . LEU B 2 51  ? 5.515   -5.574  15.974  1.00 32.62 ? 50   LEU B CD2 1 
ATOM   1393 N  N   . LEU B 2 52  ? 7.851   -0.991  14.154  1.00 33.83 ? 51   LEU B N   1 
ATOM   1394 C  CA  . LEU B 2 52  ? 8.804   0.083   14.436  1.00 34.32 ? 51   LEU B CA  1 
ATOM   1395 C  C   . LEU B 2 52  ? 8.107   1.373   14.877  1.00 34.70 ? 51   LEU B C   1 
ATOM   1396 O  O   . LEU B 2 52  ? 8.569   2.042   15.804  1.00 34.74 ? 51   LEU B O   1 
ATOM   1397 C  CB  . LEU B 2 52  ? 9.728   0.341   13.235  1.00 34.31 ? 51   LEU B CB  1 
ATOM   1398 C  CG  . LEU B 2 52  ? 10.832  1.402   13.375  1.00 34.36 ? 51   LEU B CG  1 
ATOM   1399 C  CD1 . LEU B 2 52  ? 11.713  1.161   14.600  1.00 34.41 ? 51   LEU B CD1 1 
ATOM   1400 C  CD2 . LEU B 2 52  ? 11.685  1.470   12.119  1.00 34.35 ? 51   LEU B CD2 1 
ATOM   1401 N  N   . SER B 2 53  ? 7.002   1.712   14.213  1.00 35.21 ? 52   SER B N   1 
ATOM   1402 C  CA  . SER B 2 53  ? 6.229   2.909   14.551  1.00 35.82 ? 52   SER B CA  1 
ATOM   1403 C  C   . SER B 2 53  ? 5.630   2.827   15.956  1.00 36.25 ? 52   SER B C   1 
ATOM   1404 O  O   . SER B 2 53  ? 5.568   3.831   16.669  1.00 36.29 ? 52   SER B O   1 
ATOM   1405 C  CB  . SER B 2 53  ? 5.133   3.169   13.512  1.00 35.76 ? 52   SER B CB  1 
ATOM   1406 O  OG  . SER B 2 53  ? 4.132   2.167   13.547  1.00 35.90 ? 52   SER B OG  1 
ATOM   1407 N  N   . ARG B 2 54  ? 5.196   1.627   16.341  1.00 36.85 ? 53   ARG B N   1 
ATOM   1408 C  CA  . ARG B 2 54  ? 4.671   1.373   17.683  1.00 37.48 ? 53   ARG B CA  1 
ATOM   1409 C  C   . ARG B 2 54  ? 5.768   1.449   18.744  1.00 37.91 ? 53   ARG B C   1 
ATOM   1410 O  O   . ARG B 2 54  ? 5.526   1.912   19.861  1.00 37.99 ? 53   ARG B O   1 
ATOM   1411 C  CB  . ARG B 2 54  ? 3.971   0.012   17.740  1.00 37.42 ? 53   ARG B CB  1 
ATOM   1412 C  CG  . ARG B 2 54  ? 2.543   0.038   17.222  1.00 37.54 ? 53   ARG B CG  1 
ATOM   1413 C  CD  . ARG B 2 54  ? 1.848   -1.312  17.224  1.00 37.65 ? 53   ARG B CD  1 
ATOM   1414 N  NE  . ARG B 2 54  ? 0.498   -1.224  16.669  1.00 37.71 ? 53   ARG B NE  1 
ATOM   1415 C  CZ  . ARG B 2 54  ? -0.258  -2.269  16.351  1.00 37.87 ? 53   ARG B CZ  1 
ATOM   1416 N  NH1 . ARG B 2 54  ? 0.191   -3.508  16.526  1.00 37.78 ? 53   ARG B NH1 1 
ATOM   1417 N  NH2 . ARG B 2 54  ? -1.472  -2.077  15.852  1.00 37.71 ? 53   ARG B NH2 1 
ATOM   1418 N  N   . TYR B 2 55  ? 6.970   0.996   18.384  1.00 38.49 ? 54   TYR B N   1 
ATOM   1419 C  CA  . TYR B 2 55  ? 8.133   1.056   19.271  1.00 39.06 ? 54   TYR B CA  1 
ATOM   1420 C  C   . TYR B 2 55  ? 8.512   2.502   19.597  1.00 39.31 ? 54   TYR B C   1 
ATOM   1421 O  O   . TYR B 2 55  ? 8.845   2.820   20.741  1.00 39.41 ? 54   TYR B O   1 
ATOM   1422 C  CB  . TYR B 2 55  ? 9.325   0.313   18.652  1.00 39.16 ? 54   TYR B CB  1 
ATOM   1423 C  CG  . TYR B 2 55  ? 10.608  0.415   19.453  1.00 39.73 ? 54   TYR B CG  1 
ATOM   1424 C  CD1 . TYR B 2 55  ? 10.847  -0.431  20.535  1.00 40.22 ? 54   TYR B CD1 1 
ATOM   1425 C  CD2 . TYR B 2 55  ? 11.584  1.360   19.127  1.00 40.26 ? 54   TYR B CD2 1 
ATOM   1426 C  CE1 . TYR B 2 55  ? 12.024  -0.339  21.275  1.00 40.61 ? 54   TYR B CE1 1 
ATOM   1427 C  CE2 . TYR B 2 55  ? 12.763  1.461   19.861  1.00 40.56 ? 54   TYR B CE2 1 
ATOM   1428 C  CZ  . TYR B 2 55  ? 12.975  0.609   20.932  1.00 40.80 ? 54   TYR B CZ  1 
ATOM   1429 O  OH  . TYR B 2 55  ? 14.140  0.703   21.660  1.00 41.28 ? 54   TYR B OH  1 
ATOM   1430 N  N   . LEU B 2 56  ? 8.454   3.368   18.588  1.00 39.61 ? 55   LEU B N   1 
ATOM   1431 C  CA  . LEU B 2 56  ? 8.788   4.781   18.752  1.00 39.89 ? 55   LEU B CA  1 
ATOM   1432 C  C   . LEU B 2 56  ? 7.696   5.553   19.493  1.00 40.09 ? 55   LEU B C   1 
ATOM   1433 O  O   . LEU B 2 56  ? 7.973   6.569   20.133  1.00 40.08 ? 55   LEU B O   1 
ATOM   1434 C  CB  . LEU B 2 56  ? 9.074   5.433   17.394  1.00 39.87 ? 55   LEU B CB  1 
ATOM   1435 C  CG  . LEU B 2 56  ? 10.262  4.903   16.582  1.00 39.99 ? 55   LEU B CG  1 
ATOM   1436 C  CD1 . LEU B 2 56  ? 10.169  5.365   15.135  1.00 40.02 ? 55   LEU B CD1 1 
ATOM   1437 C  CD2 . LEU B 2 56  ? 11.595  5.319   17.195  1.00 39.81 ? 55   LEU B CD2 1 
ATOM   1438 N  N   . LEU B 2 57  ? 6.460   5.064   19.403  1.00 40.34 ? 56   LEU B N   1 
ATOM   1439 C  CA  . LEU B 2 57  ? 5.320   5.693   20.066  1.00 40.59 ? 56   LEU B CA  1 
ATOM   1440 C  C   . LEU B 2 57  ? 5.061   5.073   21.438  1.00 40.70 ? 56   LEU B C   1 
ATOM   1441 O  O   . LEU B 2 57  ? 5.972   4.926   22.254  1.00 40.87 ? 56   LEU B O   1 
ATOM   1442 C  CB  . LEU B 2 57  ? 4.067   5.587   19.195  1.00 40.63 ? 56   LEU B CB  1 
ATOM   1443 C  CG  . LEU B 2 57  ? 3.558   6.893   18.579  1.00 40.78 ? 56   LEU B CG  1 
HETATM 1444 N  N   . NO3 C 3 .   ? 9.964   6.872   -11.510 1.00 43.74 ? 1145 NO3 A N   1 
HETATM 1445 O  O1  . NO3 C 3 .   ? 10.314  5.520   -11.602 1.00 43.69 ? 1145 NO3 A O1  1 
HETATM 1446 O  O2  . NO3 C 3 .   ? 10.353  7.624   -10.393 1.00 43.87 ? 1145 NO3 A O2  1 
HETATM 1447 O  O3  . NO3 C 3 .   ? 9.226   7.477   -12.532 1.00 43.67 ? 1145 NO3 A O3  1 
HETATM 1448 N  N   . NO3 D 3 .   ? -14.589 -0.821  -22.397 1.00 39.82 ? 1146 NO3 A N   1 
HETATM 1449 O  O1  . NO3 D 3 .   ? -13.482 -0.594  -23.220 1.00 39.85 ? 1146 NO3 A O1  1 
HETATM 1450 O  O2  . NO3 D 3 .   ? -14.453 -1.610  -21.252 1.00 39.92 ? 1146 NO3 A O2  1 
HETATM 1451 O  O3  . NO3 D 3 .   ? -15.833 -0.262  -22.714 1.00 39.89 ? 1146 NO3 A O3  1 
HETATM 1452 C  C1  . EDO E 4 .   ? 15.269  1.435   -7.336  1.00 52.75 ? 1147 EDO A C1  1 
HETATM 1453 O  O1  . EDO E 4 .   ? 14.875  2.504   -6.505  1.00 52.75 ? 1147 EDO A O1  1 
HETATM 1454 C  C2  . EDO E 4 .   ? 14.600  1.568   -8.683  1.00 52.81 ? 1147 EDO A C2  1 
HETATM 1455 O  O2  . EDO E 4 .   ? 15.562  1.885   -9.664  1.00 52.91 ? 1147 EDO A O2  1 
HETATM 1456 CA CA  . CA  F 5 .   ? 19.268  4.858   13.452  1.00 38.66 ? 1057 CA  B CA  1 
HETATM 1457 CA CA  . CA  G 5 .   ? 9.841   -8.530  8.097   1.00 31.12 ? 1058 CA  B CA  1 
HETATM 1458 CL CL  . CL  H 6 .   ? 15.422  8.322   2.828   1.00 57.35 ? 1059 CL  B CL  1 
HETATM 1459 O  O   . HOH I 7 .   ? -12.446 -17.545 3.927   1.00 51.62 ? 2001 HOH A O   1 
HETATM 1460 O  O   . HOH I 7 .   ? -19.091 1.855   -12.432 1.00 45.22 ? 2002 HOH A O   1 
HETATM 1461 O  O   . HOH I 7 .   ? -14.367 -12.633 -5.727  1.00 56.99 ? 2003 HOH A O   1 
HETATM 1462 O  O   . HOH I 7 .   ? -16.299 2.942   -9.957  1.00 43.87 ? 2004 HOH A O   1 
HETATM 1463 O  O   . HOH I 7 .   ? -12.455 -5.895  -10.916 1.00 43.57 ? 2005 HOH A O   1 
HETATM 1464 O  O   . HOH I 7 .   ? -20.492 0.723   -14.618 1.00 51.82 ? 2006 HOH A O   1 
HETATM 1465 O  O   . HOH I 7 .   ? -16.769 -1.195  -15.830 1.00 35.97 ? 2007 HOH A O   1 
HETATM 1466 O  O   . HOH I 7 .   ? -15.376 -2.294  -10.412 1.00 40.41 ? 2008 HOH A O   1 
HETATM 1467 O  O   . HOH I 7 .   ? -13.082 -1.340  -17.816 1.00 37.12 ? 2009 HOH A O   1 
HETATM 1468 O  O   . HOH I 7 .   ? -17.184 3.265   -15.576 1.00 41.42 ? 2010 HOH A O   1 
HETATM 1469 O  O   . HOH I 7 .   ? -19.190 1.265   -18.886 1.00 36.20 ? 2011 HOH A O   1 
HETATM 1470 O  O   . HOH I 7 .   ? -18.480 0.818   -16.300 1.00 32.06 ? 2012 HOH A O   1 
HETATM 1471 O  O   . HOH I 7 .   ? -17.602 5.562   -20.136 1.00 46.71 ? 2013 HOH A O   1 
HETATM 1472 O  O   . HOH I 7 .   ? -19.231 5.110   -17.047 1.00 48.01 ? 2014 HOH A O   1 
HETATM 1473 O  O   . HOH I 7 .   ? -12.481 14.842  -23.203 1.00 48.39 ? 2015 HOH A O   1 
HETATM 1474 O  O   . HOH I 7 .   ? -11.485 12.030  -26.316 1.00 33.51 ? 2016 HOH A O   1 
HETATM 1475 O  O   . HOH I 7 .   ? -12.390 14.466  -16.478 1.00 35.31 ? 2017 HOH A O   1 
HETATM 1476 O  O   . HOH I 7 .   ? -14.070 7.259   17.918  1.00 50.61 ? 2018 HOH A O   1 
HETATM 1477 O  O   . HOH I 7 .   ? 7.259   8.195   5.965   1.00 41.89 ? 2019 HOH A O   1 
HETATM 1478 O  O   . HOH I 7 .   ? 2.742   11.676  -10.198 1.00 46.81 ? 2020 HOH A O   1 
HETATM 1479 O  O   . HOH I 7 .   ? 7.206   -5.205  0.808   1.00 38.09 ? 2021 HOH A O   1 
HETATM 1480 O  O   . HOH I 7 .   ? 4.779   -4.203  -1.441  1.00 32.62 ? 2022 HOH A O   1 
HETATM 1481 O  O   . HOH I 7 .   ? -12.553 5.599   14.731  1.00 43.92 ? 2023 HOH A O   1 
HETATM 1482 O  O   . HOH I 7 .   ? -14.320 3.717   14.006  1.00 47.74 ? 2024 HOH A O   1 
HETATM 1483 O  O   . HOH I 7 .   ? 1.767   7.946   -14.730 1.00 33.78 ? 2025 HOH A O   1 
HETATM 1484 O  O   . HOH I 7 .   ? 3.158   -2.227  -17.863 1.00 40.46 ? 2026 HOH A O   1 
HETATM 1485 O  O   . HOH I 7 .   ? 1.080   9.235   -21.136 1.00 58.20 ? 2027 HOH A O   1 
HETATM 1486 O  O   . HOH I 7 .   ? 1.920   8.464   -17.627 1.00 37.18 ? 2028 HOH A O   1 
HETATM 1487 O  O   . HOH I 7 .   ? 2.179   12.137  -19.156 1.00 55.50 ? 2029 HOH A O   1 
HETATM 1488 O  O   . HOH I 7 .   ? -1.410  11.308  -4.445  1.00 30.13 ? 2030 HOH A O   1 
HETATM 1489 O  O   . HOH I 7 .   ? -14.120 6.059   -0.279  1.00 44.98 ? 2031 HOH A O   1 
HETATM 1490 O  O   . HOH I 7 .   ? 0.065   -16.325 3.971   1.00 53.78 ? 2032 HOH A O   1 
HETATM 1491 O  O   . HOH I 7 .   ? -12.714 0.300   8.401   1.00 35.82 ? 2033 HOH A O   1 
HETATM 1492 O  O   . HOH I 7 .   ? -3.873  10.346  13.684  1.00 46.60 ? 2034 HOH A O   1 
HETATM 1493 O  O   . HOH I 7 .   ? -3.601  13.611  7.031   1.00 36.94 ? 2035 HOH A O   1 
HETATM 1494 O  O   . HOH I 7 .   ? 0.805   14.697  6.495   1.00 37.51 ? 2036 HOH A O   1 
HETATM 1495 O  O   . HOH I 7 .   ? 2.129   7.119   6.321   1.00 27.42 ? 2037 HOH A O   1 
HETATM 1496 O  O   . HOH I 7 .   ? 4.834   7.812   4.809   1.00 43.72 ? 2038 HOH A O   1 
HETATM 1497 O  O   . HOH I 7 .   ? -1.636  8.659   -0.931  1.00 33.91 ? 2039 HOH A O   1 
HETATM 1498 O  O   . HOH I 7 .   ? 5.154   10.500  -9.867  1.00 59.76 ? 2040 HOH A O   1 
HETATM 1499 O  O   . HOH I 7 .   ? 8.481   7.914   -4.071  1.00 34.61 ? 2041 HOH A O   1 
HETATM 1500 O  O   . HOH I 7 .   ? 7.651   3.725   -18.453 1.00 41.07 ? 2042 HOH A O   1 
HETATM 1501 O  O   . HOH I 7 .   ? 9.934   -0.144  -16.699 1.00 53.36 ? 2043 HOH A O   1 
HETATM 1502 O  O   . HOH I 7 .   ? 1.671   4.499   5.640   1.00 27.04 ? 2044 HOH A O   1 
HETATM 1503 O  O   . HOH I 7 .   ? 1.577   4.332   8.655   1.00 27.97 ? 2045 HOH A O   1 
HETATM 1504 O  O   . HOH I 7 .   ? 0.035   1.442   15.418  1.00 30.92 ? 2046 HOH A O   1 
HETATM 1505 O  O   . HOH I 7 .   ? 4.243   6.776   13.024  1.00 44.86 ? 2047 HOH A O   1 
HETATM 1506 O  O   . HOH I 7 .   ? -11.007 4.205   16.441  1.00 45.76 ? 2048 HOH A O   1 
HETATM 1507 O  O   . HOH I 7 .   ? -9.075  2.175   9.198   1.00 41.48 ? 2049 HOH A O   1 
HETATM 1508 O  O   . HOH I 7 .   ? -13.684 1.302   12.595  1.00 47.89 ? 2050 HOH A O   1 
HETATM 1509 O  O   . HOH I 7 .   ? -2.733  14.466  -5.555  1.00 50.78 ? 2051 HOH A O   1 
HETATM 1510 O  O   . HOH I 7 .   ? -5.167  13.240  -22.848 1.00 53.28 ? 2052 HOH A O   1 
HETATM 1511 O  O   . HOH I 7 .   ? -6.426  6.899   -28.516 1.00 43.83 ? 2053 HOH A O   1 
HETATM 1512 O  O   . HOH I 7 .   ? -8.767  2.480   -31.780 1.00 50.80 ? 2054 HOH A O   1 
HETATM 1513 O  O   . HOH I 7 .   ? -9.956  -0.321  -24.767 1.00 44.38 ? 2055 HOH A O   1 
HETATM 1514 O  O   . HOH I 7 .   ? -8.225  3.550   -22.307 1.00 28.93 ? 2056 HOH A O   1 
HETATM 1515 O  O   . HOH I 7 .   ? -2.930  -1.762  -23.630 1.00 34.64 ? 2057 HOH A O   1 
HETATM 1516 O  O   . HOH I 7 .   ? -2.560  -1.050  -20.033 1.00 32.23 ? 2058 HOH A O   1 
HETATM 1517 O  O   . HOH I 7 .   ? -2.385  0.480   -17.786 1.00 34.65 ? 2059 HOH A O   1 
HETATM 1518 O  O   . HOH I 7 .   ? 3.640   -11.157 -3.868  1.00 45.26 ? 2060 HOH A O   1 
HETATM 1519 O  O   . HOH I 7 .   ? 3.178   -11.306 11.023  1.00 41.48 ? 2061 HOH A O   1 
HETATM 1520 O  O   . HOH I 7 .   ? 0.622   -11.774 4.330   1.00 50.51 ? 2062 HOH A O   1 
HETATM 1521 O  O   . HOH I 7 .   ? -6.571  -15.583 6.408   1.00 42.86 ? 2063 HOH A O   1 
HETATM 1522 O  O   . HOH I 7 .   ? -2.302  -15.200 0.742   1.00 47.55 ? 2064 HOH A O   1 
HETATM 1523 O  O   . HOH I 7 .   ? -4.103  -13.181 -6.034  1.00 47.15 ? 2065 HOH A O   1 
HETATM 1524 O  O   . HOH I 7 .   ? -4.544  -11.038 -9.709  1.00 50.01 ? 2066 HOH A O   1 
HETATM 1525 O  O   . HOH I 7 .   ? -7.647  -11.095 -11.694 1.00 39.88 ? 2067 HOH A O   1 
HETATM 1526 O  O   . HOH I 7 .   ? -10.188 -9.411  -13.726 1.00 46.80 ? 2068 HOH A O   1 
HETATM 1527 O  O   . HOH I 7 .   ? -1.860  -10.387 -11.756 1.00 44.80 ? 2069 HOH A O   1 
HETATM 1528 O  O   . HOH I 7 .   ? -6.771  -6.063  -15.860 1.00 41.43 ? 2070 HOH A O   1 
HETATM 1529 O  O   . HOH I 7 .   ? -15.645 -2.365  -18.006 1.00 35.12 ? 2071 HOH A O   1 
HETATM 1530 O  O   . HOH I 7 .   ? -16.945 -2.211  -20.420 1.00 37.77 ? 2072 HOH A O   1 
HETATM 1531 O  O   . HOH I 7 .   ? 17.811  3.373   -9.322  1.00 43.42 ? 2073 HOH A O   1 
HETATM 1532 O  O   . HOH I 7 .   ? 16.444  5.357   -6.581  0.33 37.81 ? 2074 HOH A O   1 
HETATM 1533 O  O   . HOH J 7 .   ? 22.793  -0.694  15.610  1.00 43.56 ? 2001 HOH B O   1 
HETATM 1534 O  O   . HOH J 7 .   ? 26.386  0.121   12.924  1.00 43.40 ? 2002 HOH B O   1 
HETATM 1535 O  O   . HOH J 7 .   ? 17.415  10.684  18.178  1.00 46.96 ? 2003 HOH B O   1 
HETATM 1536 O  O   . HOH J 7 .   ? 18.706  7.259   12.905  1.00 36.13 ? 2004 HOH B O   1 
HETATM 1537 O  O   . HOH J 7 .   ? 12.310  10.030  16.765  1.00 46.00 ? 2005 HOH B O   1 
HETATM 1538 O  O   . HOH J 7 .   ? 3.596   10.545  8.450   1.00 35.42 ? 2006 HOH B O   1 
HETATM 1539 O  O   . HOH J 7 .   ? 9.965   12.273  2.750   1.00 44.01 ? 2007 HOH B O   1 
HETATM 1540 O  O   . HOH J 7 .   ? 4.566   -13.774 14.938  1.00 40.75 ? 2008 HOH B O   1 
HETATM 1541 O  O   . HOH J 7 .   ? 17.397  7.623   -2.958  0.33 28.20 ? 2009 HOH B O   1 
HETATM 1542 O  O   . HOH J 7 .   ? 4.059   4.808   10.612  1.00 43.71 ? 2010 HOH B O   1 
HETATM 1543 O  O   . HOH J 7 .   ? 3.189   8.384   9.950   1.00 36.09 ? 2011 HOH B O   1 
HETATM 1544 O  O   . HOH J 7 .   ? 9.016   10.725  0.971   1.00 34.57 ? 2012 HOH B O   1 
HETATM 1545 O  O   . HOH J 7 .   ? 17.183  -12.358 4.766   1.00 52.31 ? 2013 HOH B O   1 
HETATM 1546 O  O   . HOH J 7 .   ? 17.755  9.472   1.329   0.33 29.76 ? 2014 HOH B O   1 
HETATM 1547 O  O   . HOH J 7 .   ? 6.612   -11.357 14.568  1.00 47.03 ? 2015 HOH B O   1 
HETATM 1548 O  O   . HOH J 7 .   ? 7.230   -3.028  -1.577  1.00 40.93 ? 2016 HOH B O   1 
HETATM 1549 O  O   . HOH J 7 .   ? 11.534  -4.337  -2.471  1.00 54.31 ? 2017 HOH B O   1 
HETATM 1550 O  O   . HOH J 7 .   ? 8.107   -7.568  -6.794  1.00 50.71 ? 2018 HOH B O   1 
HETATM 1551 O  O   . HOH J 7 .   ? 14.393  8.334   -3.713  1.00 29.34 ? 2019 HOH B O   1 
HETATM 1552 O  O   . HOH J 7 .   ? 12.949  -0.598  -2.573  1.00 39.51 ? 2020 HOH B O   1 
HETATM 1553 O  O   . HOH J 7 .   ? 19.036  2.614   -5.350  1.00 38.59 ? 2021 HOH B O   1 
HETATM 1554 O  O   . HOH J 7 .   ? 15.679  -2.448  -0.146  1.00 48.42 ? 2022 HOH B O   1 
HETATM 1555 O  O   . HOH J 7 .   ? 23.137  -6.089  9.360   1.00 29.24 ? 2023 HOH B O   1 
HETATM 1556 O  O   . HOH J 7 .   ? 27.582  -8.004  5.774   1.00 38.92 ? 2024 HOH B O   1 
HETATM 1557 O  O   . HOH J 7 .   ? 20.705  -3.761  -1.942  1.00 47.05 ? 2025 HOH B O   1 
HETATM 1558 O  O   . HOH J 7 .   ? 16.093  -9.574  4.786   1.00 48.92 ? 2026 HOH B O   1 
HETATM 1559 O  O   . HOH J 7 .   ? 24.675  -0.019  6.740   1.00 41.76 ? 2027 HOH B O   1 
HETATM 1560 O  O   . HOH J 7 .   ? 26.237  -1.281  8.639   1.00 34.60 ? 2028 HOH B O   1 
HETATM 1561 O  O   . HOH J 7 .   ? 15.636  -11.917 8.610   1.00 32.49 ? 2029 HOH B O   1 
HETATM 1562 O  O   . HOH J 7 .   ? 5.506   -10.673 12.202  1.00 38.03 ? 2030 HOH B O   1 
HETATM 1563 O  O   . HOH J 7 .   ? 8.698   -13.014 14.003  1.00 49.24 ? 2031 HOH B O   1 
HETATM 1564 O  O   . HOH J 7 .   ? 18.068  -10.800 9.157   1.00 45.59 ? 2032 HOH B O   1 
HETATM 1565 O  O   . HOH J 7 .   ? 4.985   -10.475 6.645   1.00 30.47 ? 2033 HOH B O   1 
HETATM 1566 O  O   . HOH J 7 .   ? 15.928  -9.206  2.046   1.00 54.78 ? 2034 HOH B O   1 
HETATM 1567 O  O   . HOH J 7 .   ? 11.855  -7.638  1.298   1.00 32.56 ? 2035 HOH B O   1 
HETATM 1568 O  O   . HOH J 7 .   ? 7.440   -8.531  7.970   1.00 28.56 ? 2036 HOH B O   1 
HETATM 1569 O  O   . HOH J 7 .   ? 6.848   -2.872  18.407  1.00 42.49 ? 2037 HOH B O   1 
HETATM 1570 O  O   . HOH J 7 .   ? 2.112   3.144   15.561  1.00 35.06 ? 2038 HOH B O   1 
HETATM 1571 O  O   . HOH J 7 .   ? 5.824   6.219   15.296  1.00 39.94 ? 2039 HOH B O   1 
HETATM 1572 O  O   . HOH J 7 .   ? 2.449   -4.827  17.987  1.00 38.65 ? 2040 HOH B O   1 
HETATM 1573 O  O   . HOH J 7 .   ? 11.046  4.861   22.162  1.00 56.16 ? 2041 HOH B O   1 
# 
loop_
_pdbx_poly_seq_scheme.asym_id 
_pdbx_poly_seq_scheme.entity_id 
_pdbx_poly_seq_scheme.seq_id 
_pdbx_poly_seq_scheme.mon_id 
_pdbx_poly_seq_scheme.ndb_seq_num 
_pdbx_poly_seq_scheme.pdb_seq_num 
_pdbx_poly_seq_scheme.auth_seq_num 
_pdbx_poly_seq_scheme.pdb_mon_id 
_pdbx_poly_seq_scheme.auth_mon_id 
_pdbx_poly_seq_scheme.pdb_strand_id 
_pdbx_poly_seq_scheme.pdb_ins_code 
_pdbx_poly_seq_scheme.hetero 
A 1 1   MET 1   1   ?   ?   ?   A . n 
A 1 2   ALA 2   2   ?   ?   ?   A . n 
A 1 3   SER 3   3   ?   ?   ?   A . n 
A 1 4   ASP 4   4   ?   ?   ?   A . n 
A 1 5   GLY 5   5   5   GLY GLY A . n 
A 1 6   VAL 6   6   6   VAL VAL A . n 
A 1 7   VAL 7   7   7   VAL VAL A . n 
A 1 8   VAL 8   8   8   VAL VAL A . n 
A 1 9   GLU 9   9   9   GLU GLU A . n 
A 1 10  ILE 10  10  10  ILE ILE A . n 
A 1 11  GLY 11  11  11  GLY GLY A . n 
A 1 12  LYS 12  12  12  LYS LYS A . n 
A 1 13  VAL 13  13  13  VAL VAL A . n 
A 1 14  THR 14  14  14  THR THR A . n 
A 1 15  GLY 15  15  15  GLY GLY A . n 
A 1 16  SER 16  16  16  SER SER A . n 
A 1 17  VAL 17  17  17  VAL VAL A . n 
A 1 18  GLY 18  18  18  GLY GLY A . n 
A 1 19  THR 19  19  19  THR THR A . n 
A 1 20  THR 20  20  20  THR THR A . n 
A 1 21  VAL 21  21  21  VAL VAL A . n 
A 1 22  GLU 22  22  22  GLU GLU A . n 
A 1 23  ILE 23  23  23  ILE ILE A . n 
A 1 24  PRO 24  24  24  PRO PRO A . n 
A 1 25  VAL 25  25  25  VAL VAL A . n 
A 1 26  TYR 26  26  26  TYR TYR A . n 
A 1 27  PHE 27  27  27  PHE PHE A . n 
A 1 28  ARG 28  28  28  ARG ARG A . n 
A 1 29  GLY 29  29  29  GLY GLY A . n 
A 1 30  VAL 30  30  30  VAL VAL A . n 
A 1 31  PRO 31  31  31  PRO PRO A . n 
A 1 32  SER 32  32  32  SER SER A . n 
A 1 33  LYS 33  33  33  LYS LYS A . n 
A 1 34  GLY 34  34  34  GLY GLY A . n 
A 1 35  ILE 35  35  35  ILE ILE A . n 
A 1 36  ALA 36  36  36  ALA ALA A . n 
A 1 37  ASN 37  37  37  ASN ASN A . n 
A 1 38  CYS 38  38  38  CYS CYS A . n 
A 1 39  ASP 39  39  39  ASP ASP A . n 
A 1 40  PHE 40  40  40  PHE PHE A . n 
A 1 41  VAL 41  41  41  VAL VAL A . n 
A 1 42  PHE 42  42  42  PHE PHE A . n 
A 1 43  ARG 43  43  43  ARG ARG A . n 
A 1 44  TYR 44  44  44  TYR TYR A . n 
A 1 45  ASP 45  45  45  ASP ASP A . n 
A 1 46  PRO 46  46  46  PRO PRO A . n 
A 1 47  ASN 47  47  47  ASN ASN A . n 
A 1 48  VAL 48  48  48  VAL VAL A . n 
A 1 49  LEU 49  49  49  LEU LEU A . n 
A 1 50  GLU 50  50  50  GLU GLU A . n 
A 1 51  ILE 51  51  51  ILE ILE A . n 
A 1 52  ILE 52  52  52  ILE ILE A . n 
A 1 53  GLY 53  53  53  GLY GLY A . n 
A 1 54  ILE 54  54  54  ILE ILE A . n 
A 1 55  ASP 55  55  55  ASP ASP A . n 
A 1 56  PRO 56  56  56  PRO PRO A . n 
A 1 57  GLY 57  57  57  GLY GLY A . n 
A 1 58  ASP 58  58  58  ASP ASP A . n 
A 1 59  ILE 59  59  59  ILE ILE A . n 
A 1 60  ILE 60  60  60  ILE ILE A . n 
A 1 61  VAL 61  61  61  VAL VAL A . n 
A 1 62  ASP 62  62  62  ASP ASP A . n 
A 1 63  PRO 63  63  63  PRO PRO A . n 
A 1 64  ASN 64  64  64  ASN ASN A . n 
A 1 65  PRO 65  65  65  PRO PRO A . n 
A 1 66  THR 66  66  66  THR THR A . n 
A 1 67  LYS 67  67  67  LYS LYS A . n 
A 1 68  SER 68  68  68  SER SER A . n 
A 1 69  PHE 69  69  69  PHE PHE A . n 
A 1 70  ASP 70  70  70  ASP ASP A . n 
A 1 71  THR 71  71  71  THR THR A . n 
A 1 72  ALA 72  72  72  ALA ALA A . n 
A 1 73  ILE 73  73  73  ILE ILE A . n 
A 1 74  TYR 74  74  74  TYR TYR A . n 
A 1 75  PRO 75  75  75  PRO PRO A . n 
A 1 76  ASP 76  76  76  ASP ASP A . n 
A 1 77  ARG 77  77  77  ARG ARG A . n 
A 1 78  LYS 78  78  78  LYS LYS A . n 
A 1 79  ILE 79  79  79  ILE ILE A . n 
A 1 80  ILE 80  80  80  ILE ILE A . n 
A 1 81  VAL 81  81  81  VAL VAL A . n 
A 1 82  PHE 82  82  82  PHE PHE A . n 
A 1 83  LEU 83  83  83  LEU LEU A . n 
A 1 84  PHE 84  84  84  PHE PHE A . n 
A 1 85  ALA 85  85  85  ALA ALA A . n 
A 1 86  GLU 86  86  86  GLU GLU A . n 
A 1 87  ASP 87  87  87  ASP ASP A . n 
A 1 88  SER 88  88  88  SER SER A . n 
A 1 89  GLY 89  89  89  GLY GLY A . n 
A 1 90  THR 90  90  90  THR THR A . n 
A 1 91  GLY 91  91  91  GLY GLY A . n 
A 1 92  ALA 92  92  92  ALA ALA A . n 
A 1 93  TYR 93  93  93  TYR TYR A . n 
A 1 94  ALA 94  94  94  ALA ALA A . n 
A 1 95  ILE 95  95  95  ILE ILE A . n 
A 1 96  THR 96  96  96  THR THR A . n 
A 1 97  LYS 97  97  97  LYS LYS A . n 
A 1 98  ASP 98  98  98  ASP ASP A . n 
A 1 99  GLY 99  99  99  GLY GLY A . n 
A 1 100 VAL 100 100 100 VAL VAL A . n 
A 1 101 PHE 101 101 101 PHE PHE A . n 
A 1 102 ALA 102 102 102 ALA ALA A . n 
A 1 103 LYS 103 103 103 LYS LYS A . n 
A 1 104 ILE 104 104 104 ILE ILE A . n 
A 1 105 ARG 105 105 105 ARG ARG A . n 
A 1 106 ALA 106 106 106 ALA ALA A . n 
A 1 107 THR 107 107 107 THR THR A . n 
A 1 108 VAL 108 108 108 VAL VAL A . n 
A 1 109 LYS 109 109 109 LYS LYS A . n 
A 1 110 SER 110 110 110 SER SER A . n 
A 1 111 SER 111 111 111 SER SER A . n 
A 1 112 ALA 112 112 112 ALA ALA A . n 
A 1 113 PRO 113 113 113 PRO PRO A . n 
A 1 114 GLY 114 114 114 GLY GLY A . n 
A 1 115 TYR 115 115 115 TYR TYR A . n 
A 1 116 ILE 116 116 116 ILE ILE A . n 
A 1 117 THR 117 117 117 THR THR A . n 
A 1 118 PHE 118 118 118 PHE PHE A . n 
A 1 119 ASP 119 119 119 ASP ASP A . n 
A 1 120 GLU 120 120 120 GLU GLU A . n 
A 1 121 VAL 121 121 121 VAL VAL A . n 
A 1 122 GLY 122 122 122 GLY GLY A . n 
A 1 123 GLY 123 123 123 GLY GLY A . n 
A 1 124 PHE 124 124 124 PHE PHE A . n 
A 1 125 ALA 125 125 125 ALA ALA A . n 
A 1 126 ASP 126 126 126 ASP ASP A . n 
A 1 127 ASN 127 127 127 ASN ASN A . n 
A 1 128 ASP 128 128 128 ASP ASP A . n 
A 1 129 LEU 129 129 129 LEU LEU A . n 
A 1 130 VAL 130 130 130 VAL VAL A . n 
A 1 131 GLU 131 131 131 GLU GLU A . n 
A 1 132 GLN 132 132 132 GLN GLN A . n 
A 1 133 LYS 133 133 133 LYS LYS A . n 
A 1 134 VAL 134 134 134 VAL VAL A . n 
A 1 135 SER 135 135 135 SER SER A . n 
A 1 136 PHE 136 136 136 PHE PHE A . n 
A 1 137 ILE 137 137 137 ILE ILE A . n 
A 1 138 ASP 138 138 138 ASP ASP A . n 
A 1 139 GLY 139 139 139 GLY GLY A . n 
A 1 140 GLY 140 140 140 GLY GLY A . n 
A 1 141 VAL 141 141 141 VAL VAL A . n 
A 1 142 ASN 142 142 142 ASN ASN A . n 
A 1 143 VAL 143 143 143 VAL VAL A . n 
A 1 144 GLY 144 144 144 GLY GLY A . n 
A 1 145 ASN 145 145 ?   ?   ?   A . n 
A 1 146 ALA 146 146 ?   ?   ?   A . n 
A 1 147 THR 147 147 ?   ?   ?   A . n 
A 1 148 PRO 148 148 ?   ?   ?   A . n 
A 1 149 THR 149 149 ?   ?   ?   A . n 
A 1 150 LYS 150 150 ?   ?   ?   A . n 
A 1 151 GLY 151 151 ?   ?   ?   A . n 
A 1 152 ALA 152 152 ?   ?   ?   A . n 
A 1 153 THR 153 153 ?   ?   ?   A . n 
A 1 154 PRO 154 154 ?   ?   ?   A . n 
A 1 155 THR 155 155 ?   ?   ?   A . n 
A 1 156 ASN 156 156 ?   ?   ?   A . n 
A 1 157 THR 157 157 ?   ?   ?   A . n 
A 1 158 ALA 158 158 ?   ?   ?   A . n 
A 1 159 THR 159 159 ?   ?   ?   A . n 
A 1 160 PRO 160 160 ?   ?   ?   A . n 
A 1 161 THR 161 161 ?   ?   ?   A . n 
A 1 162 LYS 162 162 ?   ?   ?   A . n 
B 2 1   MET 1   0   ?   ?   ?   B . n 
B 2 2   GLY 2   1   1   GLY GLY B . n 
B 2 3   ASP 3   2   2   ASP ASP B . n 
B 2 4   VAL 4   3   3   VAL VAL B . n 
B 2 5   ASN 5   4   4   ASN ASN B . n 
B 2 6   GLY 6   5   5   GLY GLY B . n 
B 2 7   ASP 7   6   6   ASP ASP B . n 
B 2 8   GLY 8   7   7   GLY GLY B . n 
B 2 9   THR 9   8   8   THR THR B . n 
B 2 10  ILE 10  9   9   ILE ILE B . n 
B 2 11  ASN 11  10  10  ASN ASN B . n 
B 2 12  SER 12  11  11  SER SER B . n 
B 2 13  THR 13  12  12  THR THR B . n 
B 2 14  ASP 14  13  13  ASP ASP B . n 
B 2 15  LEU 15  14  14  LEU LEU B . n 
B 2 16  THR 16  15  15  THR THR B . n 
B 2 17  MET 17  16  16  MET MET B . n 
B 2 18  LEU 18  17  17  LEU LEU B . n 
B 2 19  LYS 19  18  18  LYS LYS B . n 
B 2 20  ARG 20  19  19  ARG ARG B . n 
B 2 21  SER 21  20  20  SER SER B . n 
B 2 22  VAL 22  21  21  VAL VAL B . n 
B 2 23  LEU 23  22  22  LEU LEU B . n 
B 2 24  ARG 24  23  23  ARG ARG B . n 
B 2 25  ALA 25  24  24  ALA ALA B . n 
B 2 26  ILE 26  25  25  ILE ILE B . n 
B 2 27  THR 27  26  26  THR THR B . n 
B 2 28  LEU 28  27  27  LEU LEU B . n 
B 2 29  THR 29  28  28  THR THR B . n 
B 2 30  ASP 30  29  29  ASP ASP B . n 
B 2 31  ASP 31  30  30  ASP ASP B . n 
B 2 32  ALA 32  31  31  ALA ALA B . n 
B 2 33  LYS 33  32  32  LYS LYS B . n 
B 2 34  ALA 34  33  33  ALA ALA B . n 
B 2 35  ARG 35  34  34  ARG ARG B . n 
B 2 36  ALA 36  35  35  ALA ALA B . n 
B 2 37  ASP 37  36  36  ASP ASP B . n 
B 2 38  VAL 38  37  37  VAL VAL B . n 
B 2 39  ASP 39  38  38  ASP ASP B . n 
B 2 40  LYS 40  39  39  LYS LYS B . n 
B 2 41  ASN 41  40  40  ASN ASN B . n 
B 2 42  GLY 42  41  41  GLY GLY B . n 
B 2 43  SER 43  42  42  SER SER B . n 
B 2 44  ILE 44  43  43  ILE ILE B . n 
B 2 45  ASN 45  44  44  ASN ASN B . n 
B 2 46  SER 46  45  45  SER SER B . n 
B 2 47  THR 47  46  46  THR THR B . n 
B 2 48  ASP 48  47  47  ASP ASP B . n 
B 2 49  VAL 49  48  48  VAL VAL B . n 
B 2 50  LEU 50  49  49  LEU LEU B . n 
B 2 51  LEU 51  50  50  LEU LEU B . n 
B 2 52  LEU 52  51  51  LEU LEU B . n 
B 2 53  SER 53  52  52  SER SER B . n 
B 2 54  ARG 54  53  53  ARG ARG B . n 
B 2 55  TYR 55  54  54  TYR TYR B . n 
B 2 56  LEU 56  55  55  LEU LEU B . n 
B 2 57  LEU 57  56  56  LEU LEU B . n 
B 2 58  ARG 58  57  ?   ?   ?   B . n 
B 2 59  VAL 59  58  ?   ?   ?   B . n 
B 2 60  ILE 60  59  ?   ?   ?   B . n 
# 
loop_
_pdbx_nonpoly_scheme.asym_id 
_pdbx_nonpoly_scheme.entity_id 
_pdbx_nonpoly_scheme.mon_id 
_pdbx_nonpoly_scheme.ndb_seq_num 
_pdbx_nonpoly_scheme.pdb_seq_num 
_pdbx_nonpoly_scheme.auth_seq_num 
_pdbx_nonpoly_scheme.pdb_mon_id 
_pdbx_nonpoly_scheme.auth_mon_id 
_pdbx_nonpoly_scheme.pdb_strand_id 
_pdbx_nonpoly_scheme.pdb_ins_code 
C 3 NO3 1  1145 1145 NO3 NO3 A . 
D 3 NO3 1  1146 1146 NO3 NO3 A . 
E 4 EDO 1  1147 1147 EDO EDO A . 
F 5 CA  1  1057 1057 CA  CA  B . 
G 5 CA  1  1058 1058 CA  CA  B . 
H 6 CL  1  1059 1059 CL  CL  B . 
I 7 HOH 1  2001 2001 HOH HOH A . 
I 7 HOH 2  2002 2002 HOH HOH A . 
I 7 HOH 3  2003 2003 HOH HOH A . 
I 7 HOH 4  2004 2004 HOH HOH A . 
I 7 HOH 5  2005 2005 HOH HOH A . 
I 7 HOH 6  2006 2006 HOH HOH A . 
I 7 HOH 7  2007 2007 HOH HOH A . 
I 7 HOH 8  2008 2008 HOH HOH A . 
I 7 HOH 9  2009 2009 HOH HOH A . 
I 7 HOH 10 2010 2010 HOH HOH A . 
I 7 HOH 11 2011 2011 HOH HOH A . 
I 7 HOH 12 2012 2012 HOH HOH A . 
I 7 HOH 13 2013 2013 HOH HOH A . 
I 7 HOH 14 2014 2014 HOH HOH A . 
I 7 HOH 15 2015 2015 HOH HOH A . 
I 7 HOH 16 2016 2016 HOH HOH A . 
I 7 HOH 17 2017 2017 HOH HOH A . 
I 7 HOH 18 2018 2018 HOH HOH A . 
I 7 HOH 19 2019 2019 HOH HOH A . 
I 7 HOH 20 2020 2020 HOH HOH A . 
I 7 HOH 21 2021 2021 HOH HOH A . 
I 7 HOH 22 2022 2022 HOH HOH A . 
I 7 HOH 23 2023 2023 HOH HOH A . 
I 7 HOH 24 2024 2024 HOH HOH A . 
I 7 HOH 25 2025 2025 HOH HOH A . 
I 7 HOH 26 2026 2026 HOH HOH A . 
I 7 HOH 27 2027 2027 HOH HOH A . 
I 7 HOH 28 2028 2028 HOH HOH A . 
I 7 HOH 29 2029 2029 HOH HOH A . 
I 7 HOH 30 2030 2030 HOH HOH A . 
I 7 HOH 31 2031 2031 HOH HOH A . 
I 7 HOH 32 2032 2032 HOH HOH A . 
I 7 HOH 33 2033 2033 HOH HOH A . 
I 7 HOH 34 2034 2034 HOH HOH A . 
I 7 HOH 35 2035 2035 HOH HOH A . 
I 7 HOH 36 2036 2036 HOH HOH A . 
I 7 HOH 37 2037 2037 HOH HOH A . 
I 7 HOH 38 2038 2038 HOH HOH A . 
I 7 HOH 39 2039 2039 HOH HOH A . 
I 7 HOH 40 2040 2040 HOH HOH A . 
I 7 HOH 41 2041 2041 HOH HOH A . 
I 7 HOH 42 2042 2042 HOH HOH A . 
I 7 HOH 43 2043 2043 HOH HOH A . 
I 7 HOH 44 2044 2044 HOH HOH A . 
I 7 HOH 45 2045 2045 HOH HOH A . 
I 7 HOH 46 2046 2046 HOH HOH A . 
I 7 HOH 47 2047 2047 HOH HOH A . 
I 7 HOH 48 2048 2048 HOH HOH A . 
I 7 HOH 49 2049 2049 HOH HOH A . 
I 7 HOH 50 2050 2050 HOH HOH A . 
I 7 HOH 51 2051 2051 HOH HOH A . 
I 7 HOH 52 2052 2052 HOH HOH A . 
I 7 HOH 53 2053 2053 HOH HOH A . 
I 7 HOH 54 2054 2054 HOH HOH A . 
I 7 HOH 55 2055 2055 HOH HOH A . 
I 7 HOH 56 2056 2056 HOH HOH A . 
I 7 HOH 57 2057 2057 HOH HOH A . 
I 7 HOH 58 2058 2058 HOH HOH A . 
I 7 HOH 59 2059 2059 HOH HOH A . 
I 7 HOH 60 2060 2060 HOH HOH A . 
I 7 HOH 61 2061 2061 HOH HOH A . 
I 7 HOH 62 2062 2062 HOH HOH A . 
I 7 HOH 63 2063 2063 HOH HOH A . 
I 7 HOH 64 2064 2064 HOH HOH A . 
I 7 HOH 65 2065 2065 HOH HOH A . 
I 7 HOH 66 2066 2066 HOH HOH A . 
I 7 HOH 67 2067 2067 HOH HOH A . 
I 7 HOH 68 2068 2068 HOH HOH A . 
I 7 HOH 69 2069 2069 HOH HOH A . 
I 7 HOH 70 2070 2070 HOH HOH A . 
I 7 HOH 71 2071 2071 HOH HOH A . 
I 7 HOH 72 2072 2072 HOH HOH A . 
I 7 HOH 73 2073 2073 HOH HOH A . 
I 7 HOH 74 2074 2074 HOH HOH A . 
J 7 HOH 1  2001 2001 HOH HOH B . 
J 7 HOH 2  2002 2002 HOH HOH B . 
J 7 HOH 3  2003 2003 HOH HOH B . 
J 7 HOH 4  2004 2004 HOH HOH B . 
J 7 HOH 5  2005 2005 HOH HOH B . 
J 7 HOH 6  2006 2006 HOH HOH B . 
J 7 HOH 7  2007 2007 HOH HOH B . 
J 7 HOH 8  2008 2008 HOH HOH B . 
J 7 HOH 9  2009 2009 HOH HOH B . 
J 7 HOH 10 2010 2010 HOH HOH B . 
J 7 HOH 11 2011 2011 HOH HOH B . 
J 7 HOH 12 2012 2012 HOH HOH B . 
J 7 HOH 13 2013 2013 HOH HOH B . 
J 7 HOH 14 2014 2014 HOH HOH B . 
J 7 HOH 15 2015 2015 HOH HOH B . 
J 7 HOH 16 2016 2016 HOH HOH B . 
J 7 HOH 17 2017 2017 HOH HOH B . 
J 7 HOH 18 2018 2018 HOH HOH B . 
J 7 HOH 19 2019 2019 HOH HOH B . 
J 7 HOH 20 2020 2020 HOH HOH B . 
J 7 HOH 21 2021 2021 HOH HOH B . 
J 7 HOH 22 2022 2022 HOH HOH B . 
J 7 HOH 23 2023 2023 HOH HOH B . 
J 7 HOH 24 2024 2024 HOH HOH B . 
J 7 HOH 25 2025 2025 HOH HOH B . 
J 7 HOH 26 2026 2026 HOH HOH B . 
J 7 HOH 27 2027 2027 HOH HOH B . 
J 7 HOH 28 2028 2028 HOH HOH B . 
J 7 HOH 29 2029 2029 HOH HOH B . 
J 7 HOH 30 2030 2030 HOH HOH B . 
J 7 HOH 31 2031 2031 HOH HOH B . 
J 7 HOH 32 2032 2032 HOH HOH B . 
J 7 HOH 33 2033 2033 HOH HOH B . 
J 7 HOH 34 2034 2034 HOH HOH B . 
J 7 HOH 35 2035 2035 HOH HOH B . 
J 7 HOH 36 2036 2036 HOH HOH B . 
J 7 HOH 37 2037 2037 HOH HOH B . 
J 7 HOH 38 2038 2038 HOH HOH B . 
J 7 HOH 39 2039 2039 HOH HOH B . 
J 7 HOH 40 2040 2040 HOH HOH B . 
J 7 HOH 41 2041 2041 HOH HOH B . 
# 
_pdbx_struct_assembly.id                   1 
_pdbx_struct_assembly.details              author_and_software_defined_assembly 
_pdbx_struct_assembly.method_details       PQS 
_pdbx_struct_assembly.oligomeric_details   hexameric 
_pdbx_struct_assembly.oligomeric_count     6 
# 
_pdbx_struct_assembly_gen.assembly_id       1 
_pdbx_struct_assembly_gen.oper_expression   1,2,3 
_pdbx_struct_assembly_gen.asym_id_list      A,B,C,D,E,F,G,H,I,J 
# 
loop_
_pdbx_struct_oper_list.id 
_pdbx_struct_oper_list.type 
_pdbx_struct_oper_list.name 
_pdbx_struct_oper_list.symmetry_operation 
_pdbx_struct_oper_list.matrix[1][1] 
_pdbx_struct_oper_list.matrix[1][2] 
_pdbx_struct_oper_list.matrix[1][3] 
_pdbx_struct_oper_list.vector[1] 
_pdbx_struct_oper_list.matrix[2][1] 
_pdbx_struct_oper_list.matrix[2][2] 
_pdbx_struct_oper_list.matrix[2][3] 
_pdbx_struct_oper_list.vector[2] 
_pdbx_struct_oper_list.matrix[3][1] 
_pdbx_struct_oper_list.matrix[3][2] 
_pdbx_struct_oper_list.matrix[3][3] 
_pdbx_struct_oper_list.vector[3] 
1 'identity operation'         1_555  x,y,z           1.0000000000  0.0000000000  0.0000000000  0.0000000000  0.0000000000  1.0000000000  0.0000000000 0.0000000000  0.0000000000  0.0000000000 1.0000000000 0.0000000000   
2 'crystal symmetry operation' 8_544  -z,x-1/2,-y-1/2 -0.4875488336 0.8469977520  -0.2118748284 18.6465185860 -0.7405933302 -0.2726738887 0.6141420598 24.5601423105 0.4624042107  0.4563373297 0.7602227223 -12.2845852496 
3 'crystal symmetry operation' 11_545 y+1/2,-z-1/2,-x -0.4875488336 -0.7405933302 0.4624042107  32.9606099180 0.8469977520  -0.2726738887 0.4563373297 -3.4907349860 -0.2118748284 0.6141420598 0.7602227223 -1.7936676213   
# 
loop_
_pdbx_struct_special_symmetry.id 
_pdbx_struct_special_symmetry.PDB_model_num 
_pdbx_struct_special_symmetry.auth_asym_id 
_pdbx_struct_special_symmetry.auth_comp_id 
_pdbx_struct_special_symmetry.auth_seq_id 
_pdbx_struct_special_symmetry.PDB_ins_code 
_pdbx_struct_special_symmetry.label_asym_id 
_pdbx_struct_special_symmetry.label_comp_id 
_pdbx_struct_special_symmetry.label_seq_id 
1 1 B HOH 2009 ? J HOH . 
2 1 B HOH 2014 ? J HOH . 
# 
loop_
_pdbx_struct_conn_angle.id 
_pdbx_struct_conn_angle.ptnr1_label_atom_id 
_pdbx_struct_conn_angle.ptnr1_label_alt_id 
_pdbx_struct_conn_angle.ptnr1_label_asym_id 
_pdbx_struct_conn_angle.ptnr1_label_comp_id 
_pdbx_struct_conn_angle.ptnr1_label_seq_id 
_pdbx_struct_conn_angle.ptnr1_auth_atom_id 
_pdbx_struct_conn_angle.ptnr1_auth_asym_id 
_pdbx_struct_conn_angle.ptnr1_auth_comp_id 
_pdbx_struct_conn_angle.ptnr1_auth_seq_id 
_pdbx_struct_conn_angle.ptnr1_PDB_ins_code 
_pdbx_struct_conn_angle.ptnr1_symmetry 
_pdbx_struct_conn_angle.ptnr2_label_atom_id 
_pdbx_struct_conn_angle.ptnr2_label_alt_id 
_pdbx_struct_conn_angle.ptnr2_label_asym_id 
_pdbx_struct_conn_angle.ptnr2_label_comp_id 
_pdbx_struct_conn_angle.ptnr2_label_seq_id 
_pdbx_struct_conn_angle.ptnr2_auth_atom_id 
_pdbx_struct_conn_angle.ptnr2_auth_asym_id 
_pdbx_struct_conn_angle.ptnr2_auth_comp_id 
_pdbx_struct_conn_angle.ptnr2_auth_seq_id 
_pdbx_struct_conn_angle.ptnr2_PDB_ins_code 
_pdbx_struct_conn_angle.ptnr2_symmetry 
_pdbx_struct_conn_angle.ptnr3_label_atom_id 
_pdbx_struct_conn_angle.ptnr3_label_alt_id 
_pdbx_struct_conn_angle.ptnr3_label_asym_id 
_pdbx_struct_conn_angle.ptnr3_label_comp_id 
_pdbx_struct_conn_angle.ptnr3_label_seq_id 
_pdbx_struct_conn_angle.ptnr3_auth_atom_id 
_pdbx_struct_conn_angle.ptnr3_auth_asym_id 
_pdbx_struct_conn_angle.ptnr3_auth_comp_id 
_pdbx_struct_conn_angle.ptnr3_auth_seq_id 
_pdbx_struct_conn_angle.ptnr3_PDB_ins_code 
_pdbx_struct_conn_angle.ptnr3_symmetry 
_pdbx_struct_conn_angle.value 
_pdbx_struct_conn_angle.value_esd 
1  OD1 ? B ASP 3  ? B ASP 2  ? 1_555 CA ? F CA . ? B CA 1057 ? 1_555 OD1 ? B ASN 5  ? B ASN 4    ? 1_555 91.4  ? 
2  OD1 ? B ASP 3  ? B ASP 2  ? 1_555 CA ? F CA . ? B CA 1057 ? 1_555 OD1 ? B ASP 7  ? B ASP 6    ? 1_555 89.1  ? 
3  OD1 ? B ASN 5  ? B ASN 4  ? 1_555 CA ? F CA . ? B CA 1057 ? 1_555 OD1 ? B ASP 7  ? B ASP 6    ? 1_555 79.6  ? 
4  OD1 ? B ASP 3  ? B ASP 2  ? 1_555 CA ? F CA . ? B CA 1057 ? 1_555 O   ? B THR 9  ? B THR 8    ? 1_555 85.0  ? 
5  OD1 ? B ASN 5  ? B ASN 4  ? 1_555 CA ? F CA . ? B CA 1057 ? 1_555 O   ? B THR 9  ? B THR 8    ? 1_555 158.5 ? 
6  OD1 ? B ASP 7  ? B ASP 6  ? 1_555 CA ? F CA . ? B CA 1057 ? 1_555 O   ? B THR 9  ? B THR 8    ? 1_555 79.1  ? 
7  OD1 ? B ASP 3  ? B ASP 2  ? 1_555 CA ? F CA . ? B CA 1057 ? 1_555 OD1 ? B ASP 14 ? B ASP 13   ? 1_555 89.8  ? 
8  OD1 ? B ASN 5  ? B ASN 4  ? 1_555 CA ? F CA . ? B CA 1057 ? 1_555 OD1 ? B ASP 14 ? B ASP 13   ? 1_555 80.2  ? 
9  OD1 ? B ASP 7  ? B ASP 6  ? 1_555 CA ? F CA . ? B CA 1057 ? 1_555 OD1 ? B ASP 14 ? B ASP 13   ? 1_555 159.7 ? 
10 O   ? B THR 9  ? B THR 8  ? 1_555 CA ? F CA . ? B CA 1057 ? 1_555 OD1 ? B ASP 14 ? B ASP 13   ? 1_555 120.9 ? 
11 OD1 ? B ASP 3  ? B ASP 2  ? 1_555 CA ? F CA . ? B CA 1057 ? 1_555 OD2 ? B ASP 14 ? B ASP 13   ? 1_555 105.3 ? 
12 OD1 ? B ASN 5  ? B ASN 4  ? 1_555 CA ? F CA . ? B CA 1057 ? 1_555 OD2 ? B ASP 14 ? B ASP 13   ? 1_555 125.0 ? 
13 OD1 ? B ASP 7  ? B ASP 6  ? 1_555 CA ? F CA . ? B CA 1057 ? 1_555 OD2 ? B ASP 14 ? B ASP 13   ? 1_555 150.2 ? 
14 O   ? B THR 9  ? B THR 8  ? 1_555 CA ? F CA . ? B CA 1057 ? 1_555 OD2 ? B ASP 14 ? B ASP 13   ? 1_555 76.3  ? 
15 OD1 ? B ASP 14 ? B ASP 13 ? 1_555 CA ? F CA . ? B CA 1057 ? 1_555 OD2 ? B ASP 14 ? B ASP 13   ? 1_555 48.7  ? 
16 OD1 ? B ASP 3  ? B ASP 2  ? 1_555 CA ? F CA . ? B CA 1057 ? 1_555 O   ? J HOH .  ? B HOH 2004 ? 1_555 173.3 ? 
17 OD1 ? B ASN 5  ? B ASN 4  ? 1_555 CA ? F CA . ? B CA 1057 ? 1_555 O   ? J HOH .  ? B HOH 2004 ? 1_555 84.6  ? 
18 OD1 ? B ASP 7  ? B ASP 6  ? 1_555 CA ? F CA . ? B CA 1057 ? 1_555 O   ? J HOH .  ? B HOH 2004 ? 1_555 84.9  ? 
19 O   ? B THR 9  ? B THR 8  ? 1_555 CA ? F CA . ? B CA 1057 ? 1_555 O   ? J HOH .  ? B HOH 2004 ? 1_555 96.7  ? 
20 OD1 ? B ASP 14 ? B ASP 13 ? 1_555 CA ? F CA . ? B CA 1057 ? 1_555 O   ? J HOH .  ? B HOH 2004 ? 1_555 94.8  ? 
21 OD2 ? B ASP 14 ? B ASP 13 ? 1_555 CA ? F CA . ? B CA 1057 ? 1_555 O   ? J HOH .  ? B HOH 2004 ? 1_555 81.4  ? 
22 OD1 ? B ASP 37 ? B ASP 36 ? 1_555 CA ? G CA . ? B CA 1058 ? 1_555 OD1 ? B ASP 39 ? B ASP 38   ? 1_555 86.4  ? 
23 OD1 ? B ASP 37 ? B ASP 36 ? 1_555 CA ? G CA . ? B CA 1058 ? 1_555 OD1 ? B ASN 41 ? B ASN 40   ? 1_555 88.2  ? 
24 OD1 ? B ASP 39 ? B ASP 38 ? 1_555 CA ? G CA . ? B CA 1058 ? 1_555 OD1 ? B ASN 41 ? B ASN 40   ? 1_555 77.6  ? 
25 OD1 ? B ASP 37 ? B ASP 36 ? 1_555 CA ? G CA . ? B CA 1058 ? 1_555 O   ? B SER 43 ? B SER 42   ? 1_555 84.5  ? 
26 OD1 ? B ASP 39 ? B ASP 38 ? 1_555 CA ? G CA . ? B CA 1058 ? 1_555 O   ? B SER 43 ? B SER 42   ? 1_555 160.6 ? 
27 OD1 ? B ASN 41 ? B ASN 40 ? 1_555 CA ? G CA . ? B CA 1058 ? 1_555 O   ? B SER 43 ? B SER 42   ? 1_555 85.0  ? 
28 OD1 ? B ASP 37 ? B ASP 36 ? 1_555 CA ? G CA . ? B CA 1058 ? 1_555 OD2 ? B ASP 48 ? B ASP 47   ? 1_555 112.2 ? 
29 OD1 ? B ASP 39 ? B ASP 38 ? 1_555 CA ? G CA . ? B CA 1058 ? 1_555 OD2 ? B ASP 48 ? B ASP 47   ? 1_555 121.9 ? 
30 OD1 ? B ASN 41 ? B ASN 40 ? 1_555 CA ? G CA . ? B CA 1058 ? 1_555 OD2 ? B ASP 48 ? B ASP 47   ? 1_555 151.3 ? 
31 O   ? B SER 43 ? B SER 42 ? 1_555 CA ? G CA . ? B CA 1058 ? 1_555 OD2 ? B ASP 48 ? B ASP 47   ? 1_555 77.5  ? 
32 OD1 ? B ASP 37 ? B ASP 36 ? 1_555 CA ? G CA . ? B CA 1058 ? 1_555 OD1 ? B ASP 48 ? B ASP 47   ? 1_555 93.6  ? 
33 OD1 ? B ASP 39 ? B ASP 38 ? 1_555 CA ? G CA . ? B CA 1058 ? 1_555 OD1 ? B ASP 48 ? B ASP 47   ? 1_555 76.4  ? 
34 OD1 ? B ASN 41 ? B ASN 40 ? 1_555 CA ? G CA . ? B CA 1058 ? 1_555 OD1 ? B ASP 48 ? B ASP 47   ? 1_555 153.8 ? 
35 O   ? B SER 43 ? B SER 42 ? 1_555 CA ? G CA . ? B CA 1058 ? 1_555 OD1 ? B ASP 48 ? B ASP 47   ? 1_555 121.2 ? 
36 OD2 ? B ASP 48 ? B ASP 47 ? 1_555 CA ? G CA . ? B CA 1058 ? 1_555 OD1 ? B ASP 48 ? B ASP 47   ? 1_555 49.2  ? 
37 OD1 ? B ASP 37 ? B ASP 36 ? 1_555 CA ? G CA . ? B CA 1058 ? 1_555 O   ? J HOH .  ? B HOH 2036 ? 1_555 164.3 ? 
38 OD1 ? B ASP 39 ? B ASP 38 ? 1_555 CA ? G CA . ? B CA 1058 ? 1_555 O   ? J HOH .  ? B HOH 2036 ? 1_555 79.3  ? 
39 OD1 ? B ASN 41 ? B ASN 40 ? 1_555 CA ? G CA . ? B CA 1058 ? 1_555 O   ? J HOH .  ? B HOH 2036 ? 1_555 82.6  ? 
40 O   ? B SER 43 ? B SER 42 ? 1_555 CA ? G CA . ? B CA 1058 ? 1_555 O   ? J HOH .  ? B HOH 2036 ? 1_555 107.2 ? 
41 OD2 ? B ASP 48 ? B ASP 47 ? 1_555 CA ? G CA . ? B CA 1058 ? 1_555 O   ? J HOH .  ? B HOH 2036 ? 1_555 81.2  ? 
42 OD1 ? B ASP 48 ? B ASP 47 ? 1_555 CA ? G CA . ? B CA 1058 ? 1_555 O   ? J HOH .  ? B HOH 2036 ? 1_555 89.3  ? 
# 
loop_
_pdbx_audit_revision_history.ordinal 
_pdbx_audit_revision_history.data_content_type 
_pdbx_audit_revision_history.major_revision 
_pdbx_audit_revision_history.minor_revision 
_pdbx_audit_revision_history.revision_date 
1 'Structure model' 1 0 2003-11-20 
2 'Structure model' 1 1 2011-05-08 
3 'Structure model' 1 2 2011-07-13 
4 'Structure model' 1 3 2023-12-13 
# 
_pdbx_audit_revision_details.ordinal             1 
_pdbx_audit_revision_details.revision_ordinal    1 
_pdbx_audit_revision_details.data_content_type   'Structure model' 
_pdbx_audit_revision_details.provider            repository 
_pdbx_audit_revision_details.type                'Initial release' 
_pdbx_audit_revision_details.description         ? 
_pdbx_audit_revision_details.details             ? 
# 
loop_
_pdbx_audit_revision_group.ordinal 
_pdbx_audit_revision_group.revision_ordinal 
_pdbx_audit_revision_group.data_content_type 
_pdbx_audit_revision_group.group 
1 2 'Structure model' 'Version format compliance' 
2 3 'Structure model' 'Version format compliance' 
3 4 'Structure model' 'Data collection'           
4 4 'Structure model' 'Database references'       
5 4 'Structure model' 'Derived calculations'      
6 4 'Structure model' Other                       
7 4 'Structure model' 'Refinement description'    
# 
loop_
_pdbx_audit_revision_category.ordinal 
_pdbx_audit_revision_category.revision_ordinal 
_pdbx_audit_revision_category.data_content_type 
_pdbx_audit_revision_category.category 
1 4 'Structure model' chem_comp_atom                
2 4 'Structure model' chem_comp_bond                
3 4 'Structure model' database_2                    
4 4 'Structure model' pdbx_database_status          
5 4 'Structure model' pdbx_initial_refinement_model 
6 4 'Structure model' pdbx_struct_conn_angle        
7 4 'Structure model' struct_conn                   
# 
loop_
_pdbx_audit_revision_item.ordinal 
_pdbx_audit_revision_item.revision_ordinal 
_pdbx_audit_revision_item.data_content_type 
_pdbx_audit_revision_item.item 
1  4 'Structure model' '_database_2.pdbx_DOI'                        
2  4 'Structure model' '_database_2.pdbx_database_accession'         
3  4 'Structure model' '_pdbx_database_status.status_code_sf'        
4  4 'Structure model' '_pdbx_struct_conn_angle.ptnr1_auth_comp_id'  
5  4 'Structure model' '_pdbx_struct_conn_angle.ptnr1_auth_seq_id'   
6  4 'Structure model' '_pdbx_struct_conn_angle.ptnr1_label_asym_id' 
7  4 'Structure model' '_pdbx_struct_conn_angle.ptnr1_label_atom_id' 
8  4 'Structure model' '_pdbx_struct_conn_angle.ptnr1_label_comp_id' 
9  4 'Structure model' '_pdbx_struct_conn_angle.ptnr1_label_seq_id'  
10 4 'Structure model' '_pdbx_struct_conn_angle.ptnr3_auth_comp_id'  
11 4 'Structure model' '_pdbx_struct_conn_angle.ptnr3_auth_seq_id'   
12 4 'Structure model' '_pdbx_struct_conn_angle.ptnr3_label_asym_id' 
13 4 'Structure model' '_pdbx_struct_conn_angle.ptnr3_label_atom_id' 
14 4 'Structure model' '_pdbx_struct_conn_angle.ptnr3_label_comp_id' 
15 4 'Structure model' '_pdbx_struct_conn_angle.ptnr3_label_seq_id'  
16 4 'Structure model' '_pdbx_struct_conn_angle.value'               
17 4 'Structure model' '_struct_conn.pdbx_dist_value'                
18 4 'Structure model' '_struct_conn.ptnr1_auth_comp_id'             
19 4 'Structure model' '_struct_conn.ptnr1_auth_seq_id'              
20 4 'Structure model' '_struct_conn.ptnr1_label_asym_id'            
21 4 'Structure model' '_struct_conn.ptnr1_label_atom_id'            
22 4 'Structure model' '_struct_conn.ptnr1_label_comp_id'            
23 4 'Structure model' '_struct_conn.ptnr1_label_seq_id'             
24 4 'Structure model' '_struct_conn.ptnr2_auth_comp_id'             
25 4 'Structure model' '_struct_conn.ptnr2_auth_seq_id'              
26 4 'Structure model' '_struct_conn.ptnr2_label_asym_id'            
27 4 'Structure model' '_struct_conn.ptnr2_label_atom_id'            
28 4 'Structure model' '_struct_conn.ptnr2_label_comp_id'            
29 4 'Structure model' '_struct_conn.ptnr2_label_seq_id'             
# 
loop_
_software.name 
_software.classification 
_software.version 
_software.citation_id 
_software.pdbx_ordinal 
REFMAC refinement       . ? 1 
MOSFLM 'data reduction' . ? 2 
SCALA  'data scaling'   . ? 3 
CNS    phasing          . ? 4 
# 
loop_
_pdbx_validate_torsion.id 
_pdbx_validate_torsion.PDB_model_num 
_pdbx_validate_torsion.auth_comp_id 
_pdbx_validate_torsion.auth_asym_id 
_pdbx_validate_torsion.auth_seq_id 
_pdbx_validate_torsion.PDB_ins_code 
_pdbx_validate_torsion.label_alt_id 
_pdbx_validate_torsion.phi 
_pdbx_validate_torsion.psi 
1 1 ASN A 64  ? ? -114.34 77.64 
2 1 PHE A 124 ? ? -162.97 77.82 
# 
_pdbx_distant_solvent_atoms.id                                1 
_pdbx_distant_solvent_atoms.PDB_model_num                     1 
_pdbx_distant_solvent_atoms.auth_atom_id                      O 
_pdbx_distant_solvent_atoms.label_alt_id                      ? 
_pdbx_distant_solvent_atoms.auth_asym_id                      A 
_pdbx_distant_solvent_atoms.auth_comp_id                      HOH 
_pdbx_distant_solvent_atoms.auth_seq_id                       2018 
_pdbx_distant_solvent_atoms.PDB_ins_code                      ? 
_pdbx_distant_solvent_atoms.neighbor_macromolecule_distance   7.46 
_pdbx_distant_solvent_atoms.neighbor_ligand_distance          . 
# 
loop_
_pdbx_unobs_or_zero_occ_atoms.id 
_pdbx_unobs_or_zero_occ_atoms.PDB_model_num 
_pdbx_unobs_or_zero_occ_atoms.polymer_flag 
_pdbx_unobs_or_zero_occ_atoms.occupancy_flag 
_pdbx_unobs_or_zero_occ_atoms.auth_asym_id 
_pdbx_unobs_or_zero_occ_atoms.auth_comp_id 
_pdbx_unobs_or_zero_occ_atoms.auth_seq_id 
_pdbx_unobs_or_zero_occ_atoms.PDB_ins_code 
_pdbx_unobs_or_zero_occ_atoms.auth_atom_id 
_pdbx_unobs_or_zero_occ_atoms.label_alt_id 
_pdbx_unobs_or_zero_occ_atoms.label_asym_id 
_pdbx_unobs_or_zero_occ_atoms.label_comp_id 
_pdbx_unobs_or_zero_occ_atoms.label_seq_id 
_pdbx_unobs_or_zero_occ_atoms.label_atom_id 
1  1 Y 1 A GLU 22  ? OE1 ? A GLU 22  OE1 
2  1 Y 1 A GLU 22  ? OE2 ? A GLU 22  OE2 
3  1 Y 1 A SER 32  ? OG  ? A SER 32  OG  
4  1 Y 1 A LYS 33  ? CD  ? A LYS 33  CD  
5  1 Y 1 A LYS 33  ? CE  ? A LYS 33  CE  
6  1 Y 1 A LYS 33  ? NZ  ? A LYS 33  NZ  
7  1 Y 1 A ASP 76  ? OD1 ? A ASP 76  OD1 
8  1 Y 1 A ASP 76  ? OD2 ? A ASP 76  OD2 
9  1 Y 1 A LYS 78  ? CE  ? A LYS 78  CE  
10 1 Y 1 A LYS 78  ? NZ  ? A LYS 78  NZ  
11 1 Y 1 A LYS 97  ? CE  ? A LYS 97  CE  
12 1 Y 1 A LYS 97  ? NZ  ? A LYS 97  NZ  
13 1 Y 1 A LYS 103 ? CE  ? A LYS 103 CE  
14 1 Y 1 A LYS 103 ? NZ  ? A LYS 103 NZ  
15 1 Y 1 A LYS 109 ? CD  ? A LYS 109 CD  
16 1 Y 1 A LYS 109 ? CE  ? A LYS 109 CE  
17 1 Y 1 A LYS 109 ? NZ  ? A LYS 109 NZ  
18 1 Y 1 A LEU 129 ? CD1 ? A LEU 129 CD1 
19 1 Y 1 A LEU 129 ? CD2 ? A LEU 129 CD2 
20 1 Y 1 A LYS 133 ? CG  ? A LYS 133 CG  
21 1 Y 1 A LYS 133 ? CD  ? A LYS 133 CD  
22 1 Y 1 A LYS 133 ? CE  ? A LYS 133 CE  
23 1 Y 1 A LYS 133 ? NZ  ? A LYS 133 NZ  
24 1 Y 1 B SER 42  ? OG  ? B SER 43  OG  
25 1 Y 1 B LEU 56  ? CD1 ? B LEU 57  CD1 
26 1 Y 1 B LEU 56  ? CD2 ? B LEU 57  CD2 
# 
loop_
_pdbx_unobs_or_zero_occ_residues.id 
_pdbx_unobs_or_zero_occ_residues.PDB_model_num 
_pdbx_unobs_or_zero_occ_residues.polymer_flag 
_pdbx_unobs_or_zero_occ_residues.occupancy_flag 
_pdbx_unobs_or_zero_occ_residues.auth_asym_id 
_pdbx_unobs_or_zero_occ_residues.auth_comp_id 
_pdbx_unobs_or_zero_occ_residues.auth_seq_id 
_pdbx_unobs_or_zero_occ_residues.PDB_ins_code 
_pdbx_unobs_or_zero_occ_residues.label_asym_id 
_pdbx_unobs_or_zero_occ_residues.label_comp_id 
_pdbx_unobs_or_zero_occ_residues.label_seq_id 
1  1 Y 1 A MET 1   ? A MET 1   
2  1 Y 1 A ALA 2   ? A ALA 2   
3  1 Y 1 A SER 3   ? A SER 3   
4  1 Y 1 A ASP 4   ? A ASP 4   
5  1 Y 1 A ASN 145 ? A ASN 145 
6  1 Y 1 A ALA 146 ? A ALA 146 
7  1 Y 1 A THR 147 ? A THR 147 
8  1 Y 1 A PRO 148 ? A PRO 148 
9  1 Y 1 A THR 149 ? A THR 149 
10 1 Y 1 A LYS 150 ? A LYS 150 
11 1 Y 1 A GLY 151 ? A GLY 151 
12 1 Y 1 A ALA 152 ? A ALA 152 
13 1 Y 1 A THR 153 ? A THR 153 
14 1 Y 1 A PRO 154 ? A PRO 154 
15 1 Y 1 A THR 155 ? A THR 155 
16 1 Y 1 A ASN 156 ? A ASN 156 
17 1 Y 1 A THR 157 ? A THR 157 
18 1 Y 1 A ALA 158 ? A ALA 158 
19 1 Y 1 A THR 159 ? A THR 159 
20 1 Y 1 A PRO 160 ? A PRO 160 
21 1 Y 1 A THR 161 ? A THR 161 
22 1 Y 1 A LYS 162 ? A LYS 162 
23 1 Y 1 B MET 0   ? B MET 1   
24 1 Y 1 B ARG 57  ? B ARG 58  
25 1 Y 1 B VAL 58  ? B VAL 59  
26 1 Y 1 B ILE 59  ? B ILE 60  
# 
loop_
_chem_comp_atom.comp_id 
_chem_comp_atom.atom_id 
_chem_comp_atom.type_symbol 
_chem_comp_atom.pdbx_aromatic_flag 
_chem_comp_atom.pdbx_stereo_config 
_chem_comp_atom.pdbx_ordinal 
ALA N    N  N N 1   
ALA CA   C  N S 2   
ALA C    C  N N 3   
ALA O    O  N N 4   
ALA CB   C  N N 5   
ALA OXT  O  N N 6   
ALA H    H  N N 7   
ALA H2   H  N N 8   
ALA HA   H  N N 9   
ALA HB1  H  N N 10  
ALA HB2  H  N N 11  
ALA HB3  H  N N 12  
ALA HXT  H  N N 13  
ARG N    N  N N 14  
ARG CA   C  N S 15  
ARG C    C  N N 16  
ARG O    O  N N 17  
ARG CB   C  N N 18  
ARG CG   C  N N 19  
ARG CD   C  N N 20  
ARG NE   N  N N 21  
ARG CZ   C  N N 22  
ARG NH1  N  N N 23  
ARG NH2  N  N N 24  
ARG OXT  O  N N 25  
ARG H    H  N N 26  
ARG H2   H  N N 27  
ARG HA   H  N N 28  
ARG HB2  H  N N 29  
ARG HB3  H  N N 30  
ARG HG2  H  N N 31  
ARG HG3  H  N N 32  
ARG HD2  H  N N 33  
ARG HD3  H  N N 34  
ARG HE   H  N N 35  
ARG HH11 H  N N 36  
ARG HH12 H  N N 37  
ARG HH21 H  N N 38  
ARG HH22 H  N N 39  
ARG HXT  H  N N 40  
ASN N    N  N N 41  
ASN CA   C  N S 42  
ASN C    C  N N 43  
ASN O    O  N N 44  
ASN CB   C  N N 45  
ASN CG   C  N N 46  
ASN OD1  O  N N 47  
ASN ND2  N  N N 48  
ASN OXT  O  N N 49  
ASN H    H  N N 50  
ASN H2   H  N N 51  
ASN HA   H  N N 52  
ASN HB2  H  N N 53  
ASN HB3  H  N N 54  
ASN HD21 H  N N 55  
ASN HD22 H  N N 56  
ASN HXT  H  N N 57  
ASP N    N  N N 58  
ASP CA   C  N S 59  
ASP C    C  N N 60  
ASP O    O  N N 61  
ASP CB   C  N N 62  
ASP CG   C  N N 63  
ASP OD1  O  N N 64  
ASP OD2  O  N N 65  
ASP OXT  O  N N 66  
ASP H    H  N N 67  
ASP H2   H  N N 68  
ASP HA   H  N N 69  
ASP HB2  H  N N 70  
ASP HB3  H  N N 71  
ASP HD2  H  N N 72  
ASP HXT  H  N N 73  
CA  CA   CA N N 74  
CL  CL   CL N N 75  
CYS N    N  N N 76  
CYS CA   C  N R 77  
CYS C    C  N N 78  
CYS O    O  N N 79  
CYS CB   C  N N 80  
CYS SG   S  N N 81  
CYS OXT  O  N N 82  
CYS H    H  N N 83  
CYS H2   H  N N 84  
CYS HA   H  N N 85  
CYS HB2  H  N N 86  
CYS HB3  H  N N 87  
CYS HG   H  N N 88  
CYS HXT  H  N N 89  
EDO C1   C  N N 90  
EDO O1   O  N N 91  
EDO C2   C  N N 92  
EDO O2   O  N N 93  
EDO H11  H  N N 94  
EDO H12  H  N N 95  
EDO HO1  H  N N 96  
EDO H21  H  N N 97  
EDO H22  H  N N 98  
EDO HO2  H  N N 99  
GLN N    N  N N 100 
GLN CA   C  N S 101 
GLN C    C  N N 102 
GLN O    O  N N 103 
GLN CB   C  N N 104 
GLN CG   C  N N 105 
GLN CD   C  N N 106 
GLN OE1  O  N N 107 
GLN NE2  N  N N 108 
GLN OXT  O  N N 109 
GLN H    H  N N 110 
GLN H2   H  N N 111 
GLN HA   H  N N 112 
GLN HB2  H  N N 113 
GLN HB3  H  N N 114 
GLN HG2  H  N N 115 
GLN HG3  H  N N 116 
GLN HE21 H  N N 117 
GLN HE22 H  N N 118 
GLN HXT  H  N N 119 
GLU N    N  N N 120 
GLU CA   C  N S 121 
GLU C    C  N N 122 
GLU O    O  N N 123 
GLU CB   C  N N 124 
GLU CG   C  N N 125 
GLU CD   C  N N 126 
GLU OE1  O  N N 127 
GLU OE2  O  N N 128 
GLU OXT  O  N N 129 
GLU H    H  N N 130 
GLU H2   H  N N 131 
GLU HA   H  N N 132 
GLU HB2  H  N N 133 
GLU HB3  H  N N 134 
GLU HG2  H  N N 135 
GLU HG3  H  N N 136 
GLU HE2  H  N N 137 
GLU HXT  H  N N 138 
GLY N    N  N N 139 
GLY CA   C  N N 140 
GLY C    C  N N 141 
GLY O    O  N N 142 
GLY OXT  O  N N 143 
GLY H    H  N N 144 
GLY H2   H  N N 145 
GLY HA2  H  N N 146 
GLY HA3  H  N N 147 
GLY HXT  H  N N 148 
HOH O    O  N N 149 
HOH H1   H  N N 150 
HOH H2   H  N N 151 
ILE N    N  N N 152 
ILE CA   C  N S 153 
ILE C    C  N N 154 
ILE O    O  N N 155 
ILE CB   C  N S 156 
ILE CG1  C  N N 157 
ILE CG2  C  N N 158 
ILE CD1  C  N N 159 
ILE OXT  O  N N 160 
ILE H    H  N N 161 
ILE H2   H  N N 162 
ILE HA   H  N N 163 
ILE HB   H  N N 164 
ILE HG12 H  N N 165 
ILE HG13 H  N N 166 
ILE HG21 H  N N 167 
ILE HG22 H  N N 168 
ILE HG23 H  N N 169 
ILE HD11 H  N N 170 
ILE HD12 H  N N 171 
ILE HD13 H  N N 172 
ILE HXT  H  N N 173 
LEU N    N  N N 174 
LEU CA   C  N S 175 
LEU C    C  N N 176 
LEU O    O  N N 177 
LEU CB   C  N N 178 
LEU CG   C  N N 179 
LEU CD1  C  N N 180 
LEU CD2  C  N N 181 
LEU OXT  O  N N 182 
LEU H    H  N N 183 
LEU H2   H  N N 184 
LEU HA   H  N N 185 
LEU HB2  H  N N 186 
LEU HB3  H  N N 187 
LEU HG   H  N N 188 
LEU HD11 H  N N 189 
LEU HD12 H  N N 190 
LEU HD13 H  N N 191 
LEU HD21 H  N N 192 
LEU HD22 H  N N 193 
LEU HD23 H  N N 194 
LEU HXT  H  N N 195 
LYS N    N  N N 196 
LYS CA   C  N S 197 
LYS C    C  N N 198 
LYS O    O  N N 199 
LYS CB   C  N N 200 
LYS CG   C  N N 201 
LYS CD   C  N N 202 
LYS CE   C  N N 203 
LYS NZ   N  N N 204 
LYS OXT  O  N N 205 
LYS H    H  N N 206 
LYS H2   H  N N 207 
LYS HA   H  N N 208 
LYS HB2  H  N N 209 
LYS HB3  H  N N 210 
LYS HG2  H  N N 211 
LYS HG3  H  N N 212 
LYS HD2  H  N N 213 
LYS HD3  H  N N 214 
LYS HE2  H  N N 215 
LYS HE3  H  N N 216 
LYS HZ1  H  N N 217 
LYS HZ2  H  N N 218 
LYS HZ3  H  N N 219 
LYS HXT  H  N N 220 
MET N    N  N N 221 
MET CA   C  N S 222 
MET C    C  N N 223 
MET O    O  N N 224 
MET CB   C  N N 225 
MET CG   C  N N 226 
MET SD   S  N N 227 
MET CE   C  N N 228 
MET OXT  O  N N 229 
MET H    H  N N 230 
MET H2   H  N N 231 
MET HA   H  N N 232 
MET HB2  H  N N 233 
MET HB3  H  N N 234 
MET HG2  H  N N 235 
MET HG3  H  N N 236 
MET HE1  H  N N 237 
MET HE2  H  N N 238 
MET HE3  H  N N 239 
MET HXT  H  N N 240 
NO3 N    N  N N 241 
NO3 O1   O  N N 242 
NO3 O2   O  N N 243 
NO3 O3   O  N N 244 
PHE N    N  N N 245 
PHE CA   C  N S 246 
PHE C    C  N N 247 
PHE O    O  N N 248 
PHE CB   C  N N 249 
PHE CG   C  Y N 250 
PHE CD1  C  Y N 251 
PHE CD2  C  Y N 252 
PHE CE1  C  Y N 253 
PHE CE2  C  Y N 254 
PHE CZ   C  Y N 255 
PHE OXT  O  N N 256 
PHE H    H  N N 257 
PHE H2   H  N N 258 
PHE HA   H  N N 259 
PHE HB2  H  N N 260 
PHE HB3  H  N N 261 
PHE HD1  H  N N 262 
PHE HD2  H  N N 263 
PHE HE1  H  N N 264 
PHE HE2  H  N N 265 
PHE HZ   H  N N 266 
PHE HXT  H  N N 267 
PRO N    N  N N 268 
PRO CA   C  N S 269 
PRO C    C  N N 270 
PRO O    O  N N 271 
PRO CB   C  N N 272 
PRO CG   C  N N 273 
PRO CD   C  N N 274 
PRO OXT  O  N N 275 
PRO H    H  N N 276 
PRO HA   H  N N 277 
PRO HB2  H  N N 278 
PRO HB3  H  N N 279 
PRO HG2  H  N N 280 
PRO HG3  H  N N 281 
PRO HD2  H  N N 282 
PRO HD3  H  N N 283 
PRO HXT  H  N N 284 
SER N    N  N N 285 
SER CA   C  N S 286 
SER C    C  N N 287 
SER O    O  N N 288 
SER CB   C  N N 289 
SER OG   O  N N 290 
SER OXT  O  N N 291 
SER H    H  N N 292 
SER H2   H  N N 293 
SER HA   H  N N 294 
SER HB2  H  N N 295 
SER HB3  H  N N 296 
SER HG   H  N N 297 
SER HXT  H  N N 298 
THR N    N  N N 299 
THR CA   C  N S 300 
THR C    C  N N 301 
THR O    O  N N 302 
THR CB   C  N R 303 
THR OG1  O  N N 304 
THR CG2  C  N N 305 
THR OXT  O  N N 306 
THR H    H  N N 307 
THR H2   H  N N 308 
THR HA   H  N N 309 
THR HB   H  N N 310 
THR HG1  H  N N 311 
THR HG21 H  N N 312 
THR HG22 H  N N 313 
THR HG23 H  N N 314 
THR HXT  H  N N 315 
TYR N    N  N N 316 
TYR CA   C  N S 317 
TYR C    C  N N 318 
TYR O    O  N N 319 
TYR CB   C  N N 320 
TYR CG   C  Y N 321 
TYR CD1  C  Y N 322 
TYR CD2  C  Y N 323 
TYR CE1  C  Y N 324 
TYR CE2  C  Y N 325 
TYR CZ   C  Y N 326 
TYR OH   O  N N 327 
TYR OXT  O  N N 328 
TYR H    H  N N 329 
TYR H2   H  N N 330 
TYR HA   H  N N 331 
TYR HB2  H  N N 332 
TYR HB3  H  N N 333 
TYR HD1  H  N N 334 
TYR HD2  H  N N 335 
TYR HE1  H  N N 336 
TYR HE2  H  N N 337 
TYR HH   H  N N 338 
TYR HXT  H  N N 339 
VAL N    N  N N 340 
VAL CA   C  N S 341 
VAL C    C  N N 342 
VAL O    O  N N 343 
VAL CB   C  N N 344 
VAL CG1  C  N N 345 
VAL CG2  C  N N 346 
VAL OXT  O  N N 347 
VAL H    H  N N 348 
VAL H2   H  N N 349 
VAL HA   H  N N 350 
VAL HB   H  N N 351 
VAL HG11 H  N N 352 
VAL HG12 H  N N 353 
VAL HG13 H  N N 354 
VAL HG21 H  N N 355 
VAL HG22 H  N N 356 
VAL HG23 H  N N 357 
VAL HXT  H  N N 358 
# 
loop_
_chem_comp_bond.comp_id 
_chem_comp_bond.atom_id_1 
_chem_comp_bond.atom_id_2 
_chem_comp_bond.value_order 
_chem_comp_bond.pdbx_aromatic_flag 
_chem_comp_bond.pdbx_stereo_config 
_chem_comp_bond.pdbx_ordinal 
ALA N   CA   sing N N 1   
ALA N   H    sing N N 2   
ALA N   H2   sing N N 3   
ALA CA  C    sing N N 4   
ALA CA  CB   sing N N 5   
ALA CA  HA   sing N N 6   
ALA C   O    doub N N 7   
ALA C   OXT  sing N N 8   
ALA CB  HB1  sing N N 9   
ALA CB  HB2  sing N N 10  
ALA CB  HB3  sing N N 11  
ALA OXT HXT  sing N N 12  
ARG N   CA   sing N N 13  
ARG N   H    sing N N 14  
ARG N   H2   sing N N 15  
ARG CA  C    sing N N 16  
ARG CA  CB   sing N N 17  
ARG CA  HA   sing N N 18  
ARG C   O    doub N N 19  
ARG C   OXT  sing N N 20  
ARG CB  CG   sing N N 21  
ARG CB  HB2  sing N N 22  
ARG CB  HB3  sing N N 23  
ARG CG  CD   sing N N 24  
ARG CG  HG2  sing N N 25  
ARG CG  HG3  sing N N 26  
ARG CD  NE   sing N N 27  
ARG CD  HD2  sing N N 28  
ARG CD  HD3  sing N N 29  
ARG NE  CZ   sing N N 30  
ARG NE  HE   sing N N 31  
ARG CZ  NH1  sing N N 32  
ARG CZ  NH2  doub N N 33  
ARG NH1 HH11 sing N N 34  
ARG NH1 HH12 sing N N 35  
ARG NH2 HH21 sing N N 36  
ARG NH2 HH22 sing N N 37  
ARG OXT HXT  sing N N 38  
ASN N   CA   sing N N 39  
ASN N   H    sing N N 40  
ASN N   H2   sing N N 41  
ASN CA  C    sing N N 42  
ASN CA  CB   sing N N 43  
ASN CA  HA   sing N N 44  
ASN C   O    doub N N 45  
ASN C   OXT  sing N N 46  
ASN CB  CG   sing N N 47  
ASN CB  HB2  sing N N 48  
ASN CB  HB3  sing N N 49  
ASN CG  OD1  doub N N 50  
ASN CG  ND2  sing N N 51  
ASN ND2 HD21 sing N N 52  
ASN ND2 HD22 sing N N 53  
ASN OXT HXT  sing N N 54  
ASP N   CA   sing N N 55  
ASP N   H    sing N N 56  
ASP N   H2   sing N N 57  
ASP CA  C    sing N N 58  
ASP CA  CB   sing N N 59  
ASP CA  HA   sing N N 60  
ASP C   O    doub N N 61  
ASP C   OXT  sing N N 62  
ASP CB  CG   sing N N 63  
ASP CB  HB2  sing N N 64  
ASP CB  HB3  sing N N 65  
ASP CG  OD1  doub N N 66  
ASP CG  OD2  sing N N 67  
ASP OD2 HD2  sing N N 68  
ASP OXT HXT  sing N N 69  
CYS N   CA   sing N N 70  
CYS N   H    sing N N 71  
CYS N   H2   sing N N 72  
CYS CA  C    sing N N 73  
CYS CA  CB   sing N N 74  
CYS CA  HA   sing N N 75  
CYS C   O    doub N N 76  
CYS C   OXT  sing N N 77  
CYS CB  SG   sing N N 78  
CYS CB  HB2  sing N N 79  
CYS CB  HB3  sing N N 80  
CYS SG  HG   sing N N 81  
CYS OXT HXT  sing N N 82  
EDO C1  O1   sing N N 83  
EDO C1  C2   sing N N 84  
EDO C1  H11  sing N N 85  
EDO C1  H12  sing N N 86  
EDO O1  HO1  sing N N 87  
EDO C2  O2   sing N N 88  
EDO C2  H21  sing N N 89  
EDO C2  H22  sing N N 90  
EDO O2  HO2  sing N N 91  
GLN N   CA   sing N N 92  
GLN N   H    sing N N 93  
GLN N   H2   sing N N 94  
GLN CA  C    sing N N 95  
GLN CA  CB   sing N N 96  
GLN CA  HA   sing N N 97  
GLN C   O    doub N N 98  
GLN C   OXT  sing N N 99  
GLN CB  CG   sing N N 100 
GLN CB  HB2  sing N N 101 
GLN CB  HB3  sing N N 102 
GLN CG  CD   sing N N 103 
GLN CG  HG2  sing N N 104 
GLN CG  HG3  sing N N 105 
GLN CD  OE1  doub N N 106 
GLN CD  NE2  sing N N 107 
GLN NE2 HE21 sing N N 108 
GLN NE2 HE22 sing N N 109 
GLN OXT HXT  sing N N 110 
GLU N   CA   sing N N 111 
GLU N   H    sing N N 112 
GLU N   H2   sing N N 113 
GLU CA  C    sing N N 114 
GLU CA  CB   sing N N 115 
GLU CA  HA   sing N N 116 
GLU C   O    doub N N 117 
GLU C   OXT  sing N N 118 
GLU CB  CG   sing N N 119 
GLU CB  HB2  sing N N 120 
GLU CB  HB3  sing N N 121 
GLU CG  CD   sing N N 122 
GLU CG  HG2  sing N N 123 
GLU CG  HG3  sing N N 124 
GLU CD  OE1  doub N N 125 
GLU CD  OE2  sing N N 126 
GLU OE2 HE2  sing N N 127 
GLU OXT HXT  sing N N 128 
GLY N   CA   sing N N 129 
GLY N   H    sing N N 130 
GLY N   H2   sing N N 131 
GLY CA  C    sing N N 132 
GLY CA  HA2  sing N N 133 
GLY CA  HA3  sing N N 134 
GLY C   O    doub N N 135 
GLY C   OXT  sing N N 136 
GLY OXT HXT  sing N N 137 
HOH O   H1   sing N N 138 
HOH O   H2   sing N N 139 
ILE N   CA   sing N N 140 
ILE N   H    sing N N 141 
ILE N   H2   sing N N 142 
ILE CA  C    sing N N 143 
ILE CA  CB   sing N N 144 
ILE CA  HA   sing N N 145 
ILE C   O    doub N N 146 
ILE C   OXT  sing N N 147 
ILE CB  CG1  sing N N 148 
ILE CB  CG2  sing N N 149 
ILE CB  HB   sing N N 150 
ILE CG1 CD1  sing N N 151 
ILE CG1 HG12 sing N N 152 
ILE CG1 HG13 sing N N 153 
ILE CG2 HG21 sing N N 154 
ILE CG2 HG22 sing N N 155 
ILE CG2 HG23 sing N N 156 
ILE CD1 HD11 sing N N 157 
ILE CD1 HD12 sing N N 158 
ILE CD1 HD13 sing N N 159 
ILE OXT HXT  sing N N 160 
LEU N   CA   sing N N 161 
LEU N   H    sing N N 162 
LEU N   H2   sing N N 163 
LEU CA  C    sing N N 164 
LEU CA  CB   sing N N 165 
LEU CA  HA   sing N N 166 
LEU C   O    doub N N 167 
LEU C   OXT  sing N N 168 
LEU CB  CG   sing N N 169 
LEU CB  HB2  sing N N 170 
LEU CB  HB3  sing N N 171 
LEU CG  CD1  sing N N 172 
LEU CG  CD2  sing N N 173 
LEU CG  HG   sing N N 174 
LEU CD1 HD11 sing N N 175 
LEU CD1 HD12 sing N N 176 
LEU CD1 HD13 sing N N 177 
LEU CD2 HD21 sing N N 178 
LEU CD2 HD22 sing N N 179 
LEU CD2 HD23 sing N N 180 
LEU OXT HXT  sing N N 181 
LYS N   CA   sing N N 182 
LYS N   H    sing N N 183 
LYS N   H2   sing N N 184 
LYS CA  C    sing N N 185 
LYS CA  CB   sing N N 186 
LYS CA  HA   sing N N 187 
LYS C   O    doub N N 188 
LYS C   OXT  sing N N 189 
LYS CB  CG   sing N N 190 
LYS CB  HB2  sing N N 191 
LYS CB  HB3  sing N N 192 
LYS CG  CD   sing N N 193 
LYS CG  HG2  sing N N 194 
LYS CG  HG3  sing N N 195 
LYS CD  CE   sing N N 196 
LYS CD  HD2  sing N N 197 
LYS CD  HD3  sing N N 198 
LYS CE  NZ   sing N N 199 
LYS CE  HE2  sing N N 200 
LYS CE  HE3  sing N N 201 
LYS NZ  HZ1  sing N N 202 
LYS NZ  HZ2  sing N N 203 
LYS NZ  HZ3  sing N N 204 
LYS OXT HXT  sing N N 205 
MET N   CA   sing N N 206 
MET N   H    sing N N 207 
MET N   H2   sing N N 208 
MET CA  C    sing N N 209 
MET CA  CB   sing N N 210 
MET CA  HA   sing N N 211 
MET C   O    doub N N 212 
MET C   OXT  sing N N 213 
MET CB  CG   sing N N 214 
MET CB  HB2  sing N N 215 
MET CB  HB3  sing N N 216 
MET CG  SD   sing N N 217 
MET CG  HG2  sing N N 218 
MET CG  HG3  sing N N 219 
MET SD  CE   sing N N 220 
MET CE  HE1  sing N N 221 
MET CE  HE2  sing N N 222 
MET CE  HE3  sing N N 223 
MET OXT HXT  sing N N 224 
NO3 N   O1   doub N N 225 
NO3 N   O2   sing N N 226 
NO3 N   O3   sing N N 227 
PHE N   CA   sing N N 228 
PHE N   H    sing N N 229 
PHE N   H2   sing N N 230 
PHE CA  C    sing N N 231 
PHE CA  CB   sing N N 232 
PHE CA  HA   sing N N 233 
PHE C   O    doub N N 234 
PHE C   OXT  sing N N 235 
PHE CB  CG   sing N N 236 
PHE CB  HB2  sing N N 237 
PHE CB  HB3  sing N N 238 
PHE CG  CD1  doub Y N 239 
PHE CG  CD2  sing Y N 240 
PHE CD1 CE1  sing Y N 241 
PHE CD1 HD1  sing N N 242 
PHE CD2 CE2  doub Y N 243 
PHE CD2 HD2  sing N N 244 
PHE CE1 CZ   doub Y N 245 
PHE CE1 HE1  sing N N 246 
PHE CE2 CZ   sing Y N 247 
PHE CE2 HE2  sing N N 248 
PHE CZ  HZ   sing N N 249 
PHE OXT HXT  sing N N 250 
PRO N   CA   sing N N 251 
PRO N   CD   sing N N 252 
PRO N   H    sing N N 253 
PRO CA  C    sing N N 254 
PRO CA  CB   sing N N 255 
PRO CA  HA   sing N N 256 
PRO C   O    doub N N 257 
PRO C   OXT  sing N N 258 
PRO CB  CG   sing N N 259 
PRO CB  HB2  sing N N 260 
PRO CB  HB3  sing N N 261 
PRO CG  CD   sing N N 262 
PRO CG  HG2  sing N N 263 
PRO CG  HG3  sing N N 264 
PRO CD  HD2  sing N N 265 
PRO CD  HD3  sing N N 266 
PRO OXT HXT  sing N N 267 
SER N   CA   sing N N 268 
SER N   H    sing N N 269 
SER N   H2   sing N N 270 
SER CA  C    sing N N 271 
SER CA  CB   sing N N 272 
SER CA  HA   sing N N 273 
SER C   O    doub N N 274 
SER C   OXT  sing N N 275 
SER CB  OG   sing N N 276 
SER CB  HB2  sing N N 277 
SER CB  HB3  sing N N 278 
SER OG  HG   sing N N 279 
SER OXT HXT  sing N N 280 
THR N   CA   sing N N 281 
THR N   H    sing N N 282 
THR N   H2   sing N N 283 
THR CA  C    sing N N 284 
THR CA  CB   sing N N 285 
THR CA  HA   sing N N 286 
THR C   O    doub N N 287 
THR C   OXT  sing N N 288 
THR CB  OG1  sing N N 289 
THR CB  CG2  sing N N 290 
THR CB  HB   sing N N 291 
THR OG1 HG1  sing N N 292 
THR CG2 HG21 sing N N 293 
THR CG2 HG22 sing N N 294 
THR CG2 HG23 sing N N 295 
THR OXT HXT  sing N N 296 
TYR N   CA   sing N N 297 
TYR N   H    sing N N 298 
TYR N   H2   sing N N 299 
TYR CA  C    sing N N 300 
TYR CA  CB   sing N N 301 
TYR CA  HA   sing N N 302 
TYR C   O    doub N N 303 
TYR C   OXT  sing N N 304 
TYR CB  CG   sing N N 305 
TYR CB  HB2  sing N N 306 
TYR CB  HB3  sing N N 307 
TYR CG  CD1  doub Y N 308 
TYR CG  CD2  sing Y N 309 
TYR CD1 CE1  sing Y N 310 
TYR CD1 HD1  sing N N 311 
TYR CD2 CE2  doub Y N 312 
TYR CD2 HD2  sing N N 313 
TYR CE1 CZ   doub Y N 314 
TYR CE1 HE1  sing N N 315 
TYR CE2 CZ   sing Y N 316 
TYR CE2 HE2  sing N N 317 
TYR CZ  OH   sing N N 318 
TYR OH  HH   sing N N 319 
TYR OXT HXT  sing N N 320 
VAL N   CA   sing N N 321 
VAL N   H    sing N N 322 
VAL N   H2   sing N N 323 
VAL CA  C    sing N N 324 
VAL CA  CB   sing N N 325 
VAL CA  HA   sing N N 326 
VAL C   O    doub N N 327 
VAL C   OXT  sing N N 328 
VAL CB  CG1  sing N N 329 
VAL CB  CG2  sing N N 330 
VAL CB  HB   sing N N 331 
VAL CG1 HG11 sing N N 332 
VAL CG1 HG12 sing N N 333 
VAL CG1 HG13 sing N N 334 
VAL CG2 HG21 sing N N 335 
VAL CG2 HG22 sing N N 336 
VAL CG2 HG23 sing N N 337 
VAL OXT HXT  sing N N 338 
# 
loop_
_pdbx_entity_nonpoly.entity_id 
_pdbx_entity_nonpoly.name 
_pdbx_entity_nonpoly.comp_id 
3 'NITRATE ION'  NO3 
4 1,2-ETHANEDIOL EDO 
5 'CALCIUM ION'  CA  
6 'CHLORIDE ION' CL  
7 water          HOH 
# 
_pdbx_initial_refinement_model.id               1 
_pdbx_initial_refinement_model.entity_id_list   ? 
_pdbx_initial_refinement_model.type             'experimental model' 
_pdbx_initial_refinement_model.source_name      PDB 
_pdbx_initial_refinement_model.accession_code   1ANU 
_pdbx_initial_refinement_model.details          'PDB ENTRY 1ANU' 
# 
